data_2DLQ
#
_entry.id   2DLQ
#
loop_
_entity.id
_entity.type
_entity.pdbx_description
1 polymer 'GLI-Kruppel family member HKR3'
2 non-polymer 'ZINC ION'
#
_entity_poly.entity_id   1
_entity_poly.type   'polypeptide(L)'
_entity_poly.pdbx_seq_one_letter_code
;GSSGSSGVECPTCHKKFLSKYYLKVHNRKHTGEKPFECPKCGKCYFRKENLLEHEARNCMNRSEQVFTCSVCQETFRRRM
ELRLHMVSHTGEMPYKCSSCSQQFMQKKDLQSHMIKLHSGPSSG
;
_entity_poly.pdbx_strand_id   A
#
loop_
_chem_comp.id
_chem_comp.type
_chem_comp.name
_chem_comp.formula
ZN non-polymer 'ZINC ION' 'Zn 2'
#
# COMPACT_ATOMS: atom_id res chain seq x y z
N GLY A 1 3.53 -26.50 -14.57
CA GLY A 1 2.29 -26.21 -13.88
C GLY A 1 1.77 -24.83 -14.17
N SER A 2 1.85 -23.94 -13.19
CA SER A 2 1.37 -22.57 -13.34
C SER A 2 1.94 -21.95 -14.62
N SER A 3 1.06 -21.30 -15.39
CA SER A 3 1.46 -20.66 -16.63
C SER A 3 0.96 -19.22 -16.69
N GLY A 4 1.55 -18.43 -17.59
CA GLY A 4 1.15 -17.05 -17.73
C GLY A 4 0.77 -16.69 -19.16
N SER A 5 1.07 -15.46 -19.56
CA SER A 5 0.75 -14.99 -20.91
C SER A 5 1.62 -13.80 -21.28
N SER A 6 1.54 -13.39 -22.55
CA SER A 6 2.32 -12.26 -23.04
C SER A 6 2.35 -11.13 -22.01
N GLY A 7 3.55 -10.67 -21.68
CA GLY A 7 3.69 -9.60 -20.71
C GLY A 7 5.12 -9.43 -20.23
N VAL A 8 5.34 -8.45 -19.35
CA VAL A 8 6.67 -8.20 -18.82
C VAL A 8 7.08 -9.26 -17.82
N GLU A 9 8.25 -9.08 -17.20
CA GLU A 9 8.76 -10.03 -16.22
C GLU A 9 9.69 -9.34 -15.24
N CYS A 10 9.59 -9.73 -13.96
CA CYS A 10 10.42 -9.15 -12.91
C CYS A 10 11.79 -9.80 -12.89
N PRO A 11 12.83 -9.00 -13.16
CA PRO A 11 14.22 -9.48 -13.17
C PRO A 11 14.72 -9.85 -11.78
N THR A 12 13.81 -9.87 -10.82
CA THR A 12 14.16 -10.20 -9.43
C THR A 12 13.53 -11.51 -9.00
N CYS A 13 12.20 -11.56 -9.05
CA CYS A 13 11.47 -12.76 -8.66
C CYS A 13 11.02 -13.55 -9.88
N HIS A 14 11.13 -12.92 -11.05
CA HIS A 14 10.74 -13.57 -12.31
C HIS A 14 9.23 -13.75 -12.38
N LYS A 15 8.49 -12.72 -12.00
CA LYS A 15 7.03 -12.77 -12.03
C LYS A 15 6.48 -11.90 -13.14
N LYS A 16 5.93 -12.55 -14.17
CA LYS A 16 5.36 -11.85 -15.31
C LYS A 16 4.02 -11.20 -14.94
N PHE A 17 3.69 -10.12 -15.62
CA PHE A 17 2.45 -9.39 -15.36
C PHE A 17 1.72 -9.08 -16.67
N LEU A 18 0.56 -8.45 -16.55
CA LEU A 18 -0.24 -8.08 -17.72
C LEU A 18 0.30 -6.81 -18.36
N SER A 19 0.75 -5.88 -17.53
CA SER A 19 1.28 -4.61 -18.02
C SER A 19 2.45 -4.14 -17.15
N LYS A 20 3.43 -3.51 -17.78
CA LYS A 20 4.61 -3.02 -17.06
C LYS A 20 4.20 -2.24 -15.83
N TYR A 21 3.22 -1.35 -15.98
CA TYR A 21 2.74 -0.53 -14.87
C TYR A 21 2.75 -1.33 -13.57
N TYR A 22 2.00 -2.43 -13.55
CA TYR A 22 1.92 -3.27 -12.37
C TYR A 22 3.29 -3.80 -11.98
N LEU A 23 4.03 -4.28 -12.96
CA LEU A 23 5.37 -4.81 -12.72
C LEU A 23 6.22 -3.81 -11.95
N LYS A 24 6.26 -2.58 -12.44
CA LYS A 24 7.03 -1.52 -11.80
C LYS A 24 6.62 -1.36 -10.33
N VAL A 25 5.38 -0.94 -10.13
CA VAL A 25 4.87 -0.75 -8.77
C VAL A 25 5.16 -1.96 -7.89
N HIS A 26 5.18 -3.14 -8.51
CA HIS A 26 5.44 -4.37 -7.79
C HIS A 26 6.90 -4.44 -7.33
N ASN A 27 7.80 -4.07 -8.22
CA ASN A 27 9.23 -4.08 -7.90
C ASN A 27 9.55 -3.11 -6.77
N ARG A 28 8.70 -2.11 -6.60
CA ARG A 28 8.88 -1.12 -5.55
C ARG A 28 9.45 -1.75 -4.29
N LYS A 29 8.93 -2.92 -3.93
CA LYS A 29 9.40 -3.63 -2.75
C LYS A 29 10.85 -4.08 -2.92
N HIS A 30 11.09 -4.92 -3.91
CA HIS A 30 12.44 -5.43 -4.18
C HIS A 30 13.49 -4.36 -3.85
N THR A 31 13.40 -3.22 -4.52
CA THR A 31 14.34 -2.13 -4.30
C THR A 31 14.21 -1.56 -2.89
N GLY A 32 15.34 -1.19 -2.31
CA GLY A 32 15.33 -0.63 -0.96
C GLY A 32 15.81 -1.63 0.07
N GLU A 33 17.05 -1.48 0.50
CA GLU A 33 17.63 -2.38 1.50
C GLU A 33 16.65 -2.62 2.65
N LYS A 34 16.66 -3.83 3.19
CA LYS A 34 15.77 -4.18 4.29
C LYS A 34 16.52 -4.97 5.36
N PRO A 35 16.09 -4.82 6.62
CA PRO A 35 16.71 -5.50 7.76
C PRO A 35 16.43 -6.99 7.75
N PHE A 36 15.16 -7.36 7.62
CA PHE A 36 14.77 -8.77 7.60
C PHE A 36 13.75 -9.02 6.50
N GLU A 37 13.51 -10.30 6.20
CA GLU A 37 12.56 -10.69 5.17
C GLU A 37 12.19 -12.16 5.29
N CYS A 38 10.91 -12.45 5.27
CA CYS A 38 10.43 -13.82 5.38
C CYS A 38 11.22 -14.75 4.47
N PRO A 39 12.01 -15.64 5.08
CA PRO A 39 12.84 -16.60 4.35
C PRO A 39 12.01 -17.67 3.64
N LYS A 40 10.69 -17.61 3.82
CA LYS A 40 9.78 -18.56 3.20
C LYS A 40 9.21 -18.01 1.90
N CYS A 41 8.78 -16.75 1.95
CA CYS A 41 8.21 -16.11 0.77
C CYS A 41 9.12 -14.98 0.27
N GLY A 42 9.59 -14.16 1.20
CA GLY A 42 10.48 -13.06 0.84
C GLY A 42 9.84 -11.70 1.10
N LYS A 43 9.08 -11.60 2.18
CA LYS A 43 8.41 -10.35 2.53
C LYS A 43 9.25 -9.55 3.53
N CYS A 44 9.78 -8.42 3.08
CA CYS A 44 10.59 -7.57 3.94
C CYS A 44 9.75 -6.98 5.08
N TYR A 45 10.28 -7.03 6.28
CA TYR A 45 9.58 -6.51 7.46
C TYR A 45 10.53 -5.68 8.33
N PHE A 46 10.44 -4.36 8.20
CA PHE A 46 11.28 -3.47 8.99
C PHE A 46 11.49 -4.01 10.39
N ARG A 47 10.40 -4.30 11.08
CA ARG A 47 10.45 -4.83 12.44
C ARG A 47 10.45 -6.35 12.43
N LYS A 48 11.35 -6.95 13.21
CA LYS A 48 11.45 -8.39 13.30
C LYS A 48 10.13 -9.00 13.78
N GLU A 49 9.61 -8.49 14.89
CA GLU A 49 8.36 -8.98 15.44
C GLU A 49 7.33 -9.20 14.35
N ASN A 50 7.13 -8.19 13.51
CA ASN A 50 6.17 -8.28 12.42
C ASN A 50 6.48 -9.47 11.52
N LEU A 51 7.75 -9.64 11.17
CA LEU A 51 8.18 -10.73 10.32
C LEU A 51 7.72 -12.07 10.89
N LEU A 52 8.08 -12.33 12.15
CA LEU A 52 7.72 -13.57 12.81
C LEU A 52 6.22 -13.83 12.70
N GLU A 53 5.42 -12.87 13.15
CA GLU A 53 3.97 -12.98 13.09
C GLU A 53 3.51 -13.44 11.71
N HIS A 54 3.71 -12.58 10.71
CA HIS A 54 3.32 -12.90 9.35
C HIS A 54 3.51 -14.38 9.06
N GLU A 55 4.75 -14.84 9.15
CA GLU A 55 5.07 -16.24 8.88
C GLU A 55 3.93 -17.14 9.35
N ALA A 56 3.40 -16.87 10.54
CA ALA A 56 2.31 -17.66 11.09
C ALA A 56 0.96 -17.16 10.59
N ARG A 57 0.77 -15.85 10.65
CA ARG A 57 -0.49 -15.24 10.20
C ARG A 57 -0.81 -15.67 8.77
N ASN A 58 0.08 -15.34 7.84
CA ASN A 58 -0.12 -15.69 6.43
C ASN A 58 1.19 -15.60 5.66
N CYS A 59 1.34 -16.44 4.65
CA CYS A 59 2.54 -16.46 3.82
C CYS A 59 2.20 -16.78 2.37
N MET A 60 3.21 -16.70 1.51
CA MET A 60 3.02 -16.99 0.09
C MET A 60 1.99 -18.09 -0.11
N ASN A 61 1.02 -17.83 -0.98
CA ASN A 61 -0.04 -18.79 -1.26
C ASN A 61 -0.90 -18.33 -2.43
N ARG A 62 -0.90 -19.10 -3.51
CA ARG A 62 -1.68 -18.77 -4.70
C ARG A 62 -3.00 -18.10 -4.31
N SER A 63 -3.06 -16.79 -4.46
CA SER A 63 -4.26 -16.03 -4.12
C SER A 63 -4.24 -14.65 -4.77
N GLU A 64 -5.42 -14.05 -4.93
CA GLU A 64 -5.53 -12.74 -5.53
C GLU A 64 -4.64 -11.73 -4.82
N GLN A 65 -4.08 -10.79 -5.58
CA GLN A 65 -3.18 -9.78 -5.02
C GLN A 65 -3.87 -9.05 -3.87
N VAL A 66 -3.41 -9.32 -2.65
CA VAL A 66 -3.96 -8.69 -1.46
C VAL A 66 -2.93 -7.83 -0.76
N PHE A 67 -3.37 -7.09 0.26
CA PHE A 67 -2.47 -6.23 1.02
C PHE A 67 -2.46 -6.62 2.49
N THR A 68 -1.33 -6.37 3.16
CA THR A 68 -1.17 -6.70 4.57
C THR A 68 -0.93 -5.45 5.40
N CYS A 69 -1.68 -5.30 6.48
CA CYS A 69 -1.56 -4.15 7.36
C CYS A 69 -0.12 -4.04 7.89
N SER A 70 0.13 -2.99 8.67
CA SER A 70 1.45 -2.77 9.24
C SER A 70 1.39 -2.77 10.76
N VAL A 71 0.19 -2.97 11.30
CA VAL A 71 -0.01 -3.00 12.75
C VAL A 71 -0.59 -4.33 13.20
N CYS A 72 -1.63 -4.78 12.50
CA CYS A 72 -2.27 -6.04 12.84
C CYS A 72 -2.07 -7.07 11.73
N GLN A 73 -1.41 -6.65 10.65
CA GLN A 73 -1.13 -7.53 9.52
C GLN A 73 -2.44 -8.06 8.93
N GLU A 74 -3.45 -7.21 8.87
CA GLU A 74 -4.74 -7.58 8.32
C GLU A 74 -4.62 -7.97 6.85
N THR A 75 -5.77 -8.22 6.21
CA THR A 75 -5.79 -8.59 4.81
C THR A 75 -6.80 -7.76 4.03
N PHE A 76 -6.34 -7.16 2.93
CA PHE A 76 -7.21 -6.33 2.09
C PHE A 76 -6.96 -6.61 0.61
N ARG A 77 -7.99 -7.11 -0.06
CA ARG A 77 -7.88 -7.43 -1.49
C ARG A 77 -7.64 -6.17 -2.31
N ARG A 78 -7.83 -5.01 -1.67
CA ARG A 78 -7.64 -3.73 -2.34
C ARG A 78 -6.63 -2.87 -1.59
N ARG A 79 -6.07 -1.88 -2.28
CA ARG A 79 -5.09 -0.99 -1.68
C ARG A 79 -5.77 0.10 -0.86
N MET A 80 -6.74 0.78 -1.47
CA MET A 80 -7.47 1.85 -0.80
C MET A 80 -8.01 1.36 0.54
N GLU A 81 -8.63 0.19 0.54
CA GLU A 81 -9.19 -0.38 1.77
C GLU A 81 -8.21 -0.24 2.92
N LEU A 82 -7.01 -0.76 2.74
CA LEU A 82 -5.97 -0.69 3.77
C LEU A 82 -5.82 0.73 4.30
N ARG A 83 -5.80 1.69 3.40
CA ARG A 83 -5.66 3.10 3.77
C ARG A 83 -6.79 3.53 4.70
N LEU A 84 -8.01 3.10 4.38
CA LEU A 84 -9.17 3.44 5.19
C LEU A 84 -9.19 2.63 6.48
N HIS A 85 -8.36 1.60 6.54
CA HIS A 85 -8.28 0.74 7.72
C HIS A 85 -7.23 1.26 8.69
N MET A 86 -6.09 1.67 8.15
CA MET A 86 -4.99 2.19 8.97
C MET A 86 -5.50 3.26 9.93
N VAL A 87 -6.45 4.06 9.47
CA VAL A 87 -7.02 5.13 10.29
C VAL A 87 -7.44 4.60 11.65
N SER A 88 -7.97 3.37 11.68
CA SER A 88 -8.41 2.76 12.91
C SER A 88 -7.27 2.64 13.92
N HIS A 89 -6.05 2.47 13.39
CA HIS A 89 -4.87 2.34 14.23
C HIS A 89 -4.41 3.69 14.75
N THR A 90 -4.55 4.72 13.90
CA THR A 90 -4.15 6.07 14.27
C THR A 90 -5.37 6.96 14.51
N GLY A 91 -6.47 6.33 14.94
CA GLY A 91 -7.68 7.09 15.20
C GLY A 91 -8.40 7.49 13.94
N GLU A 92 -7.79 8.41 13.18
CA GLU A 92 -8.38 8.87 11.93
C GLU A 92 -7.30 9.31 10.94
N MET A 93 -7.70 9.55 9.70
CA MET A 93 -6.77 9.97 8.66
C MET A 93 -5.91 11.14 9.14
N PRO A 94 -4.71 11.27 8.56
CA PRO A 94 -3.78 12.35 8.91
C PRO A 94 -4.27 13.72 8.44
N TYR A 95 -4.99 13.73 7.33
CA TYR A 95 -5.51 14.97 6.77
C TYR A 95 -7.04 14.95 6.74
N LYS A 96 -7.64 16.13 6.89
CA LYS A 96 -9.09 16.25 6.88
C LYS A 96 -9.52 17.60 6.28
N CYS A 97 -10.74 17.63 5.76
CA CYS A 97 -11.27 18.85 5.15
C CYS A 97 -11.92 19.75 6.20
N SER A 98 -12.51 20.85 5.76
CA SER A 98 -13.17 21.78 6.66
C SER A 98 -14.62 22.01 6.25
N SER A 99 -14.83 22.17 4.95
CA SER A 99 -16.18 22.40 4.42
C SER A 99 -17.03 21.14 4.53
N CYS A 100 -16.48 20.02 4.10
CA CYS A 100 -17.18 18.75 4.15
C CYS A 100 -16.65 17.88 5.30
N SER A 101 -15.43 18.16 5.73
CA SER A 101 -14.81 17.41 6.81
C SER A 101 -14.36 16.03 6.33
N GLN A 102 -13.99 15.96 5.05
CA GLN A 102 -13.54 14.71 4.45
C GLN A 102 -12.25 14.23 5.11
N GLN A 103 -11.68 13.14 4.58
CA GLN A 103 -10.44 12.59 5.13
C GLN A 103 -9.50 12.17 4.01
N PHE A 104 -8.20 12.36 4.22
CA PHE A 104 -7.20 12.00 3.23
C PHE A 104 -5.91 11.54 3.90
N MET A 105 -5.06 10.86 3.13
CA MET A 105 -3.80 10.35 3.65
C MET A 105 -2.64 11.30 3.29
N GLN A 106 -2.82 12.04 2.20
CA GLN A 106 -1.79 12.96 1.73
C GLN A 106 -2.30 14.40 1.77
N LYS A 107 -1.39 15.35 1.92
CA LYS A 107 -1.75 16.76 1.97
C LYS A 107 -2.26 17.24 0.61
N LYS A 108 -1.50 16.94 -0.44
CA LYS A 108 -1.87 17.34 -1.79
C LYS A 108 -3.24 16.79 -2.16
N ASP A 109 -3.52 15.57 -1.73
CA ASP A 109 -4.80 14.93 -2.02
C ASP A 109 -5.96 15.77 -1.49
N LEU A 110 -5.75 16.41 -0.35
CA LEU A 110 -6.77 17.26 0.26
C LEU A 110 -6.87 18.60 -0.47
N GLN A 111 -5.74 19.28 -0.60
CA GLN A 111 -5.70 20.58 -1.27
C GLN A 111 -6.42 20.51 -2.62
N SER A 112 -6.06 19.52 -3.42
CA SER A 112 -6.67 19.35 -4.74
C SER A 112 -8.17 19.10 -4.61
N HIS A 113 -8.55 18.29 -3.63
CA HIS A 113 -9.96 17.97 -3.40
C HIS A 113 -10.76 19.23 -3.12
N MET A 114 -10.13 20.18 -2.43
CA MET A 114 -10.80 21.44 -2.09
C MET A 114 -10.68 22.44 -3.23
N ILE A 115 -9.77 22.16 -4.16
CA ILE A 115 -9.56 23.04 -5.31
C ILE A 115 -10.40 22.60 -6.50
N LYS A 116 -10.94 21.38 -6.42
CA LYS A 116 -11.77 20.84 -7.49
C LYS A 116 -13.21 20.67 -7.03
N LEU A 117 -13.39 19.89 -5.96
CA LEU A 117 -14.73 19.64 -5.43
C LEU A 117 -15.32 20.91 -4.84
N HIS A 118 -14.52 21.63 -4.05
CA HIS A 118 -14.97 22.87 -3.43
C HIS A 118 -14.67 24.07 -4.33
N SER A 119 -13.63 23.94 -5.15
CA SER A 119 -13.23 25.01 -6.05
C SER A 119 -13.22 24.52 -7.50
N GLY A 120 -14.24 23.78 -7.88
CA GLY A 120 -14.33 23.26 -9.23
C GLY A 120 -14.82 24.30 -10.22
N PRO A 121 -14.77 23.96 -11.51
CA PRO A 121 -15.21 24.85 -12.59
C PRO A 121 -16.73 25.05 -12.59
N SER A 122 -17.41 24.35 -11.69
CA SER A 122 -18.86 24.45 -11.60
C SER A 122 -19.28 25.22 -10.35
N SER A 123 -20.51 25.71 -10.34
CA SER A 123 -21.03 26.47 -9.22
C SER A 123 -21.99 25.62 -8.38
N GLY A 124 -21.62 24.36 -8.17
CA GLY A 124 -22.46 23.47 -7.39
C GLY A 124 -21.76 22.93 -6.16
ZN ZN B . 9.40 -9.15 -8.35
ZN ZN C . 6.13 -15.31 4.34
ZN ZN D . -4.60 -3.07 10.96
ZN ZN E . -14.00 18.84 1.26
N GLY A 1 -7.36 11.41 -17.53
CA GLY A 1 -6.77 10.61 -16.48
C GLY A 1 -5.64 9.74 -16.97
N SER A 2 -5.00 9.03 -16.06
CA SER A 2 -3.87 8.16 -16.40
C SER A 2 -4.37 6.84 -17.00
N SER A 3 -4.11 6.65 -18.28
CA SER A 3 -4.54 5.43 -18.98
C SER A 3 -3.43 4.90 -19.87
N GLY A 4 -3.00 3.67 -19.60
CA GLY A 4 -1.93 3.07 -20.39
C GLY A 4 -1.14 2.05 -19.60
N SER A 5 0.16 1.98 -19.87
CA SER A 5 1.04 1.04 -19.19
C SER A 5 1.80 1.74 -18.06
N SER A 6 2.14 0.97 -17.02
CA SER A 6 2.86 1.52 -15.88
C SER A 6 3.66 0.42 -15.17
N GLY A 7 4.38 0.81 -14.13
CA GLY A 7 5.19 -0.15 -13.38
C GLY A 7 5.51 0.33 -11.98
N VAL A 8 6.19 -0.51 -11.21
CA VAL A 8 6.56 -0.17 -9.85
C VAL A 8 7.81 0.71 -9.82
N GLU A 9 8.15 1.21 -8.64
CA GLU A 9 9.32 2.06 -8.48
C GLU A 9 9.98 1.82 -7.12
N CYS A 10 11.31 1.74 -7.12
CA CYS A 10 12.07 1.52 -5.90
C CYS A 10 12.34 2.84 -5.17
N PRO A 11 11.75 2.98 -3.97
CA PRO A 11 11.91 4.18 -3.16
C PRO A 11 13.32 4.32 -2.59
N THR A 12 14.20 3.40 -2.99
CA THR A 12 15.58 3.42 -2.53
C THR A 12 16.51 4.02 -3.58
N CYS A 13 16.43 3.50 -4.80
CA CYS A 13 17.25 3.98 -5.89
C CYS A 13 16.40 4.54 -7.03
N HIS A 14 15.09 4.63 -6.78
CA HIS A 14 14.15 5.14 -7.77
C HIS A 14 14.19 4.30 -9.04
N LYS A 15 14.58 3.04 -8.90
CA LYS A 15 14.65 2.12 -10.03
C LYS A 15 13.30 1.45 -10.28
N LYS A 16 12.69 1.78 -11.41
CA LYS A 16 11.40 1.21 -11.77
C LYS A 16 11.57 -0.08 -12.57
N PHE A 17 10.53 -0.91 -12.58
CA PHE A 17 10.58 -2.18 -13.30
C PHE A 17 9.25 -2.42 -14.03
N LEU A 18 9.17 -3.57 -14.69
CA LEU A 18 7.95 -3.93 -15.43
C LEU A 18 6.79 -4.18 -14.48
N SER A 19 7.03 -5.02 -13.47
CA SER A 19 5.99 -5.35 -12.50
C SER A 19 6.56 -5.36 -11.08
N LYS A 20 5.73 -5.73 -10.12
CA LYS A 20 6.15 -5.78 -8.72
C LYS A 20 7.13 -6.93 -8.50
N TYR A 21 6.88 -8.05 -9.17
CA TYR A 21 7.74 -9.23 -9.04
C TYR A 21 9.21 -8.86 -9.27
N TYR A 22 9.50 -8.26 -10.42
CA TYR A 22 10.86 -7.86 -10.75
C TYR A 22 11.45 -6.99 -9.65
N LEU A 23 10.63 -6.08 -9.12
CA LEU A 23 11.07 -5.18 -8.06
C LEU A 23 11.58 -5.96 -6.85
N LYS A 24 10.71 -6.79 -6.29
CA LYS A 24 11.07 -7.60 -5.13
C LYS A 24 12.46 -8.19 -5.29
N VAL A 25 12.63 -9.01 -6.32
CA VAL A 25 13.92 -9.65 -6.59
C VAL A 25 15.04 -8.63 -6.57
N HIS A 26 14.76 -7.42 -7.04
CA HIS A 26 15.75 -6.36 -7.07
C HIS A 26 16.03 -5.83 -5.67
N ASN A 27 14.99 -5.33 -5.01
CA ASN A 27 15.12 -4.80 -3.66
C ASN A 27 16.15 -5.59 -2.85
N ARG A 28 16.06 -6.92 -2.95
CA ARG A 28 16.98 -7.79 -2.23
C ARG A 28 18.37 -7.15 -2.13
N LYS A 29 18.85 -6.61 -3.24
CA LYS A 29 20.16 -5.97 -3.27
C LYS A 29 20.35 -5.06 -2.05
N HIS A 30 19.44 -4.11 -1.89
CA HIS A 30 19.51 -3.17 -0.77
C HIS A 30 19.47 -3.92 0.56
N THR A 31 18.69 -4.99 0.62
CA THR A 31 18.56 -5.78 1.83
C THR A 31 18.06 -7.20 1.52
N GLY A 32 18.80 -8.19 1.99
CA GLY A 32 18.41 -9.58 1.74
C GLY A 32 17.37 -10.06 2.73
N GLU A 33 16.15 -9.52 2.62
CA GLU A 33 15.07 -9.92 3.51
C GLU A 33 14.33 -11.14 2.98
N LYS A 34 13.63 -11.83 3.86
CA LYS A 34 12.88 -13.02 3.48
C LYS A 34 12.34 -12.89 2.06
N PRO A 35 13.04 -13.50 1.09
CA PRO A 35 12.65 -13.46 -0.32
C PRO A 35 11.40 -14.28 -0.59
N PHE A 36 10.78 -14.79 0.47
CA PHE A 36 9.56 -15.59 0.35
C PHE A 36 8.49 -15.09 1.30
N GLU A 37 7.27 -15.61 1.13
CA GLU A 37 6.15 -15.23 1.99
C GLU A 37 4.93 -16.09 1.70
N CYS A 38 4.34 -16.63 2.77
CA CYS A 38 3.17 -17.48 2.64
C CYS A 38 2.08 -16.79 1.81
N PRO A 39 1.81 -17.34 0.62
CA PRO A 39 0.80 -16.81 -0.30
C PRO A 39 -0.62 -17.00 0.23
N LYS A 40 -0.73 -17.59 1.42
CA LYS A 40 -2.03 -17.84 2.03
C LYS A 40 -2.34 -16.79 3.08
N CYS A 41 -1.35 -16.46 3.90
CA CYS A 41 -1.52 -15.46 4.95
C CYS A 41 -0.63 -14.25 4.70
N GLY A 42 0.58 -14.50 4.20
CA GLY A 42 1.51 -13.42 3.92
C GLY A 42 2.67 -13.38 4.90
N LYS A 43 3.01 -14.55 5.44
CA LYS A 43 4.11 -14.65 6.39
C LYS A 43 5.44 -14.78 5.68
N CYS A 44 6.26 -13.73 5.74
CA CYS A 44 7.56 -13.71 5.10
C CYS A 44 8.48 -14.77 5.71
N TYR A 45 9.17 -15.51 4.86
CA TYR A 45 10.08 -16.55 5.31
C TYR A 45 11.41 -16.48 4.56
N PHE A 46 12.49 -16.82 5.25
CA PHE A 46 13.82 -16.81 4.65
C PHE A 46 13.92 -17.83 3.52
N ARG A 47 13.65 -19.10 3.86
CA ARG A 47 13.72 -20.18 2.88
C ARG A 47 12.32 -20.73 2.58
N LYS A 48 12.11 -21.16 1.34
CA LYS A 48 10.83 -21.69 0.92
C LYS A 48 10.51 -22.98 1.68
N GLU A 49 11.53 -23.80 1.88
CA GLU A 49 11.36 -25.07 2.60
C GLU A 49 10.55 -24.86 3.88
N ASN A 50 11.14 -24.13 4.82
CA ASN A 50 10.48 -23.87 6.10
C ASN A 50 9.09 -23.29 5.88
N LEU A 51 8.98 -22.30 5.01
CA LEU A 51 7.70 -21.67 4.71
C LEU A 51 6.66 -22.71 4.33
N LEU A 52 7.03 -23.64 3.46
CA LEU A 52 6.13 -24.69 3.02
C LEU A 52 5.61 -25.50 4.21
N GLU A 53 6.49 -25.75 5.17
CA GLU A 53 6.12 -26.51 6.36
C GLU A 53 5.02 -25.79 7.13
N HIS A 54 5.15 -24.48 7.24
CA HIS A 54 4.17 -23.67 7.97
C HIS A 54 2.80 -23.73 7.28
N GLU A 55 2.81 -23.77 5.95
CA GLU A 55 1.57 -23.83 5.18
C GLU A 55 0.74 -25.05 5.60
N ALA A 56 1.37 -26.21 5.59
CA ALA A 56 0.69 -27.45 5.96
C ALA A 56 0.52 -27.54 7.47
N ARG A 57 1.60 -27.32 8.21
CA ARG A 57 1.58 -27.38 9.66
C ARG A 57 0.47 -26.49 10.22
N ASN A 58 0.66 -25.17 10.08
CA ASN A 58 -0.32 -24.21 10.58
C ASN A 58 -0.17 -22.87 9.87
N CYS A 59 -1.29 -22.32 9.42
CA CYS A 59 -1.29 -21.04 8.73
C CYS A 59 -2.04 -19.98 9.53
N MET A 60 -1.52 -18.75 9.53
CA MET A 60 -2.14 -17.65 10.26
C MET A 60 -3.63 -17.57 9.94
N ASN A 61 -4.41 -17.10 10.91
CA ASN A 61 -5.86 -16.98 10.73
C ASN A 61 -6.18 -16.28 9.42
N ARG A 62 -7.23 -16.75 8.76
CA ARG A 62 -7.66 -16.17 7.48
C ARG A 62 -7.91 -14.67 7.62
N SER A 63 -7.68 -13.94 6.54
CA SER A 63 -7.89 -12.50 6.55
C SER A 63 -8.28 -12.00 5.16
N GLU A 64 -9.23 -11.06 5.13
CA GLU A 64 -9.70 -10.51 3.87
C GLU A 64 -8.59 -9.74 3.16
N GLN A 65 -8.92 -9.13 2.02
CA GLN A 65 -7.96 -8.36 1.26
C GLN A 65 -7.52 -7.12 2.02
N VAL A 66 -6.30 -7.13 2.53
CA VAL A 66 -5.76 -6.00 3.28
C VAL A 66 -4.67 -5.29 2.49
N PHE A 67 -4.28 -4.12 2.97
CA PHE A 67 -3.24 -3.33 2.30
C PHE A 67 -2.06 -3.10 3.23
N THR A 68 -0.89 -2.88 2.65
CA THR A 68 0.33 -2.64 3.43
C THR A 68 0.87 -1.23 3.18
N CYS A 69 1.06 -0.49 4.26
CA CYS A 69 1.57 0.87 4.17
C CYS A 69 2.84 0.92 3.34
N SER A 70 3.32 2.14 3.06
CA SER A 70 4.52 2.31 2.25
C SER A 70 5.65 2.91 3.10
N VAL A 71 5.44 2.96 4.41
CA VAL A 71 6.43 3.51 5.32
C VAL A 71 6.62 2.58 6.53
N CYS A 72 5.52 2.12 7.10
CA CYS A 72 5.57 1.24 8.26
C CYS A 72 4.98 -0.13 7.93
N GLN A 73 4.53 -0.28 6.69
CA GLN A 73 3.94 -1.54 6.23
C GLN A 73 2.74 -1.92 7.10
N GLU A 74 2.01 -0.91 7.55
CA GLU A 74 0.83 -1.13 8.38
C GLU A 74 -0.16 -2.07 7.69
N THR A 75 -1.33 -2.24 8.29
CA THR A 75 -2.36 -3.10 7.73
C THR A 75 -3.70 -2.38 7.65
N PHE A 76 -4.28 -2.36 6.45
CA PHE A 76 -5.56 -1.70 6.23
C PHE A 76 -6.50 -2.60 5.42
N ARG A 77 -7.63 -2.95 6.02
CA ARG A 77 -8.61 -3.80 5.37
C ARG A 77 -9.00 -3.23 4.00
N ARG A 78 -8.99 -1.91 3.89
CA ARG A 78 -9.34 -1.24 2.65
C ARG A 78 -8.22 -0.29 2.20
N ARG A 79 -8.25 0.08 0.93
CA ARG A 79 -7.24 0.98 0.38
C ARG A 79 -7.38 2.38 0.95
N MET A 80 -8.53 3.01 0.71
CA MET A 80 -8.80 4.35 1.20
C MET A 80 -8.19 4.55 2.58
N GLU A 81 -8.41 3.57 3.47
CA GLU A 81 -7.88 3.65 4.83
C GLU A 81 -6.39 3.96 4.81
N LEU A 82 -5.64 3.24 3.99
CA LEU A 82 -4.20 3.44 3.88
C LEU A 82 -3.88 4.89 3.52
N ARG A 83 -4.72 5.49 2.69
CA ARG A 83 -4.53 6.87 2.26
C ARG A 83 -4.70 7.83 3.45
N LEU A 84 -5.72 7.59 4.26
CA LEU A 84 -5.98 8.43 5.42
C LEU A 84 -4.93 8.21 6.49
N HIS A 85 -4.15 7.15 6.35
CA HIS A 85 -3.09 6.84 7.31
C HIS A 85 -1.76 7.44 6.88
N MET A 86 -1.49 7.38 5.57
CA MET A 86 -0.25 7.93 5.04
C MET A 86 -0.05 9.36 5.48
N VAL A 87 -1.14 10.09 5.65
CA VAL A 87 -1.08 11.49 6.07
C VAL A 87 -0.22 11.64 7.32
N SER A 88 -0.20 10.61 8.16
CA SER A 88 0.57 10.63 9.38
C SER A 88 2.07 10.62 9.08
N HIS A 89 2.43 10.03 7.95
CA HIS A 89 3.82 9.96 7.54
C HIS A 89 4.27 11.24 6.84
N THR A 90 3.50 11.65 5.83
CA THR A 90 3.81 12.86 5.09
C THR A 90 3.52 14.11 5.92
N GLY A 91 2.42 14.08 6.65
CA GLY A 91 2.05 15.22 7.48
C GLY A 91 0.56 15.50 7.45
N GLU A 92 0.07 15.96 6.30
CA GLU A 92 -1.35 16.26 6.15
C GLU A 92 -1.79 16.06 4.71
N MET A 93 -3.11 16.05 4.50
CA MET A 93 -3.67 15.87 3.16
C MET A 93 -3.56 17.16 2.35
N PRO A 94 -3.35 17.01 1.03
CA PRO A 94 -3.23 18.15 0.11
C PRO A 94 -4.54 18.88 -0.08
N TYR A 95 -5.63 18.12 -0.16
CA TYR A 95 -6.95 18.70 -0.35
C TYR A 95 -7.77 18.64 0.94
N LYS A 96 -8.69 19.58 1.10
CA LYS A 96 -9.54 19.63 2.28
C LYS A 96 -10.85 20.35 1.98
N CYS A 97 -11.90 20.00 2.71
CA CYS A 97 -13.21 20.61 2.53
C CYS A 97 -13.29 21.93 3.29
N SER A 98 -14.48 22.54 3.29
CA SER A 98 -14.69 23.81 3.97
C SER A 98 -15.82 23.70 4.99
N SER A 99 -16.91 23.05 4.58
CA SER A 99 -18.06 22.87 5.46
C SER A 99 -17.78 21.84 6.53
N CYS A 100 -17.31 20.67 6.11
CA CYS A 100 -17.00 19.58 7.04
C CYS A 100 -15.51 19.57 7.37
N SER A 101 -14.73 20.31 6.59
CA SER A 101 -13.28 20.38 6.81
C SER A 101 -12.64 19.02 6.60
N GLN A 102 -13.23 18.22 5.73
CA GLN A 102 -12.72 16.88 5.44
C GLN A 102 -11.34 16.95 4.81
N GLN A 103 -10.81 15.79 4.40
CA GLN A 103 -9.50 15.72 3.77
C GLN A 103 -9.49 14.71 2.64
N PHE A 104 -8.65 14.96 1.64
CA PHE A 104 -8.55 14.05 0.49
C PHE A 104 -7.14 14.08 -0.09
N MET A 105 -6.81 13.06 -0.88
CA MET A 105 -5.50 12.98 -1.52
C MET A 105 -5.54 13.53 -2.93
N GLN A 106 -6.70 13.46 -3.56
CA GLN A 106 -6.86 13.96 -4.92
C GLN A 106 -7.98 14.99 -4.99
N LYS A 107 -7.83 15.97 -5.89
CA LYS A 107 -8.82 17.02 -6.05
C LYS A 107 -10.17 16.43 -6.43
N LYS A 108 -10.22 15.69 -7.53
CA LYS A 108 -11.45 15.07 -8.00
C LYS A 108 -12.17 14.36 -6.85
N ASP A 109 -11.40 13.76 -5.95
CA ASP A 109 -11.96 13.05 -4.81
C ASP A 109 -12.75 14.01 -3.92
N LEU A 110 -12.29 15.25 -3.85
CA LEU A 110 -12.96 16.27 -3.03
C LEU A 110 -14.18 16.83 -3.74
N GLN A 111 -14.00 17.19 -5.02
CA GLN A 111 -15.09 17.74 -5.81
C GLN A 111 -16.32 16.84 -5.76
N SER A 112 -16.11 15.55 -6.03
CA SER A 112 -17.20 14.58 -6.02
C SER A 112 -17.82 14.48 -4.63
N HIS A 113 -16.98 14.58 -3.60
CA HIS A 113 -17.45 14.50 -2.22
C HIS A 113 -18.37 15.67 -1.89
N MET A 114 -18.07 16.83 -2.46
CA MET A 114 -18.87 18.03 -2.22
C MET A 114 -20.10 18.05 -3.12
N ILE A 115 -20.05 17.27 -4.20
CA ILE A 115 -21.17 17.20 -5.13
C ILE A 115 -22.18 16.14 -4.70
N LYS A 116 -21.71 15.15 -3.96
CA LYS A 116 -22.58 14.09 -3.48
C LYS A 116 -23.15 14.42 -2.10
N LEU A 117 -22.26 14.65 -1.14
CA LEU A 117 -22.67 14.99 0.22
C LEU A 117 -23.11 16.45 0.31
N HIS A 118 -22.25 17.35 -0.17
CA HIS A 118 -22.55 18.77 -0.14
C HIS A 118 -23.28 19.20 -1.42
N SER A 119 -24.11 18.30 -1.94
CA SER A 119 -24.85 18.58 -3.17
C SER A 119 -25.24 20.06 -3.24
N GLY A 120 -25.82 20.57 -2.15
CA GLY A 120 -26.23 21.96 -2.11
C GLY A 120 -25.46 22.76 -1.07
N PRO A 121 -25.96 23.97 -0.78
CA PRO A 121 -25.33 24.86 0.21
C PRO A 121 -25.48 24.34 1.63
N SER A 122 -26.35 23.35 1.82
CA SER A 122 -26.60 22.78 3.13
C SER A 122 -25.28 22.38 3.80
N SER A 123 -25.31 22.23 5.11
CA SER A 123 -24.11 21.86 5.86
C SER A 123 -23.96 20.34 5.91
N GLY A 124 -22.84 19.88 6.48
CA GLY A 124 -22.59 18.47 6.59
C GLY A 124 -23.69 17.73 7.31
ZN ZN B . 16.53 -0.18 -5.58
ZN ZN C . 0.52 -19.11 6.15
ZN ZN D . 2.27 3.85 7.92
ZN ZN E . -17.20 18.08 2.93
N GLY A 1 -23.65 -2.64 -11.44
CA GLY A 1 -22.51 -2.94 -12.28
C GLY A 1 -21.66 -1.72 -12.56
N SER A 2 -20.95 -1.23 -11.54
CA SER A 2 -20.10 -0.06 -11.69
C SER A 2 -19.21 -0.18 -12.93
N SER A 3 -18.74 0.96 -13.43
CA SER A 3 -17.88 0.97 -14.61
C SER A 3 -16.54 1.63 -14.28
N GLY A 4 -15.53 1.33 -15.10
CA GLY A 4 -14.21 1.89 -14.89
C GLY A 4 -13.12 1.10 -15.58
N SER A 5 -12.26 0.47 -14.79
CA SER A 5 -11.16 -0.32 -15.33
C SER A 5 -10.48 -1.13 -14.23
N SER A 6 -9.53 -1.98 -14.63
CA SER A 6 -8.81 -2.82 -13.69
C SER A 6 -7.42 -2.26 -13.43
N GLY A 7 -6.63 -2.13 -14.48
CA GLY A 7 -5.29 -1.60 -14.35
C GLY A 7 -4.37 -2.57 -13.63
N VAL A 8 -3.08 -2.24 -13.59
CA VAL A 8 -2.08 -3.08 -12.93
C VAL A 8 -2.08 -2.86 -11.43
N GLU A 9 -1.19 -3.55 -10.73
CA GLU A 9 -1.09 -3.43 -9.29
C GLU A 9 0.33 -3.77 -8.81
N CYS A 10 0.73 -3.15 -7.71
CA CYS A 10 2.06 -3.37 -7.14
C CYS A 10 2.05 -4.57 -6.19
N PRO A 11 2.82 -5.61 -6.53
CA PRO A 11 2.93 -6.83 -5.72
C PRO A 11 3.66 -6.59 -4.41
N THR A 12 3.89 -5.32 -4.09
CA THR A 12 4.59 -4.95 -2.86
C THR A 12 3.70 -4.10 -1.95
N CYS A 13 3.24 -2.97 -2.48
CA CYS A 13 2.39 -2.07 -1.71
C CYS A 13 0.92 -2.24 -2.12
N HIS A 14 0.69 -3.03 -3.16
CA HIS A 14 -0.66 -3.27 -3.65
C HIS A 14 -1.30 -1.97 -4.14
N LYS A 15 -0.55 -1.19 -4.91
CA LYS A 15 -1.05 0.07 -5.44
C LYS A 15 -1.35 -0.05 -6.93
N LYS A 16 -2.63 0.05 -7.28
CA LYS A 16 -3.04 -0.05 -8.67
C LYS A 16 -2.84 1.28 -9.40
N PHE A 17 -2.42 1.20 -10.66
CA PHE A 17 -2.18 2.40 -11.46
C PHE A 17 -2.96 2.34 -12.77
N LEU A 18 -2.83 3.39 -13.56
CA LEU A 18 -3.53 3.47 -14.85
C LEU A 18 -2.83 2.59 -15.89
N SER A 19 -1.55 2.83 -16.10
CA SER A 19 -0.77 2.07 -17.07
C SER A 19 0.49 1.48 -16.43
N LYS A 20 0.87 0.30 -16.88
CA LYS A 20 2.05 -0.37 -16.35
C LYS A 20 3.21 0.60 -16.21
N TYR A 21 3.45 1.38 -17.25
CA TYR A 21 4.53 2.36 -17.25
C TYR A 21 4.66 3.03 -15.88
N TYR A 22 3.57 3.60 -15.40
CA TYR A 22 3.55 4.27 -14.11
C TYR A 22 3.95 3.31 -12.99
N LEU A 23 3.52 2.06 -13.11
CA LEU A 23 3.83 1.04 -12.11
C LEU A 23 5.31 0.69 -12.15
N LYS A 24 5.76 0.13 -13.28
CA LYS A 24 7.15 -0.26 -13.43
C LYS A 24 8.09 0.83 -12.91
N VAL A 25 7.72 2.09 -13.14
CA VAL A 25 8.51 3.22 -12.69
C VAL A 25 8.45 3.37 -11.17
N HIS A 26 7.25 3.16 -10.61
CA HIS A 26 7.06 3.27 -9.17
C HIS A 26 7.70 2.08 -8.44
N ASN A 27 7.28 0.88 -8.80
CA ASN A 27 7.81 -0.33 -8.18
C ASN A 27 9.30 -0.18 -7.87
N ARG A 28 10.03 0.43 -8.79
CA ARG A 28 11.46 0.63 -8.62
C ARG A 28 11.80 0.87 -7.16
N LYS A 29 10.99 1.68 -6.49
CA LYS A 29 11.20 1.99 -5.08
C LYS A 29 11.41 0.71 -4.27
N HIS A 30 10.48 -0.22 -4.41
CA HIS A 30 10.56 -1.50 -3.69
C HIS A 30 11.83 -2.25 -4.08
N THR A 31 11.94 -2.61 -5.36
CA THR A 31 13.11 -3.34 -5.85
C THR A 31 14.40 -2.71 -5.34
N GLY A 32 15.27 -3.54 -4.77
CA GLY A 32 16.54 -3.06 -4.25
C GLY A 32 16.58 -3.06 -2.74
N GLU A 33 16.15 -4.16 -2.14
CA GLU A 33 16.15 -4.28 -0.68
C GLU A 33 17.24 -5.24 -0.20
N LYS A 34 17.38 -5.35 1.11
CA LYS A 34 18.38 -6.23 1.70
C LYS A 34 18.43 -7.57 0.96
N PRO A 35 19.62 -8.20 0.96
CA PRO A 35 19.83 -9.49 0.30
C PRO A 35 19.10 -10.63 1.01
N PHE A 36 18.68 -10.37 2.24
CA PHE A 36 17.98 -11.37 3.03
C PHE A 36 16.85 -10.74 3.85
N GLU A 37 15.74 -11.46 3.97
CA GLU A 37 14.59 -10.96 4.72
C GLU A 37 13.76 -12.11 5.27
N CYS A 38 12.99 -11.84 6.31
CA CYS A 38 12.14 -12.86 6.93
C CYS A 38 10.91 -13.13 6.06
N PRO A 39 10.84 -14.35 5.50
CA PRO A 39 9.72 -14.77 4.66
C PRO A 39 8.43 -14.94 5.44
N LYS A 40 8.49 -14.68 6.74
CA LYS A 40 7.33 -14.80 7.61
C LYS A 40 6.70 -13.44 7.89
N CYS A 41 7.55 -12.46 8.19
CA CYS A 41 7.07 -11.11 8.49
C CYS A 41 7.56 -10.13 7.42
N GLY A 42 8.82 -10.26 7.03
CA GLY A 42 9.38 -9.38 6.02
C GLY A 42 10.38 -8.39 6.59
N LYS A 43 11.14 -8.84 7.58
CA LYS A 43 12.14 -7.99 8.22
C LYS A 43 13.51 -8.18 7.58
N CYS A 44 14.07 -7.09 7.05
CA CYS A 44 15.37 -7.14 6.41
C CYS A 44 16.46 -7.51 7.42
N TYR A 45 17.57 -8.04 6.92
CA TYR A 45 18.68 -8.44 7.78
C TYR A 45 19.93 -8.72 6.95
N PHE A 46 20.91 -7.83 7.03
CA PHE A 46 22.15 -7.98 6.29
C PHE A 46 22.73 -9.38 6.49
N ARG A 47 22.82 -9.80 7.74
CA ARG A 47 23.35 -11.12 8.07
C ARG A 47 22.25 -12.18 8.05
N LYS A 48 22.58 -13.35 7.52
CA LYS A 48 21.61 -14.45 7.45
C LYS A 48 21.56 -15.22 8.75
N GLU A 49 22.68 -15.25 9.47
CA GLU A 49 22.76 -15.96 10.74
C GLU A 49 21.69 -15.46 11.71
N ASN A 50 21.68 -14.15 11.96
CA ASN A 50 20.71 -13.55 12.85
C ASN A 50 19.30 -13.72 12.32
N LEU A 51 19.09 -13.34 11.07
CA LEU A 51 17.79 -13.44 10.43
C LEU A 51 17.17 -14.83 10.66
N LEU A 52 17.99 -15.86 10.53
CA LEU A 52 17.54 -17.23 10.73
C LEU A 52 16.99 -17.42 12.14
N GLU A 53 17.68 -16.86 13.12
CA GLU A 53 17.25 -16.97 14.51
C GLU A 53 15.89 -16.29 14.71
N HIS A 54 15.84 -14.99 14.48
CA HIS A 54 14.61 -14.22 14.65
C HIS A 54 13.41 -15.04 14.21
N GLU A 55 13.49 -15.61 13.01
CA GLU A 55 12.39 -16.42 12.48
C GLU A 55 11.75 -17.26 13.59
N ALA A 56 12.58 -17.88 14.42
CA ALA A 56 12.10 -18.70 15.51
C ALA A 56 12.00 -17.89 16.80
N ARG A 57 13.02 -17.09 17.08
CA ARG A 57 13.04 -16.27 18.28
C ARG A 57 11.78 -15.41 18.37
N ASN A 58 11.61 -14.51 17.41
CA ASN A 58 10.45 -13.63 17.39
C ASN A 58 10.03 -13.31 15.95
N CYS A 59 8.74 -13.07 15.75
CA CYS A 59 8.21 -12.75 14.43
C CYS A 59 6.77 -12.28 14.52
N MET A 60 6.26 -11.74 13.42
CA MET A 60 4.88 -11.24 13.37
C MET A 60 3.94 -12.22 14.06
N ASN A 61 2.82 -11.69 14.57
CA ASN A 61 1.83 -12.51 15.26
C ASN A 61 1.20 -13.52 14.29
N ARG A 62 1.34 -14.80 14.60
CA ARG A 62 0.78 -15.85 13.77
C ARG A 62 -0.60 -15.47 13.26
N SER A 63 -1.53 -15.28 14.18
CA SER A 63 -2.90 -14.91 13.82
C SER A 63 -2.93 -13.58 13.10
N GLU A 64 -3.91 -13.40 12.22
CA GLU A 64 -4.05 -12.17 11.46
C GLU A 64 -5.48 -11.99 10.95
N GLN A 65 -6.21 -11.09 11.60
CA GLN A 65 -7.60 -10.83 11.22
C GLN A 65 -7.67 -10.07 9.89
N VAL A 66 -8.08 -10.78 8.85
CA VAL A 66 -8.20 -10.19 7.52
C VAL A 66 -9.61 -9.68 7.26
N PHE A 67 -9.80 -8.99 6.14
CA PHE A 67 -11.09 -8.45 5.78
C PHE A 67 -11.58 -9.03 4.46
N THR A 68 -12.88 -8.91 4.20
CA THR A 68 -13.47 -9.44 2.98
C THR A 68 -14.23 -8.34 2.22
N CYS A 69 -13.93 -8.20 0.94
CA CYS A 69 -14.57 -7.18 0.11
C CYS A 69 -16.09 -7.37 0.13
N SER A 70 -16.80 -6.41 -0.46
CA SER A 70 -18.26 -6.46 -0.51
C SER A 70 -18.75 -6.64 -1.95
N VAL A 71 -17.80 -6.79 -2.87
CA VAL A 71 -18.13 -6.98 -4.28
C VAL A 71 -17.52 -8.26 -4.82
N CYS A 72 -16.23 -8.45 -4.56
CA CYS A 72 -15.53 -9.64 -5.02
C CYS A 72 -15.11 -10.51 -3.85
N GLN A 73 -15.40 -10.05 -2.64
CA GLN A 73 -15.05 -10.79 -1.44
C GLN A 73 -13.54 -11.01 -1.35
N GLU A 74 -12.78 -10.02 -1.81
CA GLU A 74 -11.32 -10.11 -1.79
C GLU A 74 -10.81 -10.31 -0.36
N THR A 75 -9.49 -10.30 -0.20
CA THR A 75 -8.88 -10.49 1.10
C THR A 75 -7.90 -9.37 1.42
N PHE A 76 -8.07 -8.76 2.59
CA PHE A 76 -7.20 -7.67 3.00
C PHE A 76 -6.77 -7.84 4.47
N ARG A 77 -5.47 -8.05 4.68
CA ARG A 77 -4.94 -8.23 6.02
C ARG A 77 -5.45 -7.14 6.96
N ARG A 78 -5.64 -5.95 6.41
CA ARG A 78 -6.12 -4.82 7.21
C ARG A 78 -7.37 -4.21 6.58
N ARG A 79 -8.00 -3.28 7.30
CA ARG A 79 -9.21 -2.63 6.82
C ARG A 79 -8.88 -1.57 5.77
N MET A 80 -8.16 -0.54 6.18
CA MET A 80 -7.77 0.54 5.27
C MET A 80 -7.53 0.00 3.86
N GLU A 81 -6.75 -1.08 3.76
CA GLU A 81 -6.46 -1.68 2.47
C GLU A 81 -7.73 -1.90 1.66
N LEU A 82 -8.71 -2.57 2.27
CA LEU A 82 -9.98 -2.84 1.61
C LEU A 82 -10.58 -1.56 1.04
N ARG A 83 -10.45 -0.48 1.79
CA ARG A 83 -10.98 0.82 1.37
C ARG A 83 -10.32 1.28 0.07
N LEU A 84 -8.99 1.21 0.05
CA LEU A 84 -8.23 1.62 -1.13
C LEU A 84 -8.51 0.70 -2.32
N HIS A 85 -9.12 -0.45 -2.04
CA HIS A 85 -9.44 -1.42 -3.07
C HIS A 85 -10.84 -1.17 -3.63
N MET A 86 -11.77 -0.84 -2.74
CA MET A 86 -13.14 -0.58 -3.14
C MET A 86 -13.20 0.45 -4.28
N VAL A 87 -12.25 1.37 -4.27
CA VAL A 87 -12.19 2.41 -5.29
C VAL A 87 -12.27 1.81 -6.69
N SER A 88 -11.70 0.61 -6.85
CA SER A 88 -11.72 -0.07 -8.13
C SER A 88 -13.13 -0.48 -8.52
N HIS A 89 -13.97 -0.73 -7.52
CA HIS A 89 -15.35 -1.13 -7.75
C HIS A 89 -16.23 0.09 -8.03
N THR A 90 -16.19 1.05 -7.11
CA THR A 90 -16.99 2.27 -7.26
C THR A 90 -16.47 3.13 -8.41
N GLY A 91 -15.15 3.22 -8.53
CA GLY A 91 -14.56 4.00 -9.60
C GLY A 91 -13.38 4.83 -9.11
N GLU A 92 -13.62 5.68 -8.12
CA GLU A 92 -12.57 6.54 -7.57
C GLU A 92 -12.91 6.96 -6.15
N MET A 93 -11.92 7.48 -5.44
CA MET A 93 -12.11 7.93 -4.08
C MET A 93 -13.00 9.16 -4.02
N PRO A 94 -13.71 9.34 -2.89
CA PRO A 94 -14.62 10.48 -2.70
C PRO A 94 -13.87 11.79 -2.54
N TYR A 95 -12.82 11.78 -1.74
CA TYR A 95 -12.02 12.98 -1.50
C TYR A 95 -10.72 12.93 -2.30
N LYS A 96 -10.18 14.10 -2.61
CA LYS A 96 -8.93 14.20 -3.37
C LYS A 96 -8.22 15.52 -3.08
N CYS A 97 -6.90 15.50 -3.19
CA CYS A 97 -6.10 16.70 -2.94
C CYS A 97 -5.98 17.55 -4.20
N SER A 98 -5.23 18.64 -4.12
CA SER A 98 -5.04 19.53 -5.25
C SER A 98 -3.56 19.70 -5.56
N SER A 99 -2.75 19.87 -4.52
CA SER A 99 -1.31 20.05 -4.68
C SER A 99 -0.64 18.76 -5.12
N CYS A 100 -1.02 17.66 -4.46
CA CYS A 100 -0.45 16.35 -4.78
C CYS A 100 -1.47 15.49 -5.53
N SER A 101 -2.73 15.90 -5.49
CA SER A 101 -3.80 15.17 -6.16
C SER A 101 -3.98 13.79 -5.53
N GLN A 102 -3.81 13.72 -4.22
CA GLN A 102 -3.96 12.46 -3.49
C GLN A 102 -5.41 12.02 -3.47
N GLN A 103 -5.69 10.94 -2.74
CA GLN A 103 -7.05 10.41 -2.64
C GLN A 103 -7.32 9.87 -1.24
N PHE A 104 -8.52 10.13 -0.73
CA PHE A 104 -8.90 9.67 0.60
C PHE A 104 -10.35 9.18 0.61
N MET A 105 -10.76 8.60 1.73
CA MET A 105 -12.13 8.10 1.87
C MET A 105 -12.93 8.97 2.83
N GLN A 106 -12.23 9.66 3.71
CA GLN A 106 -12.88 10.54 4.68
C GLN A 106 -12.43 11.99 4.51
N LYS A 107 -13.31 12.92 4.85
CA LYS A 107 -13.01 14.34 4.73
C LYS A 107 -11.91 14.75 5.71
N LYS A 108 -12.05 14.31 6.96
CA LYS A 108 -11.07 14.62 7.99
C LYS A 108 -9.71 14.04 7.64
N ASP A 109 -9.72 12.95 6.86
CA ASP A 109 -8.47 12.30 6.46
C ASP A 109 -7.69 13.18 5.49
N LEU A 110 -8.40 13.92 4.65
CA LEU A 110 -7.76 14.80 3.68
C LEU A 110 -7.31 16.09 4.33
N GLN A 111 -8.20 16.71 5.10
CA GLN A 111 -7.90 17.96 5.79
C GLN A 111 -6.61 17.83 6.59
N SER A 112 -6.52 16.78 7.40
CA SER A 112 -5.34 16.55 8.23
C SER A 112 -4.10 16.34 7.37
N HIS A 113 -4.27 15.61 6.27
CA HIS A 113 -3.17 15.32 5.36
C HIS A 113 -2.57 16.62 4.82
N MET A 114 -3.44 17.59 4.51
CA MET A 114 -2.99 18.87 3.99
C MET A 114 -2.42 19.74 5.10
N ILE A 115 -2.97 19.59 6.30
CA ILE A 115 -2.52 20.36 7.45
C ILE A 115 -1.19 19.83 7.99
N LYS A 116 -0.93 18.56 7.71
CA LYS A 116 0.31 17.92 8.16
C LYS A 116 1.39 18.01 7.09
N LEU A 117 1.08 17.52 5.89
CA LEU A 117 2.02 17.55 4.78
C LEU A 117 2.03 18.92 4.11
N HIS A 118 0.85 19.42 3.76
CA HIS A 118 0.73 20.72 3.12
C HIS A 118 0.56 21.83 4.16
N SER A 119 1.29 21.71 5.26
CA SER A 119 1.21 22.71 6.33
C SER A 119 1.95 23.98 5.96
N GLY A 120 1.68 24.49 4.76
CA GLY A 120 2.33 25.70 4.30
C GLY A 120 2.13 25.93 2.81
N PRO A 121 2.59 27.09 2.33
CA PRO A 121 2.47 27.46 0.91
C PRO A 121 3.38 26.63 0.02
N SER A 122 4.35 25.95 0.62
CA SER A 122 5.28 25.11 -0.12
C SER A 122 4.53 24.14 -1.03
N SER A 123 5.21 23.70 -2.08
CA SER A 123 4.61 22.77 -3.04
C SER A 123 5.66 22.25 -4.02
N GLY A 124 5.57 20.96 -4.32
CA GLY A 124 6.52 20.35 -5.25
C GLY A 124 6.60 21.10 -6.56
ZN ZN B . 4.54 -0.24 -4.74
ZN ZN C . 9.94 -12.57 11.07
ZN ZN D . -13.38 -6.09 -4.45
ZN ZN E . -1.89 16.60 -0.68
N GLY A 1 18.33 -32.93 -7.18
CA GLY A 1 17.86 -31.77 -7.90
C GLY A 1 18.01 -31.90 -9.40
N SER A 2 16.93 -31.65 -10.13
CA SER A 2 16.95 -31.76 -11.58
C SER A 2 17.56 -30.51 -12.21
N SER A 3 17.75 -30.55 -13.52
CA SER A 3 18.32 -29.42 -14.25
C SER A 3 17.38 -28.22 -14.23
N GLY A 4 16.18 -28.41 -14.75
CA GLY A 4 15.19 -27.35 -14.78
C GLY A 4 15.02 -26.76 -16.17
N SER A 5 13.96 -25.97 -16.35
CA SER A 5 13.68 -25.36 -17.64
C SER A 5 14.48 -24.07 -17.81
N SER A 6 14.39 -23.47 -19.00
CA SER A 6 15.11 -22.24 -19.29
C SER A 6 14.51 -21.07 -18.51
N GLY A 7 13.23 -20.82 -18.73
CA GLY A 7 12.57 -19.73 -18.04
C GLY A 7 13.13 -18.37 -18.42
N VAL A 8 12.76 -17.34 -17.66
CA VAL A 8 13.24 -15.99 -17.94
C VAL A 8 14.61 -15.76 -17.31
N GLU A 9 15.12 -14.54 -17.46
CA GLU A 9 16.43 -14.18 -16.92
C GLU A 9 16.46 -12.72 -16.50
N CYS A 10 17.05 -12.46 -15.33
CA CYS A 10 17.15 -11.10 -14.81
C CYS A 10 18.39 -10.40 -15.37
N PRO A 11 18.17 -9.33 -16.15
CA PRO A 11 19.25 -8.55 -16.75
C PRO A 11 20.05 -7.75 -15.72
N THR A 12 19.71 -7.96 -14.44
CA THR A 12 20.39 -7.25 -13.36
C THR A 12 21.40 -8.16 -12.67
N CYS A 13 20.95 -9.34 -12.26
CA CYS A 13 21.83 -10.29 -11.59
C CYS A 13 21.89 -11.61 -12.37
N HIS A 14 21.36 -11.60 -13.58
CA HIS A 14 21.36 -12.78 -14.43
C HIS A 14 20.69 -13.96 -13.73
N LYS A 15 19.80 -13.64 -12.79
CA LYS A 15 19.07 -14.67 -12.04
C LYS A 15 17.83 -15.12 -12.80
N LYS A 16 17.85 -16.37 -13.28
CA LYS A 16 16.72 -16.92 -14.02
C LYS A 16 15.67 -17.49 -13.06
N PHE A 17 14.44 -17.60 -13.55
CA PHE A 17 13.34 -18.11 -12.74
C PHE A 17 12.48 -19.06 -13.56
N LEU A 18 11.40 -19.54 -12.95
CA LEU A 18 10.48 -20.46 -13.61
C LEU A 18 9.70 -19.74 -14.71
N SER A 19 9.03 -18.66 -14.34
CA SER A 19 8.24 -17.88 -15.28
C SER A 19 8.47 -16.39 -15.09
N LYS A 20 7.92 -15.59 -15.99
CA LYS A 20 8.05 -14.13 -15.92
C LYS A 20 7.54 -13.61 -14.59
N TYR A 21 6.32 -14.01 -14.23
CA TYR A 21 5.70 -13.57 -12.99
C TYR A 21 6.74 -13.51 -11.86
N TYR A 22 7.35 -14.65 -11.57
CA TYR A 22 8.36 -14.73 -10.52
C TYR A 22 9.40 -13.62 -10.68
N LEU A 23 9.84 -13.40 -11.91
CA LEU A 23 10.83 -12.37 -12.20
C LEU A 23 10.34 -11.00 -11.75
N LYS A 24 9.23 -10.56 -12.33
CA LYS A 24 8.65 -9.27 -11.99
C LYS A 24 8.67 -9.04 -10.48
N VAL A 25 8.30 -10.08 -9.73
CA VAL A 25 8.27 -10.00 -8.27
C VAL A 25 9.68 -9.88 -7.71
N HIS A 26 10.64 -10.54 -8.37
CA HIS A 26 12.03 -10.52 -7.92
C HIS A 26 12.68 -9.18 -8.30
N ASN A 27 12.76 -8.91 -9.59
CA ASN A 27 13.37 -7.67 -10.07
C ASN A 27 13.11 -6.53 -9.10
N ARG A 28 11.88 -6.42 -8.63
CA ARG A 28 11.50 -5.37 -7.69
C ARG A 28 12.54 -5.22 -6.59
N LYS A 29 12.92 -6.34 -5.99
CA LYS A 29 13.90 -6.34 -4.91
C LYS A 29 15.04 -5.37 -5.22
N HIS A 30 15.51 -5.39 -6.48
CA HIS A 30 16.59 -4.51 -6.89
C HIS A 30 16.25 -3.05 -6.59
N THR A 31 15.12 -2.60 -7.11
CA THR A 31 14.68 -1.22 -6.90
C THR A 31 14.44 -0.94 -5.43
N GLY A 32 14.15 0.31 -5.11
CA GLY A 32 13.90 0.70 -3.72
C GLY A 32 12.74 -0.07 -3.11
N GLU A 33 13.05 -0.97 -2.19
CA GLU A 33 12.03 -1.77 -1.53
C GLU A 33 11.54 -1.08 -0.26
N LYS A 34 10.32 -1.40 0.15
CA LYS A 34 9.73 -0.81 1.35
C LYS A 34 10.60 -1.08 2.57
N PRO A 35 10.45 -0.25 3.60
CA PRO A 35 11.21 -0.38 4.84
C PRO A 35 10.81 -1.60 5.66
N PHE A 36 9.50 -1.79 5.83
CA PHE A 36 8.98 -2.92 6.59
C PHE A 36 7.83 -3.59 5.84
N GLU A 37 7.42 -4.76 6.32
CA GLU A 37 6.33 -5.50 5.70
C GLU A 37 5.92 -6.68 6.56
N CYS A 38 4.64 -6.72 6.94
CA CYS A 38 4.12 -7.81 7.77
C CYS A 38 4.78 -9.13 7.40
N PRO A 39 5.69 -9.60 8.27
CA PRO A 39 6.40 -10.86 8.06
C PRO A 39 5.49 -12.09 8.21
N LYS A 40 4.20 -11.83 8.45
CA LYS A 40 3.23 -12.90 8.61
C LYS A 40 2.44 -13.11 7.31
N CYS A 41 2.19 -12.03 6.60
CA CYS A 41 1.44 -12.09 5.35
C CYS A 41 2.23 -11.44 4.22
N GLY A 42 2.81 -10.28 4.50
CA GLY A 42 3.58 -9.57 3.50
C GLY A 42 3.01 -8.20 3.19
N LYS A 43 2.22 -7.66 4.11
CA LYS A 43 1.60 -6.35 3.94
C LYS A 43 2.59 -5.24 4.26
N CYS A 44 3.09 -4.57 3.23
CA CYS A 44 4.04 -3.48 3.41
C CYS A 44 3.41 -2.33 4.19
N TYR A 45 4.25 -1.42 4.67
CA TYR A 45 3.77 -0.27 5.44
C TYR A 45 4.86 0.79 5.55
N PHE A 46 4.62 1.95 4.95
CA PHE A 46 5.58 3.05 4.99
C PHE A 46 6.22 3.16 6.37
N ARG A 47 5.39 3.14 7.41
CA ARG A 47 5.88 3.25 8.78
C ARG A 47 5.66 1.93 9.53
N LYS A 48 6.44 1.72 10.59
CA LYS A 48 6.34 0.51 11.40
C LYS A 48 5.05 0.52 12.21
N GLU A 49 4.83 1.59 12.98
CA GLU A 49 3.65 1.71 13.81
C GLU A 49 2.44 1.09 13.12
N ASN A 50 2.14 1.55 11.91
CA ASN A 50 1.01 1.04 11.14
C ASN A 50 1.11 -0.47 10.99
N LEU A 51 2.25 -0.95 10.53
CA LEU A 51 2.47 -2.38 10.34
C LEU A 51 2.05 -3.17 11.58
N LEU A 52 2.58 -2.76 12.73
CA LEU A 52 2.25 -3.42 13.99
C LEU A 52 0.75 -3.42 14.25
N GLU A 53 0.11 -2.30 13.95
CA GLU A 53 -1.34 -2.17 14.14
C GLU A 53 -2.08 -3.16 13.26
N HIS A 54 -1.67 -3.26 12.00
CA HIS A 54 -2.30 -4.17 11.05
C HIS A 54 -2.26 -5.61 11.57
N GLU A 55 -1.15 -5.97 12.21
CA GLU A 55 -0.98 -7.31 12.74
C GLU A 55 -2.06 -7.63 13.77
N ALA A 56 -2.06 -6.87 14.87
CA ALA A 56 -3.04 -7.08 15.93
C ALA A 56 -4.45 -6.80 15.44
N ARG A 57 -4.64 -5.64 14.81
CA ARG A 57 -5.95 -5.25 14.29
C ARG A 57 -6.50 -6.32 13.36
N ASN A 58 -5.88 -6.46 12.19
CA ASN A 58 -6.31 -7.45 11.21
C ASN A 58 -5.20 -7.74 10.21
N CYS A 59 -4.85 -9.01 10.07
CA CYS A 59 -3.81 -9.43 9.15
C CYS A 59 -4.40 -9.88 7.82
N MET A 60 -3.67 -9.63 6.74
CA MET A 60 -4.13 -10.00 5.41
C MET A 60 -4.68 -11.42 5.40
N ASN A 61 -5.86 -11.59 4.82
CA ASN A 61 -6.50 -12.90 4.75
C ASN A 61 -6.53 -13.42 3.32
N ARG A 62 -6.50 -14.74 3.16
CA ARG A 62 -6.52 -15.36 1.84
C ARG A 62 -7.94 -15.37 1.28
N SER A 63 -8.89 -15.81 2.09
CA SER A 63 -10.29 -15.88 1.67
C SER A 63 -10.98 -14.52 1.83
N GLU A 64 -10.38 -13.49 1.22
CA GLU A 64 -10.93 -12.15 1.29
C GLU A 64 -10.91 -11.47 -0.07
N GLN A 65 -12.09 -11.15 -0.59
CA GLN A 65 -12.19 -10.50 -1.89
C GLN A 65 -11.20 -9.36 -2.02
N VAL A 66 -10.13 -9.59 -2.77
CA VAL A 66 -9.09 -8.58 -2.97
C VAL A 66 -9.57 -7.49 -3.92
N PHE A 67 -8.77 -6.44 -4.05
CA PHE A 67 -9.11 -5.32 -4.93
C PHE A 67 -7.98 -5.05 -5.93
N THR A 68 -8.31 -4.40 -7.03
CA THR A 68 -7.33 -4.07 -8.06
C THR A 68 -7.20 -2.57 -8.25
N CYS A 69 -5.97 -2.08 -8.17
CA CYS A 69 -5.70 -0.65 -8.33
C CYS A 69 -6.31 -0.13 -9.63
N SER A 70 -6.27 1.19 -9.80
CA SER A 70 -6.81 1.82 -11.00
C SER A 70 -5.69 2.45 -11.84
N VAL A 71 -4.46 2.13 -11.49
CA VAL A 71 -3.30 2.66 -12.21
C VAL A 71 -2.29 1.56 -12.49
N CYS A 72 -2.02 0.73 -11.48
CA CYS A 72 -1.05 -0.36 -11.62
C CYS A 72 -1.74 -1.71 -11.45
N GLN A 73 -3.04 -1.67 -11.19
CA GLN A 73 -3.82 -2.89 -10.98
C GLN A 73 -3.25 -3.72 -9.84
N GLU A 74 -2.74 -3.03 -8.82
CA GLU A 74 -2.16 -3.71 -7.66
C GLU A 74 -3.16 -4.66 -7.03
N THR A 75 -2.79 -5.24 -5.89
CA THR A 75 -3.66 -6.17 -5.19
C THR A 75 -3.83 -5.78 -3.72
N PHE A 76 -5.07 -5.58 -3.30
CA PHE A 76 -5.35 -5.20 -1.92
C PHE A 76 -6.44 -6.10 -1.33
N ARG A 77 -6.08 -6.82 -0.26
CA ARG A 77 -7.02 -7.72 0.40
C ARG A 77 -8.28 -6.97 0.83
N ARG A 78 -8.12 -5.67 1.09
CA ARG A 78 -9.25 -4.84 1.51
C ARG A 78 -9.38 -3.61 0.62
N ARG A 79 -10.56 -2.99 0.63
CA ARG A 79 -10.81 -1.81 -0.17
C ARG A 79 -10.00 -0.61 0.35
N MET A 80 -10.26 -0.22 1.59
CA MET A 80 -9.56 0.90 2.20
C MET A 80 -8.09 0.91 1.78
N GLU A 81 -7.45 -0.24 1.88
CA GLU A 81 -6.04 -0.37 1.52
C GLU A 81 -5.77 0.30 0.17
N LEU A 82 -6.56 -0.06 -0.83
CA LEU A 82 -6.41 0.52 -2.17
C LEU A 82 -6.46 2.04 -2.13
N ARG A 83 -7.27 2.57 -1.23
CA ARG A 83 -7.42 4.02 -1.08
C ARG A 83 -6.13 4.63 -0.55
N LEU A 84 -5.51 3.97 0.41
CA LEU A 84 -4.26 4.45 1.00
C LEU A 84 -3.10 4.28 0.04
N HIS A 85 -3.28 3.40 -0.94
CA HIS A 85 -2.24 3.14 -1.93
C HIS A 85 -2.33 4.12 -3.09
N MET A 86 -3.56 4.45 -3.48
CA MET A 86 -3.79 5.38 -4.58
C MET A 86 -2.98 6.66 -4.39
N VAL A 87 -2.61 6.94 -3.15
CA VAL A 87 -1.83 8.13 -2.84
C VAL A 87 -0.52 8.14 -3.61
N SER A 88 0.00 6.96 -3.91
CA SER A 88 1.25 6.84 -4.65
C SER A 88 1.07 7.25 -6.11
N HIS A 89 -0.18 7.38 -6.52
CA HIS A 89 -0.50 7.76 -7.89
C HIS A 89 -0.98 9.22 -7.95
N THR A 90 -1.49 9.71 -6.82
CA THR A 90 -1.98 11.07 -6.75
C THR A 90 -0.91 12.02 -6.20
N GLY A 91 -0.05 11.49 -5.34
CA GLY A 91 1.01 12.30 -4.75
C GLY A 91 0.83 12.50 -3.26
N GLU A 92 -0.40 12.76 -2.85
CA GLU A 92 -0.71 12.97 -1.44
C GLU A 92 -2.21 12.88 -1.18
N MET A 93 -2.57 12.44 0.02
CA MET A 93 -3.98 12.30 0.40
C MET A 93 -4.63 13.67 0.53
N PRO A 94 -5.96 13.71 0.33
CA PRO A 94 -6.73 14.95 0.44
C PRO A 94 -6.84 15.45 1.88
N TYR A 95 -7.00 14.52 2.81
CA TYR A 95 -7.12 14.86 4.22
C TYR A 95 -5.87 14.45 4.99
N LYS A 96 -5.58 15.18 6.06
CA LYS A 96 -4.41 14.88 6.88
C LYS A 96 -4.64 15.34 8.32
N CYS A 97 -4.12 14.56 9.27
CA CYS A 97 -4.27 14.88 10.69
C CYS A 97 -3.26 15.95 11.11
N SER A 98 -3.23 16.24 12.41
CA SER A 98 -2.32 17.24 12.95
C SER A 98 -1.47 16.67 14.07
N SER A 99 -2.11 15.91 14.95
CA SER A 99 -1.42 15.30 16.09
C SER A 99 -0.51 14.17 15.63
N CYS A 100 -1.02 13.36 14.70
CA CYS A 100 -0.25 12.24 14.17
C CYS A 100 0.11 12.46 12.71
N SER A 101 -0.34 13.58 12.16
CA SER A 101 -0.07 13.93 10.76
C SER A 101 -0.50 12.80 9.83
N GLN A 102 -1.50 12.04 10.27
CA GLN A 102 -2.01 10.93 9.48
C GLN A 102 -2.56 11.41 8.13
N GLN A 103 -3.16 10.50 7.38
CA GLN A 103 -3.72 10.84 6.08
C GLN A 103 -4.99 10.04 5.81
N PHE A 104 -5.92 10.65 5.07
CA PHE A 104 -7.18 9.99 4.74
C PHE A 104 -7.68 10.44 3.37
N MET A 105 -8.65 9.70 2.83
CA MET A 105 -9.22 10.02 1.53
C MET A 105 -10.51 10.82 1.68
N GLN A 106 -11.21 10.60 2.80
CA GLN A 106 -12.46 11.29 3.06
C GLN A 106 -12.39 12.07 4.37
N LYS A 107 -13.27 13.05 4.52
CA LYS A 107 -13.32 13.86 5.73
C LYS A 107 -13.76 13.04 6.92
N LYS A 108 -14.95 12.45 6.82
CA LYS A 108 -15.51 11.64 7.89
C LYS A 108 -14.48 10.62 8.39
N ASP A 109 -13.72 10.05 7.45
CA ASP A 109 -12.70 9.07 7.80
C ASP A 109 -11.67 9.67 8.76
N LEU A 110 -11.46 10.98 8.66
CA LEU A 110 -10.51 11.67 9.52
C LEU A 110 -11.18 12.14 10.80
N GLN A 111 -12.37 12.70 10.68
CA GLN A 111 -13.13 13.19 11.83
C GLN A 111 -13.29 12.10 12.88
N SER A 112 -13.78 10.93 12.43
CA SER A 112 -13.99 9.80 13.33
C SER A 112 -12.67 9.35 13.96
N HIS A 113 -11.60 9.37 13.15
CA HIS A 113 -10.29 8.96 13.62
C HIS A 113 -9.82 9.84 14.77
N MET A 114 -10.08 11.14 14.66
CA MET A 114 -9.68 12.09 15.68
C MET A 114 -10.60 12.00 16.89
N ILE A 115 -11.81 11.49 16.67
CA ILE A 115 -12.78 11.35 17.75
C ILE A 115 -12.59 10.03 18.49
N LYS A 116 -11.97 9.07 17.82
CA LYS A 116 -11.72 7.76 18.42
C LYS A 116 -10.31 7.69 19.00
N LEU A 117 -9.31 7.95 18.17
CA LEU A 117 -7.92 7.93 18.59
C LEU A 117 -7.57 9.18 19.39
N HIS A 118 -7.86 10.34 18.81
CA HIS A 118 -7.59 11.61 19.47
C HIS A 118 -8.78 12.07 20.31
N SER A 119 -9.48 11.10 20.90
CA SER A 119 -10.65 11.40 21.72
C SER A 119 -10.25 12.25 22.93
N GLY A 120 -9.55 11.62 23.87
CA GLY A 120 -9.12 12.33 25.07
C GLY A 120 -8.81 11.39 26.22
N PRO A 121 -9.16 11.82 27.44
CA PRO A 121 -8.93 11.03 28.65
C PRO A 121 -9.82 9.79 28.72
N SER A 122 -9.25 8.63 28.42
CA SER A 122 -10.00 7.38 28.44
C SER A 122 -9.23 6.30 29.19
N SER A 123 -9.79 5.10 29.23
CA SER A 123 -9.17 3.98 29.91
C SER A 123 -9.38 2.68 29.14
N GLY A 124 -8.79 1.59 29.65
CA GLY A 124 -8.93 0.31 29.00
C GLY A 124 -9.20 -0.81 29.98
ZN ZN B . 17.89 -9.79 -10.25
ZN ZN C . -0.35 -9.11 8.13
ZN ZN D . -1.39 1.49 -7.85
ZN ZN E . -4.52 11.57 14.13
N GLY A 1 -19.52 1.46 -3.92
CA GLY A 1 -18.99 2.77 -4.21
C GLY A 1 -17.85 3.16 -3.28
N SER A 2 -16.64 3.24 -3.82
CA SER A 2 -15.47 3.59 -3.03
C SER A 2 -14.27 3.88 -3.93
N SER A 3 -13.63 5.03 -3.72
CA SER A 3 -12.48 5.42 -4.52
C SER A 3 -11.18 4.91 -3.88
N GLY A 4 -10.08 5.10 -4.59
CA GLY A 4 -8.79 4.65 -4.10
C GLY A 4 -7.64 5.06 -4.99
N SER A 5 -6.69 4.15 -5.18
CA SER A 5 -5.53 4.44 -6.02
C SER A 5 -5.58 3.63 -7.31
N SER A 6 -4.87 4.11 -8.33
CA SER A 6 -4.84 3.43 -9.62
C SER A 6 -3.41 3.32 -10.13
N GLY A 7 -3.02 2.10 -10.52
CA GLY A 7 -1.68 1.88 -11.02
C GLY A 7 -1.30 0.41 -11.03
N VAL A 8 -0.15 0.11 -11.61
CA VAL A 8 0.33 -1.27 -11.69
C VAL A 8 0.81 -1.76 -10.32
N GLU A 9 1.15 -3.05 -10.25
CA GLU A 9 1.63 -3.64 -9.01
C GLU A 9 2.72 -4.67 -9.28
N CYS A 10 3.71 -4.72 -8.40
CA CYS A 10 4.81 -5.67 -8.54
C CYS A 10 4.51 -6.96 -7.81
N PRO A 11 4.39 -8.06 -8.56
CA PRO A 11 4.11 -9.39 -7.99
C PRO A 11 5.28 -9.95 -7.19
N THR A 12 6.31 -9.13 -7.02
CA THR A 12 7.50 -9.54 -6.28
C THR A 12 7.50 -8.96 -4.87
N CYS A 13 7.43 -7.63 -4.78
CA CYS A 13 7.42 -6.94 -3.49
C CYS A 13 6.11 -6.20 -3.29
N HIS A 14 5.09 -6.56 -4.06
CA HIS A 14 3.79 -5.93 -3.97
C HIS A 14 3.92 -4.41 -3.97
N LYS A 15 4.91 -3.91 -4.71
CA LYS A 15 5.14 -2.47 -4.79
C LYS A 15 4.45 -1.89 -6.02
N LYS A 16 3.46 -1.02 -5.78
CA LYS A 16 2.73 -0.38 -6.87
C LYS A 16 3.48 0.83 -7.40
N PHE A 17 3.16 1.23 -8.62
CA PHE A 17 3.80 2.39 -9.24
C PHE A 17 2.78 3.25 -9.98
N LEU A 18 3.24 4.39 -10.49
CA LEU A 18 2.36 5.30 -11.21
C LEU A 18 2.04 4.77 -12.60
N SER A 19 3.06 4.24 -13.27
CA SER A 19 2.87 3.69 -14.61
C SER A 19 3.73 2.44 -14.81
N LYS A 20 3.60 1.82 -15.97
CA LYS A 20 4.36 0.62 -16.29
C LYS A 20 5.85 0.92 -16.38
N TYR A 21 6.18 2.05 -16.99
CA TYR A 21 7.58 2.46 -17.14
C TYR A 21 8.35 2.27 -15.84
N TYR A 22 7.96 3.01 -14.81
CA TYR A 22 8.62 2.93 -13.51
C TYR A 22 8.70 1.48 -13.03
N LEU A 23 7.66 0.71 -13.34
CA LEU A 23 7.61 -0.69 -12.95
C LEU A 23 8.67 -1.51 -13.70
N LYS A 24 8.49 -1.62 -15.01
CA LYS A 24 9.43 -2.37 -15.85
C LYS A 24 10.88 -2.05 -15.45
N VAL A 25 11.13 -0.80 -15.09
CA VAL A 25 12.47 -0.38 -14.69
C VAL A 25 12.81 -0.89 -13.28
N HIS A 26 11.81 -0.90 -12.40
CA HIS A 26 12.01 -1.36 -11.04
C HIS A 26 12.21 -2.87 -11.00
N ASN A 27 11.32 -3.60 -11.64
CA ASN A 27 11.40 -5.06 -11.68
C ASN A 27 12.85 -5.51 -11.95
N ARG A 28 13.49 -4.86 -12.91
CA ARG A 28 14.86 -5.19 -13.26
C ARG A 28 15.68 -5.52 -12.02
N LYS A 29 15.66 -4.62 -11.05
CA LYS A 29 16.41 -4.81 -9.81
C LYS A 29 16.27 -6.25 -9.32
N HIS A 30 15.04 -6.74 -9.27
CA HIS A 30 14.78 -8.11 -8.82
C HIS A 30 15.63 -9.10 -9.59
N THR A 31 15.53 -9.08 -10.91
CA THR A 31 16.29 -9.99 -11.76
C THR A 31 17.71 -9.48 -11.96
N GLY A 32 18.68 -10.36 -11.72
CA GLY A 32 20.07 -9.99 -11.88
C GLY A 32 21.00 -10.83 -11.04
N GLU A 33 21.51 -10.26 -9.96
CA GLU A 33 22.42 -10.97 -9.06
C GLU A 33 22.18 -10.56 -7.61
N LYS A 34 22.48 -11.47 -6.69
CA LYS A 34 22.31 -11.21 -5.27
C LYS A 34 23.29 -12.03 -4.44
N PRO A 35 23.83 -11.40 -3.38
CA PRO A 35 24.80 -12.06 -2.49
C PRO A 35 24.15 -13.15 -1.64
N PHE A 36 22.93 -12.89 -1.19
CA PHE A 36 22.21 -13.86 -0.36
C PHE A 36 20.72 -13.85 -0.70
N GLU A 37 19.96 -14.70 -0.01
CA GLU A 37 18.52 -14.78 -0.23
C GLU A 37 17.84 -15.53 0.90
N CYS A 38 16.56 -15.23 1.12
CA CYS A 38 15.79 -15.87 2.18
C CYS A 38 15.50 -17.33 1.83
N PRO A 39 16.09 -18.25 2.60
CA PRO A 39 15.91 -19.69 2.39
C PRO A 39 14.51 -20.15 2.76
N LYS A 40 13.66 -19.22 3.18
CA LYS A 40 12.29 -19.52 3.55
C LYS A 40 11.33 -19.18 2.42
N CYS A 41 11.54 -18.03 1.79
CA CYS A 41 10.70 -17.58 0.70
C CYS A 41 11.49 -17.48 -0.60
N GLY A 42 12.68 -16.88 -0.51
CA GLY A 42 13.52 -16.73 -1.68
C GLY A 42 13.67 -15.28 -2.10
N LYS A 43 13.72 -14.38 -1.13
CA LYS A 43 13.86 -12.95 -1.40
C LYS A 43 15.32 -12.54 -1.37
N CYS A 44 15.83 -12.04 -2.49
CA CYS A 44 17.21 -11.60 -2.58
C CYS A 44 17.44 -10.35 -1.72
N TYR A 45 18.68 -10.19 -1.26
CA TYR A 45 19.04 -9.04 -0.42
C TYR A 45 20.48 -8.61 -0.67
N PHE A 46 20.72 -7.32 -0.59
CA PHE A 46 22.06 -6.78 -0.80
C PHE A 46 22.97 -7.10 0.38
N ARG A 47 22.43 -6.98 1.59
CA ARG A 47 23.20 -7.26 2.80
C ARG A 47 22.66 -8.50 3.50
N LYS A 48 23.56 -9.22 4.17
CA LYS A 48 23.19 -10.43 4.89
C LYS A 48 22.35 -10.10 6.13
N GLU A 49 22.84 -9.15 6.92
CA GLU A 49 22.13 -8.74 8.13
C GLU A 49 20.66 -8.47 7.83
N ASN A 50 20.40 -7.62 6.85
CA ASN A 50 19.03 -7.27 6.47
C ASN A 50 18.20 -8.53 6.24
N LEU A 51 18.76 -9.47 5.49
CA LEU A 51 18.07 -10.72 5.19
C LEU A 51 17.66 -11.44 6.47
N LEU A 52 18.64 -11.68 7.35
CA LEU A 52 18.39 -12.35 8.61
C LEU A 52 17.20 -11.73 9.34
N GLU A 53 17.12 -10.40 9.31
CA GLU A 53 16.04 -9.69 9.96
C GLU A 53 14.69 -10.05 9.34
N HIS A 54 14.54 -9.75 8.05
CA HIS A 54 13.31 -10.04 7.33
C HIS A 54 12.76 -11.41 7.73
N GLU A 55 13.63 -12.40 7.78
CA GLU A 55 13.23 -13.76 8.15
C GLU A 55 12.32 -13.74 9.37
N ALA A 56 12.65 -12.89 10.34
CA ALA A 56 11.86 -12.77 11.56
C ALA A 56 10.80 -11.68 11.42
N ARG A 57 11.20 -10.54 10.87
CA ARG A 57 10.29 -9.42 10.69
C ARG A 57 9.03 -9.86 9.94
N ASN A 58 9.23 -10.45 8.77
CA ASN A 58 8.11 -10.93 7.95
C ASN A 58 8.61 -11.80 6.81
N CYS A 59 7.83 -12.81 6.46
CA CYS A 59 8.18 -13.72 5.38
C CYS A 59 6.93 -14.23 4.67
N MET A 60 7.14 -14.99 3.59
CA MET A 60 6.03 -15.54 2.82
C MET A 60 4.98 -16.16 3.74
N ASN A 61 3.78 -15.61 3.72
CA ASN A 61 2.69 -16.11 4.55
C ASN A 61 1.35 -15.54 4.09
N ARG A 62 0.27 -16.06 4.65
CA ARG A 62 -1.08 -15.61 4.30
C ARG A 62 -1.78 -14.99 5.51
N SER A 63 -1.75 -13.67 5.59
CA SER A 63 -2.38 -12.96 6.71
C SER A 63 -3.90 -13.15 6.69
N GLU A 64 -4.43 -13.67 7.78
CA GLU A 64 -5.87 -13.92 7.89
C GLU A 64 -6.49 -13.00 8.94
N GLN A 65 -6.03 -11.76 8.98
CA GLN A 65 -6.54 -10.78 9.95
C GLN A 65 -7.58 -9.87 9.30
N VAL A 66 -8.80 -9.92 9.81
CA VAL A 66 -9.89 -9.09 9.28
C VAL A 66 -10.39 -8.12 10.33
N PHE A 67 -11.17 -7.13 9.89
CA PHE A 67 -11.73 -6.13 10.79
C PHE A 67 -13.24 -6.27 10.89
N THR A 68 -13.78 -5.90 12.05
CA THR A 68 -15.23 -5.98 12.27
C THR A 68 -15.83 -4.59 12.47
N CYS A 69 -16.90 -4.31 11.74
CA CYS A 69 -17.57 -3.02 11.83
C CYS A 69 -18.08 -2.77 13.25
N SER A 70 -18.62 -1.58 13.48
CA SER A 70 -19.13 -1.21 14.80
C SER A 70 -20.64 -0.96 14.73
N VAL A 71 -21.20 -1.11 13.54
CA VAL A 71 -22.64 -0.90 13.36
C VAL A 71 -23.32 -2.16 12.84
N CYS A 72 -22.74 -2.75 11.80
CA CYS A 72 -23.28 -3.97 11.21
C CYS A 72 -22.33 -5.16 11.43
N GLN A 73 -21.19 -4.88 12.05
CA GLN A 73 -20.20 -5.92 12.31
C GLN A 73 -19.72 -6.56 11.01
N GLU A 74 -19.60 -5.75 9.97
CA GLU A 74 -19.15 -6.24 8.67
C GLU A 74 -17.74 -6.82 8.77
N THR A 75 -17.23 -7.31 7.64
CA THR A 75 -15.89 -7.88 7.60
C THR A 75 -15.03 -7.19 6.56
N PHE A 76 -13.83 -6.77 6.98
CA PHE A 76 -12.91 -6.09 6.08
C PHE A 76 -11.50 -6.66 6.22
N ARG A 77 -10.99 -7.22 5.14
CA ARG A 77 -9.64 -7.81 5.14
C ARG A 77 -8.62 -6.80 5.65
N ARG A 78 -8.86 -5.52 5.37
CA ARG A 78 -7.96 -4.47 5.80
C ARG A 78 -8.69 -3.41 6.62
N ARG A 79 -7.94 -2.51 7.24
CA ARG A 79 -8.52 -1.45 8.06
C ARG A 79 -9.11 -0.35 7.18
N MET A 80 -8.25 0.26 6.38
CA MET A 80 -8.67 1.34 5.48
C MET A 80 -10.07 1.08 4.95
N GLU A 81 -10.27 -0.10 4.36
CA GLU A 81 -11.57 -0.47 3.80
C GLU A 81 -12.69 -0.13 4.77
N LEU A 82 -12.52 -0.52 6.03
CA LEU A 82 -13.52 -0.24 7.05
C LEU A 82 -13.82 1.25 7.14
N ARG A 83 -12.78 2.05 7.12
CA ARG A 83 -12.91 3.51 7.19
C ARG A 83 -13.81 4.03 6.07
N LEU A 84 -13.61 3.50 4.87
CA LEU A 84 -14.39 3.91 3.71
C LEU A 84 -15.80 3.32 3.77
N HIS A 85 -15.99 2.36 4.67
CA HIS A 85 -17.29 1.71 4.83
C HIS A 85 -18.15 2.45 5.85
N MET A 86 -17.53 2.81 6.98
CA MET A 86 -18.23 3.51 8.04
C MET A 86 -18.98 4.71 7.50
N VAL A 87 -18.42 5.34 6.47
CA VAL A 87 -19.03 6.51 5.85
C VAL A 87 -20.49 6.22 5.49
N SER A 88 -20.78 4.98 5.15
CA SER A 88 -22.14 4.58 4.79
C SER A 88 -23.07 4.66 5.99
N HIS A 89 -22.51 4.49 7.18
CA HIS A 89 -23.29 4.54 8.41
C HIS A 89 -23.49 5.99 8.86
N THR A 90 -22.40 6.74 8.94
CA THR A 90 -22.46 8.14 9.35
C THR A 90 -23.09 9.01 8.27
N GLY A 91 -22.67 8.80 7.03
CA GLY A 91 -23.21 9.57 5.92
C GLY A 91 -22.13 10.04 4.96
N GLU A 92 -21.04 10.59 5.50
CA GLU A 92 -19.94 11.07 4.70
C GLU A 92 -18.68 11.24 5.52
N MET A 93 -17.53 11.28 4.86
CA MET A 93 -16.25 11.44 5.54
C MET A 93 -16.08 12.87 6.05
N PRO A 94 -15.37 13.01 7.18
CA PRO A 94 -15.12 14.31 7.79
C PRO A 94 -14.16 15.17 6.98
N TYR A 95 -13.09 14.55 6.49
CA TYR A 95 -12.10 15.26 5.69
C TYR A 95 -12.30 14.97 4.20
N LYS A 96 -12.01 15.97 3.37
CA LYS A 96 -12.15 15.83 1.92
C LYS A 96 -11.16 16.72 1.18
N CYS A 97 -10.61 16.22 0.08
CA CYS A 97 -9.66 16.97 -0.71
C CYS A 97 -10.35 18.07 -1.50
N SER A 98 -9.59 18.76 -2.34
CA SER A 98 -10.12 19.85 -3.16
C SER A 98 -9.87 19.59 -4.64
N SER A 99 -8.65 19.19 -4.96
CA SER A 99 -8.28 18.91 -6.35
C SER A 99 -8.95 17.64 -6.85
N CYS A 100 -8.86 16.58 -6.04
CA CYS A 100 -9.45 15.30 -6.40
C CYS A 100 -10.76 15.08 -5.64
N SER A 101 -10.97 15.87 -4.60
CA SER A 101 -12.18 15.76 -3.79
C SER A 101 -12.25 14.40 -3.09
N GLN A 102 -11.07 13.89 -2.72
CA GLN A 102 -10.99 12.60 -2.03
C GLN A 102 -11.67 12.66 -0.67
N GLN A 103 -11.57 11.57 0.08
CA GLN A 103 -12.17 11.49 1.41
C GLN A 103 -11.25 10.76 2.38
N PHE A 104 -11.28 11.17 3.65
CA PHE A 104 -10.46 10.56 4.67
C PHE A 104 -11.15 10.60 6.03
N MET A 105 -10.66 9.81 6.98
CA MET A 105 -11.23 9.76 8.32
C MET A 105 -10.45 10.67 9.27
N GLN A 106 -9.17 10.85 8.99
CA GLN A 106 -8.32 11.70 9.83
C GLN A 106 -7.78 12.88 9.03
N LYS A 107 -7.35 13.92 9.75
CA LYS A 107 -6.81 15.11 9.11
C LYS A 107 -5.42 14.84 8.54
N LYS A 108 -4.54 14.27 9.36
CA LYS A 108 -3.18 13.95 8.94
C LYS A 108 -3.19 13.07 7.70
N ASP A 109 -4.19 12.20 7.61
CA ASP A 109 -4.31 11.29 6.46
C ASP A 109 -4.48 12.08 5.16
N LEU A 110 -5.19 13.19 5.23
CA LEU A 110 -5.42 14.04 4.06
C LEU A 110 -4.18 14.87 3.74
N GLN A 111 -3.66 15.56 4.75
CA GLN A 111 -2.48 16.40 4.58
C GLN A 111 -1.38 15.64 3.83
N SER A 112 -1.08 14.43 4.30
CA SER A 112 -0.04 13.61 3.69
C SER A 112 -0.43 13.24 2.25
N HIS A 113 -1.69 12.87 2.07
CA HIS A 113 -2.19 12.50 0.75
C HIS A 113 -1.93 13.61 -0.27
N MET A 114 -2.11 14.85 0.17
CA MET A 114 -1.89 16.00 -0.70
C MET A 114 -0.41 16.30 -0.86
N ILE A 115 0.36 15.99 0.19
CA ILE A 115 1.80 16.23 0.17
C ILE A 115 2.51 15.20 -0.70
N LYS A 116 1.93 14.01 -0.79
CA LYS A 116 2.51 12.94 -1.59
C LYS A 116 2.01 13.00 -3.02
N LEU A 117 0.69 12.94 -3.19
CA LEU A 117 0.09 12.99 -4.51
C LEU A 117 0.05 14.42 -5.04
N HIS A 118 -0.52 15.32 -4.26
CA HIS A 118 -0.62 16.73 -4.66
C HIS A 118 0.64 17.49 -4.24
N SER A 119 1.78 16.82 -4.29
CA SER A 119 3.05 17.44 -3.91
C SER A 119 3.36 18.65 -4.81
N GLY A 120 2.83 19.80 -4.43
CA GLY A 120 3.05 21.00 -5.20
C GLY A 120 4.39 21.65 -4.89
N PRO A 121 5.10 22.09 -5.94
CA PRO A 121 6.42 22.72 -5.80
C PRO A 121 6.32 24.11 -5.17
N SER A 122 6.72 24.21 -3.91
CA SER A 122 6.69 25.48 -3.20
C SER A 122 7.97 26.27 -3.41
N SER A 123 7.98 27.12 -4.43
CA SER A 123 9.15 27.93 -4.75
C SER A 123 8.74 29.23 -5.45
N GLY A 124 8.97 30.35 -4.79
CA GLY A 124 8.63 31.64 -5.36
C GLY A 124 9.84 32.40 -5.84
ZN ZN B . 9.38 -5.37 -6.80
ZN ZN C . 11.52 -14.61 3.66
ZN ZN D . -21.02 -1.36 8.81
ZN ZN E . -6.36 14.81 -3.36
N GLY A 1 0.07 8.92 -4.52
CA GLY A 1 -0.71 7.75 -4.15
C GLY A 1 -0.85 6.76 -5.29
N SER A 2 -1.15 5.51 -4.96
CA SER A 2 -1.31 4.47 -5.96
C SER A 2 -2.75 3.97 -6.01
N SER A 3 -3.14 3.37 -7.13
CA SER A 3 -4.48 2.85 -7.30
C SER A 3 -4.46 1.38 -7.71
N GLY A 4 -5.57 0.69 -7.47
CA GLY A 4 -5.65 -0.71 -7.83
C GLY A 4 -6.61 -0.96 -8.98
N SER A 5 -6.25 -0.48 -10.16
CA SER A 5 -7.09 -0.65 -11.33
C SER A 5 -6.41 -1.56 -12.36
N SER A 6 -5.25 -1.12 -12.85
CA SER A 6 -4.51 -1.88 -13.84
C SER A 6 -3.37 -2.65 -13.18
N GLY A 7 -3.01 -3.80 -13.77
CA GLY A 7 -1.93 -4.60 -13.22
C GLY A 7 -0.72 -3.78 -12.83
N VAL A 8 0.18 -4.38 -12.08
CA VAL A 8 1.40 -3.70 -11.64
C VAL A 8 2.37 -3.52 -12.80
N GLU A 9 3.47 -2.83 -12.53
CA GLU A 9 4.49 -2.58 -13.55
C GLU A 9 5.89 -2.62 -12.94
N CYS A 10 6.86 -3.08 -13.73
CA CYS A 10 8.24 -3.17 -13.27
C CYS A 10 9.05 -1.97 -13.76
N PRO A 11 9.49 -1.13 -12.80
CA PRO A 11 10.28 0.06 -13.11
C PRO A 11 11.69 -0.28 -13.61
N THR A 12 11.94 -1.57 -13.81
CA THR A 12 13.23 -2.02 -14.29
C THR A 12 13.20 -2.34 -15.79
N CYS A 13 12.28 -3.20 -16.19
CA CYS A 13 12.13 -3.58 -17.59
C CYS A 13 10.75 -3.21 -18.11
N HIS A 14 10.05 -2.35 -17.37
CA HIS A 14 8.71 -1.92 -17.77
C HIS A 14 7.82 -3.11 -18.05
N LYS A 15 8.07 -4.22 -17.35
CA LYS A 15 7.28 -5.43 -17.53
C LYS A 15 6.12 -5.47 -16.55
N LYS A 16 4.90 -5.47 -17.08
CA LYS A 16 3.71 -5.51 -16.24
C LYS A 16 3.30 -6.95 -15.94
N PHE A 17 2.56 -7.13 -14.85
CA PHE A 17 2.11 -8.46 -14.45
C PHE A 17 0.66 -8.43 -13.96
N LEU A 18 0.14 -9.59 -13.60
CA LEU A 18 -1.24 -9.68 -13.11
C LEU A 18 -1.40 -8.94 -11.79
N SER A 19 -0.57 -9.30 -10.81
CA SER A 19 -0.63 -8.66 -9.49
C SER A 19 0.78 -8.47 -8.93
N LYS A 20 0.88 -7.65 -7.89
CA LYS A 20 2.16 -7.38 -7.25
C LYS A 20 2.93 -8.68 -7.02
N TYR A 21 2.32 -9.60 -6.30
CA TYR A 21 2.96 -10.89 -6.01
C TYR A 21 3.86 -11.32 -7.14
N TYR A 22 3.27 -11.60 -8.31
CA TYR A 22 4.03 -12.02 -9.47
C TYR A 22 5.20 -11.08 -9.74
N LEU A 23 4.92 -9.78 -9.74
CA LEU A 23 5.95 -8.77 -9.97
C LEU A 23 7.11 -8.94 -9.00
N LYS A 24 6.80 -8.87 -7.70
CA LYS A 24 7.82 -9.01 -6.66
C LYS A 24 8.76 -10.16 -6.99
N VAL A 25 8.21 -11.37 -7.12
CA VAL A 25 9.01 -12.55 -7.43
C VAL A 25 9.85 -12.32 -8.68
N HIS A 26 9.30 -11.58 -9.64
CA HIS A 26 9.99 -11.29 -10.88
C HIS A 26 11.14 -10.32 -10.66
N ASN A 27 10.81 -9.10 -10.26
CA ASN A 27 11.82 -8.07 -10.00
C ASN A 27 13.07 -8.69 -9.39
N ARG A 28 12.88 -9.56 -8.40
CA ARG A 28 13.99 -10.22 -7.73
C ARG A 28 15.13 -10.48 -8.70
N LYS A 29 14.80 -10.99 -9.88
CA LYS A 29 15.80 -11.29 -10.90
C LYS A 29 16.78 -10.13 -11.05
N HIS A 30 16.25 -8.94 -11.33
CA HIS A 30 17.08 -7.75 -11.50
C HIS A 30 18.06 -7.61 -10.34
N THR A 31 17.53 -7.71 -9.12
CA THR A 31 18.36 -7.59 -7.93
C THR A 31 17.92 -8.58 -6.85
N GLY A 32 18.89 -9.27 -6.26
CA GLY A 32 18.59 -10.24 -5.21
C GLY A 32 19.57 -10.18 -4.07
N GLU A 33 19.98 -8.97 -3.70
CA GLU A 33 20.93 -8.78 -2.60
C GLU A 33 20.21 -8.34 -1.33
N LYS A 34 20.71 -8.80 -0.19
CA LYS A 34 20.11 -8.44 1.09
C LYS A 34 21.02 -8.87 2.25
N PRO A 35 21.38 -7.91 3.11
CA PRO A 35 22.25 -8.17 4.27
C PRO A 35 21.55 -9.00 5.34
N PHE A 36 20.35 -8.58 5.73
CA PHE A 36 19.58 -9.29 6.74
C PHE A 36 18.12 -9.41 6.32
N GLU A 37 17.51 -10.56 6.64
CA GLU A 37 16.12 -10.81 6.31
C GLU A 37 15.37 -11.40 7.49
N CYS A 38 14.26 -10.76 7.87
CA CYS A 38 13.45 -11.24 8.99
C CYS A 38 13.31 -12.75 8.96
N PRO A 39 13.91 -13.42 9.95
CA PRO A 39 13.88 -14.89 10.06
C PRO A 39 12.49 -15.40 10.42
N LYS A 40 11.55 -14.47 10.62
CA LYS A 40 10.18 -14.83 10.97
C LYS A 40 9.30 -14.88 9.73
N CYS A 41 9.39 -13.86 8.89
CA CYS A 41 8.60 -13.79 7.67
C CYS A 41 9.49 -13.95 6.44
N GLY A 42 10.64 -13.27 6.46
CA GLY A 42 11.56 -13.35 5.33
C GLY A 42 11.65 -12.05 4.57
N LYS A 43 11.58 -10.93 5.29
CA LYS A 43 11.65 -9.62 4.67
C LYS A 43 13.07 -9.05 4.77
N CYS A 44 13.66 -8.75 3.61
CA CYS A 44 15.01 -8.21 3.57
C CYS A 44 15.02 -6.74 4.00
N TYR A 45 16.10 -6.34 4.66
CA TYR A 45 16.23 -4.97 5.13
C TYR A 45 17.69 -4.51 5.07
N PHE A 46 17.95 -3.50 4.26
CA PHE A 46 19.31 -2.97 4.11
C PHE A 46 19.93 -2.66 5.48
N ARG A 47 19.18 -1.94 6.30
CA ARG A 47 19.66 -1.59 7.64
C ARG A 47 19.14 -2.57 8.67
N LYS A 48 19.96 -2.82 9.71
CA LYS A 48 19.59 -3.74 10.78
C LYS A 48 18.49 -3.15 11.64
N GLU A 49 18.66 -1.90 12.04
CA GLU A 49 17.67 -1.22 12.88
C GLU A 49 16.25 -1.49 12.38
N ASN A 50 15.99 -1.09 11.14
CA ASN A 50 14.67 -1.29 10.55
C ASN A 50 14.18 -2.72 10.76
N LEU A 51 15.00 -3.68 10.34
CA LEU A 51 14.65 -5.09 10.48
C LEU A 51 14.15 -5.39 11.89
N LEU A 52 14.93 -4.98 12.88
CA LEU A 52 14.56 -5.21 14.28
C LEU A 52 13.25 -4.51 14.62
N GLU A 53 13.16 -3.22 14.30
CA GLU A 53 11.96 -2.45 14.56
C GLU A 53 10.73 -3.14 13.97
N HIS A 54 10.90 -3.72 12.78
CA HIS A 54 9.80 -4.40 12.10
C HIS A 54 9.37 -5.64 12.89
N GLU A 55 10.35 -6.39 13.39
CA GLU A 55 10.06 -7.59 14.16
C GLU A 55 9.12 -7.29 15.32
N ALA A 56 9.50 -6.34 16.16
CA ALA A 56 8.69 -5.95 17.31
C ALA A 56 7.46 -5.17 16.87
N ARG A 57 7.67 -4.15 16.05
CA ARG A 57 6.58 -3.32 15.55
C ARG A 57 5.49 -4.19 14.90
N ASN A 58 5.85 -4.85 13.81
CA ASN A 58 4.91 -5.70 13.09
C ASN A 58 5.63 -6.62 12.12
N CYS A 59 5.30 -7.90 12.15
CA CYS A 59 5.92 -8.88 11.27
C CYS A 59 4.92 -9.40 10.23
N MET A 60 5.32 -9.36 8.96
CA MET A 60 4.46 -9.83 7.88
C MET A 60 3.64 -11.03 8.32
N ASN A 61 2.43 -11.14 7.78
CA ASN A 61 1.55 -12.25 8.12
C ASN A 61 0.79 -12.74 6.89
N ARG A 62 0.02 -13.81 7.05
CA ARG A 62 -0.75 -14.38 5.95
C ARG A 62 -2.03 -13.57 5.71
N SER A 63 -2.68 -13.83 4.58
CA SER A 63 -3.91 -13.13 4.23
C SER A 63 -5.05 -13.51 5.19
N GLU A 64 -6.02 -12.61 5.32
CA GLU A 64 -7.15 -12.84 6.20
C GLU A 64 -8.47 -12.60 5.47
N GLN A 65 -9.58 -12.85 6.15
CA GLN A 65 -10.90 -12.66 5.57
C GLN A 65 -10.91 -11.46 4.62
N VAL A 66 -11.09 -11.74 3.33
CA VAL A 66 -11.11 -10.68 2.33
C VAL A 66 -12.48 -10.03 2.25
N PHE A 67 -12.58 -8.94 1.50
CA PHE A 67 -13.83 -8.22 1.33
C PHE A 67 -14.30 -8.25 -0.12
N THR A 68 -15.48 -7.71 -0.37
CA THR A 68 -16.04 -7.68 -1.71
C THR A 68 -16.77 -6.36 -1.97
N CYS A 69 -16.36 -5.66 -3.02
CA CYS A 69 -16.98 -4.39 -3.38
C CYS A 69 -18.48 -4.57 -3.64
N SER A 70 -19.21 -3.46 -3.52
CA SER A 70 -20.66 -3.50 -3.74
C SER A 70 -21.02 -2.92 -5.11
N VAL A 71 -20.02 -2.81 -5.98
CA VAL A 71 -20.22 -2.28 -7.32
C VAL A 71 -19.64 -3.22 -8.37
N CYS A 72 -18.42 -3.67 -8.13
CA CYS A 72 -17.74 -4.58 -9.05
C CYS A 72 -17.46 -5.93 -8.40
N GLN A 73 -17.61 -5.98 -7.07
CA GLN A 73 -17.36 -7.20 -6.33
C GLN A 73 -15.88 -7.51 -6.27
N GLU A 74 -15.06 -6.47 -6.26
CA GLU A 74 -13.61 -6.63 -6.20
C GLU A 74 -13.20 -7.44 -4.97
N THR A 75 -11.90 -7.57 -4.76
CA THR A 75 -11.37 -8.32 -3.62
C THR A 75 -10.37 -7.48 -2.84
N PHE A 76 -10.58 -7.39 -1.53
CA PHE A 76 -9.68 -6.62 -0.66
C PHE A 76 -9.35 -7.41 0.60
N ARG A 77 -8.07 -7.70 0.79
CA ARG A 77 -7.62 -8.44 1.97
C ARG A 77 -8.09 -7.76 3.25
N ARG A 78 -8.20 -6.45 3.21
CA ARG A 78 -8.64 -5.67 4.37
C ARG A 78 -9.83 -4.79 4.03
N ARG A 79 -10.44 -4.20 5.05
CA ARG A 79 -11.60 -3.33 4.85
C ARG A 79 -11.16 -1.96 4.32
N MET A 80 -10.34 -1.27 5.09
CA MET A 80 -9.85 0.04 4.70
C MET A 80 -9.59 0.10 3.20
N GLU A 81 -8.81 -0.85 2.69
CA GLU A 81 -8.49 -0.92 1.27
C GLU A 81 -9.74 -0.70 0.43
N LEU A 82 -10.80 -1.44 0.73
CA LEU A 82 -12.05 -1.34 0.00
C LEU A 82 -12.56 0.10 0.01
N ARG A 83 -12.42 0.77 1.14
CA ARG A 83 -12.86 2.15 1.29
C ARG A 83 -12.13 3.06 0.31
N LEU A 84 -10.82 2.88 0.19
CA LEU A 84 -10.00 3.68 -0.72
C LEU A 84 -10.29 3.32 -2.17
N HIS A 85 -10.96 2.19 -2.37
CA HIS A 85 -11.29 1.73 -3.72
C HIS A 85 -12.65 2.29 -4.17
N MET A 86 -13.63 2.24 -3.26
CA MET A 86 -14.96 2.75 -3.57
C MET A 86 -14.89 4.13 -4.19
N VAL A 87 -13.91 4.92 -3.78
CA VAL A 87 -13.73 6.27 -4.29
C VAL A 87 -13.75 6.27 -5.82
N SER A 88 -13.26 5.18 -6.42
CA SER A 88 -13.22 5.06 -7.87
C SER A 88 -14.63 4.99 -8.45
N HIS A 89 -15.55 4.44 -7.66
CA HIS A 89 -16.95 4.31 -8.09
C HIS A 89 -17.72 5.60 -7.86
N THR A 90 -17.67 6.10 -6.63
CA THR A 90 -18.36 7.33 -6.27
C THR A 90 -17.72 8.54 -6.94
N GLY A 91 -16.39 8.55 -6.97
CA GLY A 91 -15.68 9.66 -7.58
C GLY A 91 -14.44 10.06 -6.80
N GLU A 92 -14.65 10.57 -5.59
CA GLU A 92 -13.54 10.99 -4.74
C GLU A 92 -13.94 10.94 -3.27
N MET A 93 -12.95 11.08 -2.39
CA MET A 93 -13.20 11.06 -0.95
C MET A 93 -13.70 12.41 -0.47
N PRO A 94 -14.51 12.40 0.60
CA PRO A 94 -15.07 13.62 1.19
C PRO A 94 -14.02 14.48 1.87
N TYR A 95 -13.16 13.84 2.66
CA TYR A 95 -12.11 14.55 3.39
C TYR A 95 -10.81 14.54 2.58
N LYS A 96 -10.02 15.59 2.73
CA LYS A 96 -8.76 15.72 2.02
C LYS A 96 -7.79 16.63 2.79
N CYS A 97 -6.51 16.29 2.74
CA CYS A 97 -5.49 17.07 3.42
C CYS A 97 -5.08 18.29 2.59
N SER A 98 -4.12 19.05 3.10
CA SER A 98 -3.64 20.24 2.39
C SER A 98 -2.14 20.13 2.12
N SER A 99 -1.38 19.75 3.14
CA SER A 99 0.06 19.61 3.01
C SER A 99 0.42 18.49 2.04
N CYS A 100 -0.16 17.31 2.27
CA CYS A 100 0.10 16.16 1.41
C CYS A 100 -1.02 15.98 0.40
N SER A 101 -2.18 16.53 0.70
CA SER A 101 -3.34 16.42 -0.19
C SER A 101 -3.92 15.02 -0.16
N GLN A 102 -3.70 14.31 0.94
CA GLN A 102 -4.19 12.96 1.10
C GLN A 102 -5.73 12.93 1.04
N GLN A 103 -6.30 11.76 1.28
CA GLN A 103 -7.75 11.60 1.25
C GLN A 103 -8.23 10.68 2.37
N PHE A 104 -9.47 10.84 2.78
CA PHE A 104 -10.04 10.02 3.84
C PHE A 104 -11.56 9.93 3.71
N MET A 105 -12.14 8.91 4.32
CA MET A 105 -13.59 8.71 4.27
C MET A 105 -14.26 9.31 5.50
N GLN A 106 -13.52 9.38 6.60
CA GLN A 106 -14.05 9.94 7.84
C GLN A 106 -13.33 11.24 8.21
N LYS A 107 -13.91 11.99 9.14
CA LYS A 107 -13.33 13.25 9.58
C LYS A 107 -12.22 12.99 10.60
N LYS A 108 -12.48 12.11 11.56
CA LYS A 108 -11.50 11.78 12.58
C LYS A 108 -10.24 11.17 11.97
N ASP A 109 -10.41 10.46 10.86
CA ASP A 109 -9.30 9.84 10.17
C ASP A 109 -8.31 10.88 9.68
N LEU A 110 -8.83 12.01 9.22
CA LEU A 110 -7.98 13.09 8.72
C LEU A 110 -7.35 13.87 9.87
N GLN A 111 -8.19 14.30 10.82
CA GLN A 111 -7.71 15.05 11.97
C GLN A 111 -6.53 14.35 12.63
N SER A 112 -6.69 13.07 12.93
CA SER A 112 -5.64 12.29 13.55
C SER A 112 -4.43 12.17 12.65
N HIS A 113 -4.68 12.05 11.35
CA HIS A 113 -3.60 11.93 10.36
C HIS A 113 -2.74 13.18 10.37
N MET A 114 -3.37 14.35 10.47
CA MET A 114 -2.65 15.61 10.48
C MET A 114 -1.97 15.84 11.83
N ILE A 115 -2.51 15.24 12.87
CA ILE A 115 -1.96 15.37 14.22
C ILE A 115 -0.78 14.42 14.43
N LYS A 116 -0.79 13.31 13.68
CA LYS A 116 0.27 12.33 13.77
C LYS A 116 1.37 12.61 12.75
N LEU A 117 0.99 12.61 11.47
CA LEU A 117 1.93 12.87 10.39
C LEU A 117 2.34 14.34 10.36
N HIS A 118 1.36 15.22 10.38
CA HIS A 118 1.61 16.66 10.36
C HIS A 118 1.57 17.24 11.77
N SER A 119 2.06 16.47 12.74
CA SER A 119 2.07 16.91 14.14
C SER A 119 2.40 18.40 14.23
N GLY A 120 3.56 18.78 13.70
CA GLY A 120 3.98 20.17 13.74
C GLY A 120 5.48 20.33 13.79
N PRO A 121 6.00 21.29 13.01
CA PRO A 121 7.44 21.57 12.95
C PRO A 121 7.98 22.17 14.24
N SER A 122 8.97 21.53 14.83
CA SER A 122 9.57 22.00 16.08
C SER A 122 10.37 23.27 15.84
N SER A 123 11.19 23.26 14.79
CA SER A 123 12.02 24.42 14.46
C SER A 123 11.56 25.05 13.14
N GLY A 124 11.87 26.32 12.98
CA GLY A 124 11.49 27.04 11.77
C GLY A 124 12.52 28.06 11.35
ZN ZN B . 11.60 -6.41 -14.57
ZN ZN C . 9.02 -10.12 9.94
ZN ZN D . -15.54 -1.70 -6.96
ZN ZN E . -1.59 15.13 5.29
N GLY A 1 -17.71 -6.91 -20.95
CA GLY A 1 -17.45 -7.37 -22.29
C GLY A 1 -16.12 -8.10 -22.41
N SER A 2 -15.06 -7.33 -22.65
CA SER A 2 -13.72 -7.90 -22.77
C SER A 2 -12.87 -7.59 -21.55
N SER A 3 -12.87 -6.32 -21.15
CA SER A 3 -12.09 -5.89 -19.99
C SER A 3 -12.77 -4.70 -19.30
N GLY A 4 -13.04 -4.86 -18.01
CA GLY A 4 -13.67 -3.80 -17.25
C GLY A 4 -13.47 -3.95 -15.75
N SER A 5 -12.27 -4.33 -15.35
CA SER A 5 -11.96 -4.52 -13.94
C SER A 5 -11.03 -3.42 -13.43
N SER A 6 -11.41 -2.79 -12.33
CA SER A 6 -10.62 -1.72 -11.74
C SER A 6 -9.22 -2.20 -11.39
N GLY A 7 -8.22 -1.39 -11.72
CA GLY A 7 -6.84 -1.77 -11.44
C GLY A 7 -6.37 -1.23 -10.10
N VAL A 8 -5.13 -1.57 -9.73
CA VAL A 8 -4.56 -1.13 -8.46
C VAL A 8 -4.04 0.31 -8.58
N GLU A 9 -3.60 0.86 -7.45
CA GLU A 9 -3.08 2.22 -7.41
C GLU A 9 -1.87 2.32 -6.49
N CYS A 10 -0.87 3.08 -6.91
CA CYS A 10 0.34 3.26 -6.12
C CYS A 10 0.17 4.41 -5.13
N PRO A 11 0.21 4.08 -3.83
CA PRO A 11 0.08 5.06 -2.76
C PRO A 11 1.29 6.00 -2.65
N THR A 12 2.22 5.84 -3.60
CA THR A 12 3.42 6.66 -3.61
C THR A 12 3.30 7.78 -4.65
N CYS A 13 3.00 7.41 -5.89
CA CYS A 13 2.86 8.37 -6.96
C CYS A 13 1.44 8.36 -7.53
N HIS A 14 0.55 7.64 -6.86
CA HIS A 14 -0.84 7.55 -7.30
C HIS A 14 -0.93 6.96 -8.69
N LYS A 15 0.09 6.17 -9.06
CA LYS A 15 0.12 5.53 -10.37
C LYS A 15 -0.63 4.22 -10.36
N LYS A 16 -1.65 4.11 -11.20
CA LYS A 16 -2.46 2.89 -11.29
C LYS A 16 -1.96 1.99 -12.41
N PHE A 17 -2.27 0.70 -12.31
CA PHE A 17 -1.85 -0.26 -13.32
C PHE A 17 -2.98 -1.23 -13.64
N LEU A 18 -2.75 -2.09 -14.64
CA LEU A 18 -3.76 -3.06 -15.05
C LEU A 18 -3.85 -4.20 -14.05
N SER A 19 -2.72 -4.58 -13.48
CA SER A 19 -2.67 -5.66 -12.50
C SER A 19 -1.67 -5.36 -11.40
N LYS A 20 -1.84 -6.01 -10.25
CA LYS A 20 -0.95 -5.80 -9.11
C LYS A 20 0.50 -6.09 -9.50
N TYR A 21 0.73 -7.23 -10.14
CA TYR A 21 2.06 -7.62 -10.57
C TYR A 21 2.87 -6.40 -11.01
N TYR A 22 2.31 -5.65 -11.96
CA TYR A 22 2.97 -4.46 -12.48
C TYR A 22 3.23 -3.46 -11.36
N LEU A 23 2.24 -3.26 -10.50
CA LEU A 23 2.36 -2.32 -9.39
C LEU A 23 3.56 -2.68 -8.51
N LYS A 24 3.73 -3.96 -8.24
CA LYS A 24 4.84 -4.43 -7.40
C LYS A 24 6.18 -4.07 -8.04
N VAL A 25 6.45 -4.65 -9.20
CA VAL A 25 7.70 -4.38 -9.91
C VAL A 25 7.98 -2.88 -10.00
N HIS A 26 6.92 -2.09 -10.14
CA HIS A 26 7.05 -0.64 -10.23
C HIS A 26 7.44 -0.05 -8.89
N ASN A 27 6.58 -0.21 -7.89
CA ASN A 27 6.83 0.31 -6.55
C ASN A 27 8.29 0.08 -6.15
N ARG A 28 8.73 -1.17 -6.26
CA ARG A 28 10.10 -1.52 -5.91
C ARG A 28 11.06 -0.39 -6.24
N LYS A 29 10.84 0.25 -7.40
CA LYS A 29 11.68 1.35 -7.83
C LYS A 29 11.76 2.43 -6.78
N HIS A 30 10.60 2.86 -6.28
CA HIS A 30 10.54 3.89 -5.25
C HIS A 30 11.61 3.67 -4.18
N THR A 31 11.73 2.42 -3.74
CA THR A 31 12.71 2.07 -2.71
C THR A 31 13.35 0.71 -3.01
N GLY A 32 14.66 0.70 -3.18
CA GLY A 32 15.37 -0.54 -3.45
C GLY A 32 14.97 -1.66 -2.51
N GLU A 33 14.33 -2.68 -3.05
CA GLU A 33 13.90 -3.82 -2.25
C GLU A 33 15.05 -4.81 -2.05
N LYS A 34 15.02 -5.51 -0.92
CA LYS A 34 16.06 -6.49 -0.61
C LYS A 34 16.04 -7.64 -1.61
N PRO A 35 17.22 -8.00 -2.12
CA PRO A 35 17.36 -9.09 -3.09
C PRO A 35 17.11 -10.46 -2.47
N PHE A 36 16.77 -10.46 -1.18
CA PHE A 36 16.50 -11.71 -0.47
C PHE A 36 15.40 -11.52 0.56
N GLU A 37 14.74 -12.62 0.93
CA GLU A 37 13.67 -12.57 1.92
C GLU A 37 13.30 -13.97 2.39
N CYS A 38 13.14 -14.12 3.70
CA CYS A 38 12.79 -15.41 4.29
C CYS A 38 11.60 -16.04 3.56
N PRO A 39 11.87 -17.12 2.82
CA PRO A 39 10.83 -17.84 2.06
C PRO A 39 9.86 -18.58 2.97
N LYS A 40 10.06 -18.45 4.27
CA LYS A 40 9.19 -19.10 5.25
C LYS A 40 8.16 -18.12 5.80
N CYS A 41 8.58 -16.90 6.04
CA CYS A 41 7.69 -15.87 6.56
C CYS A 41 7.61 -14.69 5.60
N GLY A 42 8.75 -14.26 5.07
CA GLY A 42 8.78 -13.15 4.15
C GLY A 42 9.54 -11.96 4.69
N LYS A 43 10.56 -12.23 5.50
CA LYS A 43 11.38 -11.18 6.10
C LYS A 43 12.59 -10.87 5.22
N CYS A 44 12.59 -9.69 4.61
CA CYS A 44 13.70 -9.28 3.75
C CYS A 44 15.00 -9.20 4.53
N TYR A 45 16.11 -9.18 3.81
CA TYR A 45 17.44 -9.12 4.44
C TYR A 45 18.50 -8.70 3.43
N PHE A 46 19.27 -7.68 3.78
CA PHE A 46 20.33 -7.18 2.91
C PHE A 46 21.33 -8.29 2.59
N ARG A 47 21.89 -8.90 3.64
CA ARG A 47 22.86 -9.97 3.47
C ARG A 47 22.23 -11.34 3.74
N LYS A 48 22.41 -12.26 2.81
CA LYS A 48 21.86 -13.60 2.96
C LYS A 48 22.31 -14.24 4.27
N GLU A 49 23.59 -14.13 4.57
CA GLU A 49 24.15 -14.70 5.79
C GLU A 49 23.25 -14.40 6.98
N ASN A 50 22.80 -13.15 7.09
CA ASN A 50 21.93 -12.73 8.18
C ASN A 50 20.58 -13.44 8.10
N LEU A 51 19.99 -13.43 6.92
CA LEU A 51 18.70 -14.07 6.71
C LEU A 51 18.71 -15.52 7.20
N LEU A 52 19.68 -16.29 6.72
CA LEU A 52 19.82 -17.69 7.11
C LEU A 52 19.71 -17.84 8.62
N GLU A 53 20.40 -16.97 9.36
CA GLU A 53 20.38 -17.01 10.81
C GLU A 53 18.94 -16.92 11.33
N HIS A 54 18.26 -15.83 10.98
CA HIS A 54 16.89 -15.61 11.41
C HIS A 54 16.07 -16.89 11.28
N GLU A 55 16.08 -17.48 10.08
CA GLU A 55 15.34 -18.70 9.82
C GLU A 55 15.39 -19.63 11.02
N ALA A 56 16.57 -19.79 11.60
CA ALA A 56 16.75 -20.64 12.77
C ALA A 56 16.42 -19.90 14.05
N ARG A 57 16.92 -18.67 14.17
CA ARG A 57 16.67 -17.86 15.35
C ARG A 57 15.18 -17.73 15.63
N ASN A 58 14.46 -17.12 14.69
CA ASN A 58 13.02 -16.92 14.81
C ASN A 58 12.34 -16.88 13.46
N CYS A 59 11.04 -17.14 13.44
CA CYS A 59 10.27 -17.14 12.20
C CYS A 59 8.79 -17.34 12.47
N MET A 60 8.01 -16.30 12.23
CA MET A 60 6.57 -16.36 12.46
C MET A 60 5.96 -17.61 11.80
N ASN A 61 4.82 -18.04 12.31
CA ASN A 61 4.14 -19.21 11.77
C ASN A 61 3.27 -18.84 10.57
N ARG A 62 3.35 -19.65 9.52
CA ARG A 62 2.56 -19.40 8.32
C ARG A 62 1.14 -19.02 8.66
N SER A 63 0.71 -17.85 8.21
CA SER A 63 -0.65 -17.37 8.48
C SER A 63 -0.93 -16.08 7.71
N GLU A 64 -2.10 -16.02 7.08
CA GLU A 64 -2.49 -14.85 6.32
C GLU A 64 -3.49 -13.99 7.09
N GLN A 65 -3.00 -12.92 7.71
CA GLN A 65 -3.85 -12.03 8.49
C GLN A 65 -4.62 -11.09 7.57
N VAL A 66 -5.92 -11.32 7.47
CA VAL A 66 -6.77 -10.48 6.63
C VAL A 66 -7.81 -9.74 7.46
N PHE A 67 -8.48 -8.77 6.84
CA PHE A 67 -9.49 -7.98 7.53
C PHE A 67 -10.87 -8.23 6.92
N THR A 68 -11.91 -8.05 7.74
CA THR A 68 -13.28 -8.25 7.28
C THR A 68 -14.08 -6.96 7.34
N CYS A 69 -14.74 -6.61 6.25
CA CYS A 69 -15.54 -5.39 6.18
C CYS A 69 -16.59 -5.38 7.28
N SER A 70 -17.28 -4.25 7.42
CA SER A 70 -18.30 -4.09 8.44
C SER A 70 -19.67 -3.89 7.81
N VAL A 71 -19.76 -4.15 6.50
CA VAL A 71 -21.01 -4.00 5.78
C VAL A 71 -21.28 -5.21 4.89
N CYS A 72 -20.25 -5.65 4.17
CA CYS A 72 -20.37 -6.79 3.27
C CYS A 72 -19.46 -7.94 3.73
N GLN A 73 -18.67 -7.67 4.77
CA GLN A 73 -17.76 -8.68 5.30
C GLN A 73 -16.74 -9.10 4.25
N GLU A 74 -16.25 -8.13 3.49
CA GLU A 74 -15.27 -8.40 2.44
C GLU A 74 -13.96 -8.91 3.05
N THR A 75 -12.95 -9.08 2.19
CA THR A 75 -11.65 -9.57 2.64
C THR A 75 -10.53 -8.65 2.17
N PHE A 76 -9.70 -8.21 3.11
CA PHE A 76 -8.59 -7.32 2.79
C PHE A 76 -7.31 -7.79 3.47
N ARG A 77 -6.33 -8.20 2.67
CA ARG A 77 -5.06 -8.67 3.21
C ARG A 77 -4.45 -7.65 4.16
N ARG A 78 -4.87 -6.40 4.02
CA ARG A 78 -4.37 -5.33 4.88
C ARG A 78 -5.52 -4.45 5.37
N ARG A 79 -5.23 -3.61 6.38
CA ARG A 79 -6.23 -2.73 6.94
C ARG A 79 -6.54 -1.57 5.99
N MET A 80 -5.54 -0.74 5.73
CA MET A 80 -5.71 0.41 4.84
C MET A 80 -6.69 0.07 3.72
N GLU A 81 -6.43 -1.02 3.02
CA GLU A 81 -7.28 -1.44 1.91
C GLU A 81 -8.75 -1.38 2.32
N LEU A 82 -9.07 -1.92 3.48
CA LEU A 82 -10.44 -1.93 3.98
C LEU A 82 -10.99 -0.50 4.07
N ARG A 83 -10.14 0.42 4.49
CA ARG A 83 -10.54 1.82 4.63
C ARG A 83 -10.92 2.40 3.28
N LEU A 84 -10.09 2.14 2.26
CA LEU A 84 -10.35 2.65 0.92
C LEU A 84 -11.58 1.98 0.31
N HIS A 85 -11.95 0.83 0.85
CA HIS A 85 -13.12 0.09 0.36
C HIS A 85 -14.39 0.60 1.02
N MET A 86 -14.30 0.88 2.32
CA MET A 86 -15.45 1.36 3.07
C MET A 86 -16.13 2.52 2.35
N VAL A 87 -15.38 3.18 1.46
CA VAL A 87 -15.91 4.29 0.70
C VAL A 87 -17.18 3.90 -0.05
N SER A 88 -17.26 2.63 -0.44
CA SER A 88 -18.42 2.13 -1.17
C SER A 88 -19.62 2.00 -0.25
N HIS A 89 -19.38 2.07 1.05
CA HIS A 89 -20.45 1.96 2.04
C HIS A 89 -20.74 3.32 2.68
N THR A 90 -19.71 4.14 2.81
CA THR A 90 -19.86 5.48 3.40
C THR A 90 -20.36 6.48 2.36
N GLY A 91 -19.91 6.31 1.12
CA GLY A 91 -20.33 7.21 0.06
C GLY A 91 -19.17 8.00 -0.53
N GLU A 92 -18.19 8.32 0.33
CA GLU A 92 -17.02 9.08 -0.11
C GLU A 92 -16.00 9.21 1.02
N MET A 93 -14.72 9.16 0.67
CA MET A 93 -13.66 9.26 1.64
C MET A 93 -13.86 10.49 2.54
N PRO A 94 -13.32 10.42 3.77
CA PRO A 94 -13.44 11.51 4.74
C PRO A 94 -12.60 12.72 4.34
N TYR A 95 -11.35 12.49 3.97
CA TYR A 95 -10.46 13.57 3.56
C TYR A 95 -10.51 13.79 2.05
N LYS A 96 -10.35 15.04 1.64
CA LYS A 96 -10.38 15.39 0.23
C LYS A 96 -9.54 16.63 -0.05
N CYS A 97 -8.87 16.65 -1.19
CA CYS A 97 -8.03 17.77 -1.57
C CYS A 97 -8.87 18.92 -2.11
N SER A 98 -8.20 19.97 -2.58
CA SER A 98 -8.90 21.14 -3.12
C SER A 98 -8.39 21.47 -4.52
N SER A 99 -7.08 21.39 -4.71
CA SER A 99 -6.47 21.69 -5.99
C SER A 99 -6.77 20.58 -7.00
N CYS A 100 -6.72 19.33 -6.53
CA CYS A 100 -6.97 18.18 -7.38
C CYS A 100 -8.26 17.47 -6.97
N SER A 101 -8.78 17.85 -5.80
CA SER A 101 -10.01 17.25 -5.28
C SER A 101 -9.81 15.77 -4.98
N GLN A 102 -8.56 15.39 -4.72
CA GLN A 102 -8.23 14.00 -4.43
C GLN A 102 -8.99 13.52 -3.19
N GLN A 103 -8.67 12.30 -2.75
CA GLN A 103 -9.33 11.72 -1.58
C GLN A 103 -8.34 10.91 -0.76
N PHE A 104 -8.61 10.80 0.54
CA PHE A 104 -7.75 10.05 1.44
C PHE A 104 -8.54 9.50 2.63
N MET A 105 -7.95 8.56 3.35
CA MET A 105 -8.58 7.96 4.51
C MET A 105 -8.06 8.58 5.80
N GLN A 106 -6.84 9.08 5.75
CA GLN A 106 -6.22 9.70 6.92
C GLN A 106 -5.85 11.15 6.64
N LYS A 107 -5.79 11.95 7.70
CA LYS A 107 -5.44 13.36 7.56
C LYS A 107 -3.99 13.53 7.15
N LYS A 108 -3.09 12.88 7.88
CA LYS A 108 -1.66 12.95 7.58
C LYS A 108 -1.38 12.50 6.15
N ASP A 109 -2.25 11.65 5.62
CA ASP A 109 -2.09 11.14 4.26
C ASP A 109 -2.38 12.25 3.24
N LEU A 110 -3.25 13.17 3.60
CA LEU A 110 -3.61 14.27 2.71
C LEU A 110 -2.60 15.40 2.82
N GLN A 111 -2.22 15.75 4.04
CA GLN A 111 -1.25 16.82 4.27
C GLN A 111 0.03 16.57 3.49
N SER A 112 0.59 15.37 3.65
CA SER A 112 1.83 15.01 2.96
C SER A 112 1.65 15.09 1.45
N HIS A 113 0.49 14.62 0.97
CA HIS A 113 0.19 14.64 -0.45
C HIS A 113 0.26 16.05 -1.00
N MET A 114 -0.23 17.01 -0.22
CA MET A 114 -0.22 18.41 -0.64
C MET A 114 1.17 19.02 -0.46
N ILE A 115 1.97 18.42 0.40
CA ILE A 115 3.32 18.92 0.66
C ILE A 115 4.30 18.37 -0.37
N LYS A 116 3.98 17.22 -0.95
CA LYS A 116 4.83 16.59 -1.95
C LYS A 116 4.42 17.02 -3.35
N LEU A 117 3.16 16.80 -3.69
CA LEU A 117 2.63 17.15 -5.01
C LEU A 117 2.33 18.65 -5.08
N HIS A 118 1.54 19.13 -4.12
CA HIS A 118 1.18 20.54 -4.07
C HIS A 118 2.21 21.34 -3.27
N SER A 119 3.46 20.91 -3.33
CA SER A 119 4.53 21.59 -2.61
C SER A 119 4.29 23.10 -2.57
N GLY A 120 4.09 23.70 -3.73
CA GLY A 120 3.85 25.13 -3.80
C GLY A 120 2.73 25.49 -4.75
N PRO A 121 1.98 26.55 -4.41
CA PRO A 121 0.86 27.01 -5.24
C PRO A 121 1.31 27.63 -6.55
N SER A 122 2.63 27.66 -6.76
CA SER A 122 3.20 28.24 -7.97
C SER A 122 2.86 27.39 -9.19
N SER A 123 2.30 28.02 -10.21
CA SER A 123 1.92 27.31 -11.43
C SER A 123 1.64 28.30 -12.56
N GLY A 124 1.96 27.89 -13.78
CA GLY A 124 1.75 28.74 -14.93
C GLY A 124 2.71 28.46 -16.06
ZN ZN B . 4.70 4.67 -7.66
ZN ZN C . 11.43 -16.23 8.67
ZN ZN D . -17.71 -3.71 2.20
ZN ZN E . -4.10 17.31 -4.24
N GLY A 1 3.65 -31.26 -32.67
CA GLY A 1 3.68 -32.19 -31.56
C GLY A 1 3.97 -31.52 -30.23
N SER A 2 5.19 -31.00 -30.10
CA SER A 2 5.60 -30.33 -28.88
C SER A 2 5.65 -28.81 -29.07
N SER A 3 4.84 -28.10 -28.29
CA SER A 3 4.78 -26.65 -28.38
C SER A 3 5.03 -26.01 -27.01
N GLY A 4 6.26 -25.56 -26.80
CA GLY A 4 6.61 -24.95 -25.54
C GLY A 4 6.62 -23.43 -25.62
N SER A 5 5.46 -22.82 -25.47
CA SER A 5 5.34 -21.37 -25.54
C SER A 5 4.28 -20.86 -24.56
N SER A 6 4.57 -19.74 -23.91
CA SER A 6 3.64 -19.15 -22.95
C SER A 6 3.94 -17.67 -22.75
N GLY A 7 3.13 -17.01 -21.91
CA GLY A 7 3.32 -15.60 -21.64
C GLY A 7 4.71 -15.30 -21.10
N VAL A 8 4.89 -14.09 -20.59
CA VAL A 8 6.17 -13.67 -20.05
C VAL A 8 6.44 -14.34 -18.70
N GLU A 9 7.68 -14.23 -18.24
CA GLU A 9 8.07 -14.82 -16.95
C GLU A 9 8.95 -13.87 -16.16
N CYS A 10 8.80 -13.90 -14.83
CA CYS A 10 9.58 -13.05 -13.96
C CYS A 10 10.80 -13.78 -13.42
N PRO A 11 11.99 -13.34 -13.83
CA PRO A 11 13.26 -13.94 -13.40
C PRO A 11 13.55 -13.68 -11.94
N THR A 12 12.57 -13.16 -11.21
CA THR A 12 12.72 -12.87 -9.80
C THR A 12 12.00 -13.89 -8.94
N CYS A 13 10.69 -14.01 -9.14
CA CYS A 13 9.88 -14.96 -8.38
C CYS A 13 9.31 -16.04 -9.30
N HIS A 14 9.79 -16.07 -10.54
CA HIS A 14 9.31 -17.05 -11.51
C HIS A 14 7.81 -16.92 -11.72
N LYS A 15 7.30 -15.71 -11.57
CA LYS A 15 5.87 -15.46 -11.74
C LYS A 15 5.57 -15.02 -13.17
N LYS A 16 4.84 -15.86 -13.90
CA LYS A 16 4.48 -15.56 -15.28
C LYS A 16 3.22 -14.70 -15.34
N PHE A 17 3.02 -14.04 -16.47
CA PHE A 17 1.86 -13.17 -16.65
C PHE A 17 1.29 -13.31 -18.07
N LEU A 18 0.03 -12.95 -18.23
CA LEU A 18 -0.64 -13.04 -19.52
C LEU A 18 -0.04 -12.04 -20.50
N SER A 19 0.26 -10.84 -20.01
CA SER A 19 0.82 -9.79 -20.85
C SER A 19 1.97 -9.08 -20.12
N LYS A 20 2.84 -8.43 -20.89
CA LYS A 20 3.97 -7.70 -20.33
C LYS A 20 3.49 -6.63 -19.35
N TYR A 21 2.53 -5.82 -19.79
CA TYR A 21 1.99 -4.75 -18.97
C TYR A 21 1.93 -5.18 -17.50
N TYR A 22 1.24 -6.29 -17.25
CA TYR A 22 1.10 -6.80 -15.89
C TYR A 22 2.47 -7.10 -15.27
N LEU A 23 3.39 -7.57 -16.10
CA LEU A 23 4.73 -7.91 -15.65
C LEU A 23 5.49 -6.65 -15.21
N LYS A 24 5.66 -5.73 -16.16
CA LYS A 24 6.37 -4.48 -15.88
C LYS A 24 5.84 -3.83 -14.61
N VAL A 25 4.53 -3.96 -14.38
CA VAL A 25 3.90 -3.39 -13.19
C VAL A 25 4.22 -4.21 -11.96
N HIS A 26 4.24 -5.53 -12.12
CA HIS A 26 4.53 -6.43 -11.01
C HIS A 26 5.99 -6.31 -10.57
N ASN A 27 6.91 -6.47 -11.52
CA ASN A 27 8.33 -6.37 -11.23
C ASN A 27 8.64 -5.11 -10.42
N ARG A 28 8.02 -4.00 -10.79
CA ARG A 28 8.23 -2.74 -10.10
C ARG A 28 8.38 -2.97 -8.60
N LYS A 29 7.56 -3.87 -8.05
CA LYS A 29 7.60 -4.18 -6.63
C LYS A 29 8.97 -4.71 -6.23
N HIS A 30 9.51 -5.62 -7.04
CA HIS A 30 10.82 -6.21 -6.76
C HIS A 30 11.87 -5.12 -6.62
N THR A 31 12.29 -4.55 -7.75
CA THR A 31 13.30 -3.50 -7.75
C THR A 31 12.98 -2.42 -6.72
N GLY A 32 14.02 -1.83 -6.14
CA GLY A 32 13.82 -0.79 -5.15
C GLY A 32 14.98 -0.69 -4.18
N GLU A 33 14.77 0.03 -3.08
CA GLU A 33 15.80 0.21 -2.07
C GLU A 33 15.60 -0.75 -0.90
N LYS A 34 16.68 -1.40 -0.47
CA LYS A 34 16.61 -2.33 0.63
C LYS A 34 18.01 -2.80 1.03
N PRO A 35 18.36 -2.59 2.31
CA PRO A 35 19.66 -2.98 2.85
C PRO A 35 19.82 -4.49 2.95
N PHE A 36 18.83 -5.15 3.55
CA PHE A 36 18.85 -6.60 3.71
C PHE A 36 17.52 -7.21 3.30
N GLU A 37 17.53 -8.52 3.06
CA GLU A 37 16.32 -9.23 2.66
C GLU A 37 16.42 -10.71 2.99
N CYS A 38 15.39 -11.24 3.64
CA CYS A 38 15.35 -12.64 4.02
C CYS A 38 15.59 -13.55 2.81
N PRO A 39 16.74 -14.24 2.81
CA PRO A 39 17.11 -15.14 1.71
C PRO A 39 16.24 -16.39 1.68
N LYS A 40 15.28 -16.47 2.60
CA LYS A 40 14.38 -17.61 2.68
C LYS A 40 13.05 -17.30 1.98
N CYS A 41 12.51 -16.12 2.25
CA CYS A 41 11.25 -15.70 1.66
C CYS A 41 11.45 -14.52 0.72
N GLY A 42 12.27 -13.56 1.15
CA GLY A 42 12.54 -12.39 0.33
C GLY A 42 11.83 -11.15 0.84
N LYS A 43 11.76 -11.01 2.16
CA LYS A 43 11.11 -9.86 2.78
C LYS A 43 12.14 -8.83 3.22
N CYS A 44 12.10 -7.66 2.58
CA CYS A 44 13.03 -6.58 2.91
C CYS A 44 12.87 -6.15 4.36
N TYR A 45 13.94 -5.58 4.93
CA TYR A 45 13.92 -5.13 6.31
C TYR A 45 14.93 -4.01 6.53
N PHE A 46 14.43 -2.82 6.85
CA PHE A 46 15.28 -1.67 7.09
C PHE A 46 16.52 -2.07 7.90
N ARG A 47 16.30 -2.64 9.07
CA ARG A 47 17.39 -3.06 9.94
C ARG A 47 17.51 -4.59 9.96
N LYS A 48 18.73 -5.08 10.13
CA LYS A 48 18.98 -6.51 10.17
C LYS A 48 18.40 -7.13 11.43
N GLU A 49 18.61 -6.48 12.56
CA GLU A 49 18.11 -6.96 13.84
C GLU A 49 16.76 -7.67 13.66
N ASN A 50 15.81 -6.96 13.07
CA ASN A 50 14.48 -7.51 12.83
C ASN A 50 14.56 -8.73 11.92
N LEU A 51 15.33 -8.62 10.85
CA LEU A 51 15.48 -9.72 9.89
C LEU A 51 15.91 -11.00 10.61
N LEU A 52 16.87 -10.87 11.52
CA LEU A 52 17.37 -12.02 12.27
C LEU A 52 16.23 -12.71 13.02
N GLU A 53 15.40 -11.91 13.69
CA GLU A 53 14.28 -12.43 14.45
C GLU A 53 13.27 -13.11 13.53
N HIS A 54 12.64 -12.33 12.67
CA HIS A 54 11.65 -12.85 11.74
C HIS A 54 12.04 -14.24 11.25
N GLU A 55 13.34 -14.43 11.03
CA GLU A 55 13.85 -15.72 10.55
C GLU A 55 13.50 -16.84 11.53
N ALA A 56 13.79 -16.60 12.81
CA ALA A 56 13.50 -17.59 13.84
C ALA A 56 12.05 -17.54 14.26
N ARG A 57 11.57 -16.34 14.58
CA ARG A 57 10.18 -16.15 15.00
C ARG A 57 9.22 -16.73 13.98
N ASN A 58 9.21 -16.17 12.78
CA ASN A 58 8.34 -16.64 11.72
C ASN A 58 8.78 -16.09 10.36
N CYS A 59 9.07 -17.00 9.43
CA CYS A 59 9.51 -16.61 8.10
C CYS A 59 8.32 -16.56 7.13
N MET A 60 7.68 -17.71 6.93
CA MET A 60 6.54 -17.80 6.04
C MET A 60 5.32 -17.11 6.64
N ASN A 61 4.97 -17.49 7.86
CA ASN A 61 3.83 -16.91 8.55
C ASN A 61 4.03 -15.42 8.79
N ARG A 62 3.01 -14.77 9.33
CA ARG A 62 3.08 -13.34 9.61
C ARG A 62 3.26 -12.54 8.32
N SER A 63 2.54 -12.95 7.27
CA SER A 63 2.62 -12.28 5.98
C SER A 63 1.76 -11.02 5.98
N GLU A 64 1.79 -10.28 4.87
CA GLU A 64 1.03 -9.06 4.73
C GLU A 64 -0.43 -9.29 5.14
N GLN A 65 -0.89 -8.53 6.12
CA GLN A 65 -2.26 -8.65 6.60
C GLN A 65 -3.18 -7.69 5.87
N VAL A 66 -3.99 -8.23 4.95
CA VAL A 66 -4.92 -7.42 4.18
C VAL A 66 -6.20 -7.14 4.97
N PHE A 67 -7.05 -6.27 4.44
CA PHE A 67 -8.30 -5.91 5.08
C PHE A 67 -9.49 -6.27 4.21
N THR A 68 -10.65 -6.48 4.84
CA THR A 68 -11.86 -6.83 4.11
C THR A 68 -12.94 -5.78 4.31
N CYS A 69 -13.52 -5.32 3.21
CA CYS A 69 -14.58 -4.31 3.26
C CYS A 69 -15.74 -4.78 4.12
N SER A 70 -16.70 -3.90 4.35
CA SER A 70 -17.87 -4.23 5.16
C SER A 70 -19.14 -4.19 4.32
N VAL A 71 -18.98 -3.97 3.01
CA VAL A 71 -20.12 -3.90 2.11
C VAL A 71 -19.95 -4.89 0.95
N CYS A 72 -18.78 -4.87 0.33
CA CYS A 72 -18.48 -5.76 -0.79
C CYS A 72 -17.41 -6.77 -0.42
N GLN A 73 -16.88 -6.64 0.80
CA GLN A 73 -15.84 -7.54 1.28
C GLN A 73 -14.60 -7.46 0.39
N GLU A 74 -14.29 -6.26 -0.08
CA GLU A 74 -13.13 -6.06 -0.95
C GLU A 74 -11.84 -6.43 -0.22
N THR A 75 -10.72 -6.22 -0.88
CA THR A 75 -9.42 -6.53 -0.30
C THR A 75 -8.48 -5.33 -0.35
N PHE A 76 -7.94 -4.96 0.81
CA PHE A 76 -7.03 -3.83 0.91
C PHE A 76 -5.78 -4.19 1.69
N ARG A 77 -4.63 -4.17 1.01
CA ARG A 77 -3.37 -4.50 1.64
C ARG A 77 -3.20 -3.76 2.96
N ARG A 78 -3.71 -2.53 3.01
CA ARG A 78 -3.62 -1.72 4.21
C ARG A 78 -5.00 -1.26 4.67
N ARG A 79 -5.06 -0.66 5.85
CA ARG A 79 -6.32 -0.18 6.41
C ARG A 79 -6.75 1.12 5.72
N MET A 80 -5.92 2.15 5.85
CA MET A 80 -6.22 3.44 5.24
C MET A 80 -6.92 3.27 3.90
N GLU A 81 -6.36 2.41 3.06
CA GLU A 81 -6.93 2.16 1.74
C GLU A 81 -8.43 1.88 1.83
N LEU A 82 -8.80 0.96 2.71
CA LEU A 82 -10.21 0.61 2.90
C LEU A 82 -11.04 1.85 3.20
N ARG A 83 -10.49 2.74 4.01
CA ARG A 83 -11.18 3.98 4.38
C ARG A 83 -11.48 4.81 3.14
N LEU A 84 -10.50 4.93 2.26
CA LEU A 84 -10.66 5.71 1.03
C LEU A 84 -11.58 4.99 0.05
N HIS A 85 -11.87 3.73 0.33
CA HIS A 85 -12.74 2.93 -0.53
C HIS A 85 -14.19 3.01 -0.04
N MET A 86 -14.38 2.90 1.27
CA MET A 86 -15.72 2.96 1.85
C MET A 86 -16.50 4.15 1.30
N VAL A 87 -15.79 5.23 1.02
CA VAL A 87 -16.42 6.43 0.48
C VAL A 87 -17.32 6.10 -0.71
N SER A 88 -16.93 5.10 -1.48
CA SER A 88 -17.70 4.69 -2.65
C SER A 88 -19.04 4.11 -2.23
N HIS A 89 -19.10 3.55 -1.02
CA HIS A 89 -20.33 2.97 -0.51
C HIS A 89 -21.21 4.03 0.14
N THR A 90 -20.65 4.76 1.10
CA THR A 90 -21.38 5.81 1.80
C THR A 90 -21.74 6.94 0.85
N GLY A 91 -20.79 7.33 0.00
CA GLY A 91 -21.03 8.40 -0.94
C GLY A 91 -19.89 9.40 -0.99
N GLU A 92 -19.41 9.80 0.18
CA GLU A 92 -18.31 10.76 0.26
C GLU A 92 -17.75 10.82 1.68
N MET A 93 -16.54 11.36 1.81
CA MET A 93 -15.90 11.48 3.12
C MET A 93 -16.54 12.58 3.94
N PRO A 94 -16.55 12.39 5.28
CA PRO A 94 -17.13 13.36 6.21
C PRO A 94 -16.32 14.65 6.30
N TYR A 95 -15.01 14.50 6.42
CA TYR A 95 -14.12 15.65 6.52
C TYR A 95 -13.61 16.07 5.13
N LYS A 96 -13.28 17.35 5.00
CA LYS A 96 -12.79 17.89 3.73
C LYS A 96 -11.95 19.14 3.96
N CYS A 97 -10.90 19.29 3.17
CA CYS A 97 -10.02 20.45 3.28
C CYS A 97 -10.64 21.67 2.60
N SER A 98 -9.87 22.75 2.55
CA SER A 98 -10.34 23.99 1.93
C SER A 98 -9.38 24.45 0.83
N SER A 99 -8.09 24.41 1.13
CA SER A 99 -7.07 24.82 0.19
C SER A 99 -6.96 23.83 -0.97
N CYS A 100 -6.82 22.55 -0.61
CA CYS A 100 -6.69 21.49 -1.61
C CYS A 100 -8.01 20.74 -1.77
N SER A 101 -8.94 20.96 -0.83
CA SER A 101 -10.24 20.31 -0.87
C SER A 101 -10.09 18.80 -0.71
N GLN A 102 -9.08 18.40 0.05
CA GLN A 102 -8.84 16.98 0.29
C GLN A 102 -10.02 16.32 0.99
N GLN A 103 -9.86 15.07 1.39
CA GLN A 103 -10.92 14.34 2.07
C GLN A 103 -10.34 13.43 3.14
N PHE A 104 -11.04 13.32 4.27
CA PHE A 104 -10.60 12.49 5.38
C PHE A 104 -11.79 11.83 6.07
N MET A 105 -11.50 10.85 6.93
CA MET A 105 -12.55 10.15 7.65
C MET A 105 -12.55 10.55 9.13
N GLN A 106 -11.39 11.02 9.61
CA GLN A 106 -11.26 11.43 11.00
C GLN A 106 -10.73 12.86 11.09
N LYS A 107 -11.06 13.54 12.19
CA LYS A 107 -10.62 14.91 12.40
C LYS A 107 -9.10 15.01 12.33
N LYS A 108 -8.42 14.41 13.30
CA LYS A 108 -6.97 14.42 13.33
C LYS A 108 -6.37 14.19 11.95
N ASP A 109 -6.96 13.26 11.21
CA ASP A 109 -6.50 12.94 9.86
C ASP A 109 -6.45 14.19 9.00
N LEU A 110 -7.44 15.06 9.17
CA LEU A 110 -7.51 16.30 8.41
C LEU A 110 -6.70 17.40 9.08
N GLN A 111 -7.02 17.68 10.34
CA GLN A 111 -6.32 18.71 11.09
C GLN A 111 -4.81 18.57 10.94
N SER A 112 -4.32 17.35 11.13
CA SER A 112 -2.88 17.09 11.01
C SER A 112 -2.39 17.34 9.59
N HIS A 113 -3.21 16.95 8.62
CA HIS A 113 -2.86 17.15 7.21
C HIS A 113 -2.65 18.62 6.90
N MET A 114 -3.52 19.47 7.46
CA MET A 114 -3.43 20.91 7.24
C MET A 114 -2.29 21.51 8.05
N ILE A 115 -1.96 20.88 9.17
CA ILE A 115 -0.88 21.36 10.03
C ILE A 115 0.49 20.95 9.49
N LYS A 116 0.51 19.85 8.75
CA LYS A 116 1.75 19.34 8.16
C LYS A 116 2.00 19.95 6.79
N LEU A 117 1.04 19.78 5.89
CA LEU A 117 1.14 20.32 4.54
C LEU A 117 0.78 21.80 4.51
N HIS A 118 -0.41 22.13 5.00
CA HIS A 118 -0.86 23.52 5.05
C HIS A 118 -0.35 24.23 6.29
N SER A 119 0.79 23.78 6.79
CA SER A 119 1.40 24.36 7.98
C SER A 119 1.24 25.88 7.98
N GLY A 120 1.67 26.51 6.89
CA GLY A 120 1.57 27.95 6.78
C GLY A 120 2.62 28.53 5.86
N PRO A 121 2.95 29.82 6.07
CA PRO A 121 3.95 30.53 5.26
C PRO A 121 5.37 30.03 5.52
N SER A 122 5.68 29.78 6.79
CA SER A 122 7.00 29.30 7.17
C SER A 122 7.43 28.13 6.30
N SER A 123 8.53 28.30 5.59
CA SER A 123 9.05 27.25 4.71
C SER A 123 7.93 26.65 3.86
N GLY A 124 7.04 27.51 3.36
CA GLY A 124 5.93 27.05 2.55
C GLY A 124 5.70 27.92 1.34
ZN ZN B . 8.41 -11.28 -9.55
ZN ZN C . 11.78 -14.95 5.91
ZN ZN D . -16.52 -2.06 -0.57
ZN ZN E . -5.35 20.25 2.30
N GLY A 1 -1.64 -1.34 -28.94
CA GLY A 1 -2.05 -0.49 -27.83
C GLY A 1 -0.99 -0.38 -26.77
N SER A 2 -0.35 0.79 -26.69
CA SER A 2 0.71 1.03 -25.71
C SER A 2 0.27 2.08 -24.69
N SER A 3 -0.09 1.63 -23.50
CA SER A 3 -0.52 2.53 -22.44
C SER A 3 0.47 2.52 -21.28
N GLY A 4 1.53 3.30 -21.40
CA GLY A 4 2.53 3.37 -20.36
C GLY A 4 3.13 4.75 -20.22
N SER A 5 2.39 5.66 -19.60
CA SER A 5 2.87 7.03 -19.42
C SER A 5 3.32 7.25 -17.98
N SER A 6 2.47 6.89 -17.02
CA SER A 6 2.79 7.05 -15.61
C SER A 6 3.08 5.70 -14.97
N GLY A 7 3.93 5.72 -13.93
CA GLY A 7 4.28 4.50 -13.24
C GLY A 7 5.74 4.45 -12.83
N VAL A 8 6.10 3.46 -12.04
CA VAL A 8 7.48 3.31 -11.58
C VAL A 8 8.33 2.60 -12.62
N GLU A 9 9.63 2.52 -12.35
CA GLU A 9 10.56 1.86 -13.27
C GLU A 9 11.69 1.18 -12.50
N CYS A 10 12.09 0.00 -12.98
CA CYS A 10 13.17 -0.75 -12.34
C CYS A 10 14.52 -0.37 -12.93
N PRO A 11 15.37 0.27 -12.11
CA PRO A 11 16.70 0.69 -12.52
C PRO A 11 17.65 -0.48 -12.74
N THR A 12 17.09 -1.69 -12.73
CA THR A 12 17.88 -2.90 -12.92
C THR A 12 17.66 -3.48 -14.31
N CYS A 13 16.42 -3.84 -14.60
CA CYS A 13 16.08 -4.42 -15.91
C CYS A 13 15.20 -3.45 -16.70
N HIS A 14 15.10 -2.21 -16.23
CA HIS A 14 14.29 -1.20 -16.91
C HIS A 14 12.84 -1.67 -17.04
N LYS A 15 12.41 -2.50 -16.10
CA LYS A 15 11.04 -3.02 -16.12
C LYS A 15 10.11 -2.11 -15.33
N LYS A 16 9.16 -1.49 -16.03
CA LYS A 16 8.20 -0.59 -15.40
C LYS A 16 6.94 -1.35 -14.98
N PHE A 17 6.21 -0.78 -14.02
CA PHE A 17 4.99 -1.41 -13.53
C PHE A 17 3.88 -0.37 -13.38
N LEU A 18 2.71 -0.82 -12.94
CA LEU A 18 1.56 0.06 -12.75
C LEU A 18 1.63 0.75 -11.39
N SER A 19 2.07 0.00 -10.38
CA SER A 19 2.18 0.54 -9.03
C SER A 19 3.49 0.12 -8.37
N LYS A 20 3.74 0.63 -7.17
CA LYS A 20 4.95 0.30 -6.44
C LYS A 20 4.92 -1.15 -5.96
N TYR A 21 3.85 -1.53 -5.31
CA TYR A 21 3.70 -2.90 -4.80
C TYR A 21 4.32 -3.90 -5.76
N TYR A 22 3.87 -3.89 -7.01
CA TYR A 22 4.39 -4.80 -8.02
C TYR A 22 5.90 -4.66 -8.16
N LEU A 23 6.38 -3.43 -8.07
CA LEU A 23 7.81 -3.15 -8.18
C LEU A 23 8.58 -3.73 -7.00
N LYS A 24 8.26 -3.25 -5.80
CA LYS A 24 8.90 -3.72 -4.58
C LYS A 24 9.00 -5.24 -4.56
N VAL A 25 7.91 -5.89 -4.99
CA VAL A 25 7.87 -7.35 -5.02
C VAL A 25 8.80 -7.90 -6.10
N HIS A 26 8.82 -7.23 -7.25
CA HIS A 26 9.66 -7.65 -8.37
C HIS A 26 11.13 -7.37 -8.08
N ASN A 27 11.46 -6.09 -7.94
CA ASN A 27 12.83 -5.69 -7.67
C ASN A 27 13.54 -6.71 -6.78
N ARG A 28 12.91 -7.06 -5.67
CA ARG A 28 13.47 -8.02 -4.74
C ARG A 28 14.26 -9.10 -5.48
N LYS A 29 13.66 -9.65 -6.53
CA LYS A 29 14.29 -10.69 -7.33
C LYS A 29 15.79 -10.39 -7.50
N HIS A 30 16.09 -9.20 -8.01
CA HIS A 30 17.48 -8.80 -8.22
C HIS A 30 18.27 -8.87 -6.92
N THR A 31 17.80 -8.15 -5.91
CA THR A 31 18.46 -8.13 -4.61
C THR A 31 18.43 -9.51 -3.94
N GLY A 32 19.60 -10.04 -3.64
CA GLY A 32 19.68 -11.36 -3.01
C GLY A 32 20.17 -11.28 -1.58
N GLU A 33 19.48 -10.51 -0.75
CA GLU A 33 19.85 -10.35 0.65
C GLU A 33 19.45 -11.58 1.46
N LYS A 34 18.70 -12.47 0.84
CA LYS A 34 18.24 -13.69 1.50
C LYS A 34 18.42 -14.91 0.58
N PRO A 35 18.72 -16.07 1.20
CA PRO A 35 18.92 -17.31 0.47
C PRO A 35 17.63 -17.85 -0.15
N PHE A 36 16.58 -17.88 0.66
CA PHE A 36 15.27 -18.37 0.20
C PHE A 36 14.14 -17.55 0.81
N GLU A 37 13.08 -17.35 0.05
CA GLU A 37 11.92 -16.59 0.51
C GLU A 37 10.64 -17.10 -0.13
N CYS A 38 9.58 -17.18 0.68
CA CYS A 38 8.30 -17.65 0.19
C CYS A 38 7.83 -16.84 -1.02
N PRO A 39 7.88 -17.48 -2.20
CA PRO A 39 7.47 -16.83 -3.46
C PRO A 39 5.96 -16.60 -3.53
N LYS A 40 5.26 -16.95 -2.44
CA LYS A 40 3.81 -16.77 -2.39
C LYS A 40 3.46 -15.51 -1.60
N CYS A 41 4.25 -15.20 -0.59
CA CYS A 41 4.02 -14.02 0.24
C CYS A 41 5.28 -13.17 0.36
N GLY A 42 6.40 -13.84 0.63
CA GLY A 42 7.66 -13.14 0.77
C GLY A 42 8.26 -13.29 2.15
N LYS A 43 8.33 -14.52 2.63
CA LYS A 43 8.88 -14.79 3.96
C LYS A 43 10.28 -15.39 3.85
N CYS A 44 11.26 -14.71 4.46
CA CYS A 44 12.64 -15.18 4.43
C CYS A 44 12.82 -16.41 5.31
N TYR A 45 13.83 -17.20 5.01
CA TYR A 45 14.12 -18.42 5.76
C TYR A 45 15.40 -19.08 5.29
N PHE A 46 16.43 -19.04 6.13
CA PHE A 46 17.72 -19.63 5.80
C PHE A 46 17.58 -21.12 5.52
N ARG A 47 16.78 -21.80 6.34
CA ARG A 47 16.56 -23.22 6.19
C ARG A 47 15.43 -23.50 5.19
N LYS A 48 15.73 -24.27 4.16
CA LYS A 48 14.76 -24.62 3.14
C LYS A 48 13.52 -25.26 3.76
N GLU A 49 13.75 -26.31 4.56
CA GLU A 49 12.65 -27.01 5.21
C GLU A 49 11.72 -26.03 5.93
N ASN A 50 12.28 -25.23 6.81
CA ASN A 50 11.50 -24.25 7.56
C ASN A 50 10.56 -23.48 6.64
N LEU A 51 11.10 -23.01 5.52
CA LEU A 51 10.32 -22.26 4.55
C LEU A 51 9.18 -23.11 3.99
N LEU A 52 9.51 -24.34 3.60
CA LEU A 52 8.52 -25.26 3.06
C LEU A 52 7.34 -25.44 4.02
N GLU A 53 7.67 -25.62 5.31
CA GLU A 53 6.65 -25.81 6.33
C GLU A 53 5.69 -24.62 6.36
N HIS A 54 6.25 -23.41 6.49
CA HIS A 54 5.46 -22.19 6.53
C HIS A 54 4.40 -22.19 5.43
N GLU A 55 4.85 -22.38 4.19
CA GLU A 55 3.94 -22.40 3.05
C GLU A 55 2.60 -23.02 3.43
N ALA A 56 2.65 -24.10 4.21
CA ALA A 56 1.43 -24.79 4.65
C ALA A 56 0.94 -24.24 5.98
N ARG A 57 1.88 -24.04 6.91
CA ARG A 57 1.54 -23.52 8.23
C ARG A 57 0.77 -22.21 8.12
N ASN A 58 1.44 -21.19 7.58
CA ASN A 58 0.82 -19.88 7.42
C ASN A 58 1.35 -19.18 6.16
N CYS A 59 0.47 -18.47 5.47
CA CYS A 59 0.84 -17.75 4.26
C CYS A 59 -0.32 -16.92 3.73
N MET A 60 -0.01 -15.95 2.89
CA MET A 60 -1.03 -15.07 2.30
C MET A 60 -2.26 -15.88 1.91
N ASN A 61 -3.32 -15.78 2.72
CA ASN A 61 -4.56 -16.50 2.45
C ASN A 61 -5.77 -15.59 2.63
N ARG A 62 -5.85 -14.93 3.78
CA ARG A 62 -6.95 -14.02 4.07
C ARG A 62 -6.44 -12.64 4.44
N SER A 63 -5.54 -12.58 5.42
CA SER A 63 -4.97 -11.32 5.86
C SER A 63 -3.78 -10.92 5.00
N GLU A 64 -3.41 -9.65 5.07
CA GLU A 64 -2.28 -9.14 4.29
C GLU A 64 -1.59 -7.98 5.01
N GLN A 65 -0.48 -7.52 4.45
CA GLN A 65 0.27 -6.42 5.04
C GLN A 65 -0.66 -5.44 5.75
N VAL A 66 -0.65 -5.48 7.08
CA VAL A 66 -1.50 -4.59 7.87
C VAL A 66 -0.72 -3.35 8.31
N PHE A 67 -1.46 -2.31 8.67
CA PHE A 67 -0.85 -1.06 9.12
C PHE A 67 -1.02 -0.88 10.62
N THR A 68 -0.32 0.12 11.17
CA THR A 68 -0.38 0.39 12.60
C THR A 68 -0.55 1.89 12.86
N CYS A 69 -1.54 2.23 13.68
CA CYS A 69 -1.81 3.63 14.01
C CYS A 69 -0.61 4.25 14.73
N SER A 70 -0.67 5.57 14.90
CA SER A 70 0.41 6.30 15.57
C SER A 70 -0.07 6.87 16.90
N VAL A 71 -1.29 6.54 17.28
CA VAL A 71 -1.86 7.02 18.52
C VAL A 71 -2.34 5.86 19.39
N CYS A 72 -3.09 4.94 18.79
CA CYS A 72 -3.61 3.78 19.51
C CYS A 72 -2.97 2.49 19.00
N GLN A 73 -2.14 2.62 17.96
CA GLN A 73 -1.47 1.47 17.37
C GLN A 73 -2.48 0.47 16.84
N GLU A 74 -3.58 0.98 16.28
CA GLU A 74 -4.63 0.13 15.72
C GLU A 74 -4.07 -0.79 14.63
N THR A 75 -4.94 -1.60 14.04
CA THR A 75 -4.54 -2.52 12.98
C THR A 75 -5.42 -2.35 11.76
N PHE A 76 -4.81 -2.07 10.62
CA PHE A 76 -5.53 -1.89 9.37
C PHE A 76 -4.97 -2.78 8.27
N ARG A 77 -5.61 -2.77 7.11
CA ARG A 77 -5.17 -3.58 5.99
C ARG A 77 -4.76 -2.71 4.81
N ARG A 78 -5.35 -1.52 4.72
CA ARG A 78 -5.04 -0.59 3.65
C ARG A 78 -4.48 0.72 4.20
N ARG A 79 -3.77 1.45 3.35
CA ARG A 79 -3.17 2.72 3.76
C ARG A 79 -4.25 3.78 3.95
N MET A 80 -5.14 3.90 2.98
CA MET A 80 -6.23 4.88 3.05
C MET A 80 -7.04 4.71 4.32
N GLU A 81 -7.39 3.46 4.63
CA GLU A 81 -8.17 3.16 5.82
C GLU A 81 -7.61 3.90 7.04
N LEU A 82 -6.33 3.70 7.30
CA LEU A 82 -5.67 4.35 8.43
C LEU A 82 -5.93 5.85 8.42
N ARG A 83 -5.85 6.45 7.24
CA ARG A 83 -6.07 7.88 7.10
C ARG A 83 -7.47 8.27 7.56
N LEU A 84 -8.45 7.44 7.20
CA LEU A 84 -9.84 7.69 7.58
C LEU A 84 -10.05 7.44 9.07
N HIS A 85 -9.09 6.78 9.69
CA HIS A 85 -9.17 6.47 11.12
C HIS A 85 -8.51 7.56 11.95
N MET A 86 -7.35 8.03 11.49
CA MET A 86 -6.62 9.07 12.19
C MET A 86 -7.52 10.25 12.52
N VAL A 87 -8.49 10.50 11.64
CA VAL A 87 -9.43 11.60 11.84
C VAL A 87 -10.05 11.55 13.24
N SER A 88 -10.22 10.35 13.76
CA SER A 88 -10.80 10.16 15.08
C SER A 88 -9.89 10.72 16.17
N HIS A 89 -8.58 10.73 15.88
CA HIS A 89 -7.60 11.24 16.84
C HIS A 89 -7.46 12.75 16.70
N THR A 90 -7.17 13.21 15.49
CA THR A 90 -7.01 14.64 15.24
C THR A 90 -8.31 15.39 15.45
N GLY A 91 -9.41 14.80 15.00
CA GLY A 91 -10.72 15.43 15.16
C GLY A 91 -11.49 15.50 13.85
N GLU A 92 -10.79 15.81 12.77
CA GLU A 92 -11.41 15.92 11.45
C GLU A 92 -10.35 16.08 10.36
N MET A 93 -10.65 15.55 9.18
CA MET A 93 -9.73 15.64 8.05
C MET A 93 -9.41 17.10 7.73
N PRO A 94 -8.20 17.33 7.19
CA PRO A 94 -7.74 18.67 6.82
C PRO A 94 -8.49 19.23 5.62
N TYR A 95 -8.92 18.34 4.74
CA TYR A 95 -9.66 18.75 3.54
C TYR A 95 -11.09 18.22 3.57
N LYS A 96 -11.99 18.93 2.89
CA LYS A 96 -13.39 18.52 2.83
C LYS A 96 -14.05 19.06 1.57
N CYS A 97 -14.99 18.28 1.03
CA CYS A 97 -15.70 18.68 -0.17
C CYS A 97 -16.85 19.64 0.17
N SER A 98 -17.62 20.01 -0.85
CA SER A 98 -18.75 20.92 -0.67
C SER A 98 -20.04 20.30 -1.16
N SER A 99 -19.98 19.66 -2.33
CA SER A 99 -21.15 19.02 -2.93
C SER A 99 -21.53 17.77 -2.14
N CYS A 100 -20.54 16.93 -1.85
CA CYS A 100 -20.76 15.70 -1.12
C CYS A 100 -20.31 15.84 0.34
N SER A 101 -19.45 16.82 0.59
CA SER A 101 -18.93 17.06 1.93
C SER A 101 -17.99 15.94 2.35
N GLN A 102 -17.28 15.37 1.37
CA GLN A 102 -16.34 14.29 1.65
C GLN A 102 -15.18 14.78 2.49
N GLN A 103 -14.20 13.90 2.72
CA GLN A 103 -13.03 14.26 3.52
C GLN A 103 -11.77 13.63 2.92
N PHE A 104 -10.65 14.34 3.06
CA PHE A 104 -9.37 13.86 2.53
C PHE A 104 -8.22 14.32 3.42
N MET A 105 -7.06 13.67 3.25
CA MET A 105 -5.88 14.01 4.03
C MET A 105 -4.97 14.95 3.25
N GLN A 106 -5.03 14.85 1.93
CA GLN A 106 -4.20 15.69 1.06
C GLN A 106 -5.07 16.57 0.17
N LYS A 107 -4.54 17.72 -0.22
CA LYS A 107 -5.26 18.66 -1.07
C LYS A 107 -5.53 18.04 -2.44
N LYS A 108 -4.48 17.58 -3.10
CA LYS A 108 -4.60 16.97 -4.42
C LYS A 108 -5.66 15.87 -4.41
N ASP A 109 -5.70 15.11 -3.32
CA ASP A 109 -6.68 14.03 -3.19
C ASP A 109 -8.10 14.55 -3.38
N LEU A 110 -8.35 15.76 -2.89
CA LEU A 110 -9.67 16.37 -3.00
C LEU A 110 -9.89 16.94 -4.41
N GLN A 111 -8.95 17.74 -4.87
CA GLN A 111 -9.03 18.34 -6.20
C GLN A 111 -9.36 17.29 -7.25
N SER A 112 -8.61 16.19 -7.25
CA SER A 112 -8.82 15.11 -8.21
C SER A 112 -10.20 14.49 -8.02
N HIS A 113 -10.60 14.32 -6.76
CA HIS A 113 -11.89 13.72 -6.45
C HIS A 113 -13.02 14.55 -7.04
N MET A 114 -12.90 15.88 -6.96
CA MET A 114 -13.91 16.78 -7.49
C MET A 114 -13.82 16.87 -9.01
N ILE A 115 -12.62 16.61 -9.54
CA ILE A 115 -12.41 16.66 -10.98
C ILE A 115 -12.84 15.36 -11.65
N LYS A 116 -12.87 14.29 -10.87
CA LYS A 116 -13.27 12.99 -11.39
C LYS A 116 -14.77 12.75 -11.16
N LEU A 117 -15.20 12.83 -9.91
CA LEU A 117 -16.60 12.62 -9.57
C LEU A 117 -17.43 13.86 -9.90
N HIS A 118 -17.00 15.00 -9.37
CA HIS A 118 -17.69 16.26 -9.61
C HIS A 118 -17.17 16.94 -10.88
N SER A 119 -16.87 16.14 -11.89
CA SER A 119 -16.37 16.66 -13.16
C SER A 119 -17.35 17.65 -13.77
N GLY A 120 -17.25 18.90 -13.36
CA GLY A 120 -18.13 19.94 -13.88
C GLY A 120 -19.48 19.94 -13.19
N PRO A 121 -20.18 21.08 -13.24
CA PRO A 121 -21.50 21.24 -12.62
C PRO A 121 -22.57 20.44 -13.34
N SER A 122 -22.44 20.31 -14.66
CA SER A 122 -23.40 19.56 -15.46
C SER A 122 -22.82 19.24 -16.84
N SER A 123 -22.69 17.94 -17.12
CA SER A 123 -22.14 17.50 -18.39
C SER A 123 -23.22 17.48 -19.47
N GLY A 124 -23.17 18.46 -20.36
CA GLY A 124 -24.15 18.54 -21.44
C GLY A 124 -23.68 19.43 -22.58
ZN ZN B . 13.95 -5.55 -12.50
ZN ZN C . 4.27 -17.66 2.50
ZN ZN D . -5.78 5.22 16.23
ZN ZN E . -17.13 15.56 -3.48
N GLY A 1 -11.90 -2.65 -9.00
CA GLY A 1 -10.71 -3.30 -9.53
C GLY A 1 -9.84 -2.35 -10.33
N SER A 2 -9.22 -1.40 -9.64
CA SER A 2 -8.35 -0.42 -10.30
C SER A 2 -7.00 -1.03 -10.63
N SER A 3 -6.65 -1.06 -11.91
CA SER A 3 -5.38 -1.61 -12.36
C SER A 3 -4.84 -0.84 -13.57
N GLY A 4 -3.53 -0.85 -13.72
CA GLY A 4 -2.91 -0.16 -14.84
C GLY A 4 -1.74 0.70 -14.41
N SER A 5 -0.92 0.17 -13.52
CA SER A 5 0.24 0.90 -13.02
C SER A 5 1.54 0.12 -13.31
N SER A 6 2.18 0.43 -14.42
CA SER A 6 3.41 -0.24 -14.81
C SER A 6 4.51 0.01 -13.77
N GLY A 7 5.39 -0.97 -13.61
CA GLY A 7 6.48 -0.84 -12.65
C GLY A 7 7.10 -2.17 -12.30
N VAL A 8 8.21 -2.13 -11.57
CA VAL A 8 8.91 -3.34 -11.17
C VAL A 8 8.31 -3.93 -9.89
N GLU A 9 8.68 -5.16 -9.59
CA GLU A 9 8.18 -5.84 -8.40
C GLU A 9 9.24 -6.74 -7.79
N CYS A 10 9.27 -6.82 -6.46
CA CYS A 10 10.25 -7.65 -5.77
C CYS A 10 9.71 -9.07 -5.58
N PRO A 11 10.39 -10.05 -6.22
CA PRO A 11 9.99 -11.45 -6.14
C PRO A 11 10.25 -12.05 -4.76
N THR A 12 10.38 -11.18 -3.76
CA THR A 12 10.61 -11.62 -2.40
C THR A 12 9.47 -11.21 -1.47
N CYS A 13 9.24 -9.90 -1.39
CA CYS A 13 8.18 -9.36 -0.54
C CYS A 13 7.06 -8.77 -1.38
N HIS A 14 7.08 -9.07 -2.68
CA HIS A 14 6.05 -8.57 -3.59
C HIS A 14 5.88 -7.06 -3.43
N LYS A 15 7.00 -6.35 -3.32
CA LYS A 15 6.97 -4.91 -3.17
C LYS A 15 7.25 -4.21 -4.50
N LYS A 16 6.23 -3.60 -5.08
CA LYS A 16 6.37 -2.90 -6.35
C LYS A 16 6.92 -1.49 -6.14
N PHE A 17 7.61 -0.98 -7.14
CA PHE A 17 8.19 0.37 -7.06
C PHE A 17 7.88 1.16 -8.33
N LEU A 18 8.43 2.38 -8.40
CA LEU A 18 8.21 3.25 -9.55
C LEU A 18 9.31 3.06 -10.59
N SER A 19 10.54 2.91 -10.11
CA SER A 19 11.69 2.73 -10.99
C SER A 19 12.54 1.54 -10.55
N LYS A 20 13.09 0.82 -11.51
CA LYS A 20 13.93 -0.33 -11.22
C LYS A 20 15.03 0.02 -10.23
N TYR A 21 15.64 1.18 -10.41
CA TYR A 21 16.70 1.65 -9.53
C TYR A 21 16.32 1.44 -8.07
N TYR A 22 15.03 1.61 -7.77
CA TYR A 22 14.54 1.45 -6.41
C TYR A 22 14.48 -0.03 -6.02
N LEU A 23 14.16 -0.86 -7.00
CA LEU A 23 14.06 -2.31 -6.76
C LEU A 23 15.41 -2.89 -6.42
N LYS A 24 16.39 -2.66 -7.28
CA LYS A 24 17.75 -3.17 -7.06
C LYS A 24 18.29 -2.71 -5.71
N VAL A 25 18.09 -1.43 -5.40
CA VAL A 25 18.55 -0.87 -4.14
C VAL A 25 17.79 -1.47 -2.95
N HIS A 26 16.50 -1.70 -3.15
CA HIS A 26 15.66 -2.27 -2.10
C HIS A 26 16.03 -3.73 -1.85
N ASN A 27 16.26 -4.48 -2.92
CA ASN A 27 16.62 -5.88 -2.82
C ASN A 27 17.75 -6.09 -1.81
N ARG A 28 18.55 -5.04 -1.60
CA ARG A 28 19.66 -5.09 -0.67
C ARG A 28 19.32 -5.98 0.53
N LYS A 29 18.07 -5.90 0.98
CA LYS A 29 17.62 -6.69 2.12
C LYS A 29 17.71 -8.18 1.81
N HIS A 30 16.99 -8.60 0.78
CA HIS A 30 16.99 -10.01 0.38
C HIS A 30 18.28 -10.37 -0.35
N THR A 31 18.42 -9.87 -1.57
CA THR A 31 19.61 -10.14 -2.38
C THR A 31 20.21 -11.50 -2.03
N GLY A 32 19.38 -12.54 -2.10
CA GLY A 32 19.86 -13.88 -1.79
C GLY A 32 18.79 -14.93 -1.99
N GLU A 33 18.87 -15.65 -3.11
CA GLU A 33 17.89 -16.69 -3.41
C GLU A 33 17.89 -17.77 -2.33
N LYS A 34 16.75 -18.43 -2.17
CA LYS A 34 16.60 -19.47 -1.17
C LYS A 34 16.09 -20.77 -1.81
N PRO A 35 16.49 -21.91 -1.24
CA PRO A 35 16.08 -23.24 -1.72
C PRO A 35 14.60 -23.51 -1.49
N PHE A 36 14.15 -23.25 -0.27
CA PHE A 36 12.74 -23.47 0.09
C PHE A 36 12.19 -22.30 0.88
N GLU A 37 10.87 -22.22 0.97
CA GLU A 37 10.22 -21.14 1.70
C GLU A 37 8.75 -21.47 1.97
N CYS A 38 8.34 -21.35 3.24
CA CYS A 38 6.97 -21.64 3.63
C CYS A 38 5.99 -21.13 2.58
N PRO A 39 5.37 -22.06 1.84
CA PRO A 39 4.40 -21.73 0.79
C PRO A 39 3.09 -21.18 1.36
N LYS A 40 3.05 -21.03 2.69
CA LYS A 40 1.86 -20.53 3.37
C LYS A 40 2.05 -19.06 3.74
N CYS A 41 3.22 -18.73 4.23
CA CYS A 41 3.53 -17.35 4.63
C CYS A 41 4.65 -16.77 3.77
N GLY A 42 5.67 -17.57 3.52
CA GLY A 42 6.79 -17.11 2.71
C GLY A 42 8.07 -17.00 3.51
N LYS A 43 8.26 -17.91 4.47
CA LYS A 43 9.45 -17.91 5.30
C LYS A 43 10.50 -18.86 4.75
N CYS A 44 11.62 -18.30 4.31
CA CYS A 44 12.71 -19.11 3.76
C CYS A 44 13.50 -19.78 4.87
N TYR A 45 14.08 -20.94 4.56
CA TYR A 45 14.86 -21.69 5.54
C TYR A 45 15.79 -22.68 4.84
N PHE A 46 17.08 -22.39 4.86
CA PHE A 46 18.07 -23.26 4.24
C PHE A 46 17.77 -24.73 4.53
N ARG A 47 17.59 -25.04 5.81
CA ARG A 47 17.29 -26.40 6.23
C ARG A 47 15.81 -26.71 6.10
N LYS A 48 15.49 -27.74 5.33
CA LYS A 48 14.10 -28.14 5.11
C LYS A 48 13.40 -28.40 6.44
N GLU A 49 14.08 -29.10 7.35
CA GLU A 49 13.52 -29.39 8.66
C GLU A 49 12.96 -28.14 9.32
N ASN A 50 13.82 -27.15 9.52
CA ASN A 50 13.41 -25.89 10.15
C ASN A 50 12.11 -25.38 9.53
N LEU A 51 12.03 -25.41 8.21
CA LEU A 51 10.84 -24.95 7.50
C LEU A 51 9.63 -25.77 7.89
N LEU A 52 9.74 -27.08 7.76
CA LEU A 52 8.64 -27.99 8.10
C LEU A 52 8.14 -27.72 9.51
N GLU A 53 9.07 -27.73 10.47
CA GLU A 53 8.72 -27.49 11.87
C GLU A 53 7.84 -26.26 12.00
N HIS A 54 8.34 -25.12 11.55
CA HIS A 54 7.59 -23.86 11.62
C HIS A 54 6.16 -24.06 11.13
N GLU A 55 6.03 -24.51 9.88
CA GLU A 55 4.72 -24.73 9.29
C GLU A 55 3.72 -25.21 10.34
N ALA A 56 4.15 -26.13 11.18
CA ALA A 56 3.29 -26.67 12.23
C ALA A 56 3.34 -25.79 13.47
N ARG A 57 4.54 -25.40 13.87
CA ARG A 57 4.72 -24.56 15.05
C ARG A 57 3.88 -23.29 14.94
N ASN A 58 4.16 -22.49 13.92
CA ASN A 58 3.43 -21.24 13.71
C ASN A 58 3.51 -20.79 12.26
N CYS A 59 2.58 -19.95 11.84
CA CYS A 59 2.54 -19.45 10.47
C CYS A 59 1.58 -18.27 10.34
N MET A 60 1.66 -17.57 9.21
CA MET A 60 0.79 -16.43 8.97
C MET A 60 -0.60 -16.88 8.51
N ASN A 61 -1.63 -16.30 9.11
CA ASN A 61 -3.00 -16.65 8.77
C ASN A 61 -3.79 -15.41 8.37
N ARG A 62 -3.69 -14.36 9.17
CA ARG A 62 -4.39 -13.11 8.89
C ARG A 62 -3.92 -12.51 7.56
N SER A 63 -4.88 -12.17 6.71
CA SER A 63 -4.58 -11.59 5.41
C SER A 63 -5.49 -10.40 5.10
N GLU A 64 -4.91 -9.21 5.12
CA GLU A 64 -5.68 -8.00 4.85
C GLU A 64 -5.20 -7.31 3.58
N GLN A 65 -6.13 -6.97 2.70
CA GLN A 65 -5.80 -6.31 1.43
C GLN A 65 -5.41 -4.86 1.68
N VAL A 66 -4.11 -4.59 1.62
CA VAL A 66 -3.61 -3.23 1.83
C VAL A 66 -3.40 -2.51 0.49
N PHE A 67 -3.18 -1.21 0.56
CA PHE A 67 -2.97 -0.41 -0.64
C PHE A 67 -1.58 0.22 -0.64
N THR A 68 -1.00 0.40 -1.82
CA THR A 68 0.32 0.99 -1.95
C THR A 68 0.24 2.35 -2.64
N CYS A 69 0.89 3.34 -2.04
CA CYS A 69 0.90 4.69 -2.59
C CYS A 69 1.48 4.69 -4.01
N SER A 70 1.39 5.84 -4.68
CA SER A 70 1.90 5.97 -6.03
C SER A 70 3.11 6.90 -6.07
N VAL A 71 3.47 7.44 -4.91
CA VAL A 71 4.61 8.34 -4.80
C VAL A 71 5.69 7.77 -3.89
N CYS A 72 5.28 7.33 -2.70
CA CYS A 72 6.21 6.76 -1.74
C CYS A 72 5.95 5.27 -1.54
N GLN A 73 4.89 4.77 -2.19
CA GLN A 73 4.53 3.36 -2.09
C GLN A 73 4.19 2.99 -0.65
N GLU A 74 3.60 3.94 0.08
CA GLU A 74 3.23 3.71 1.48
C GLU A 74 2.30 2.51 1.60
N THR A 75 1.82 2.25 2.81
CA THR A 75 0.93 1.14 3.07
C THR A 75 -0.34 1.60 3.76
N PHE A 76 -1.49 1.25 3.19
CA PHE A 76 -2.79 1.63 3.76
C PHE A 76 -3.74 0.44 3.79
N ARG A 77 -4.08 0.00 5.00
CA ARG A 77 -4.99 -1.13 5.17
C ARG A 77 -6.23 -0.97 4.31
N ARG A 78 -6.67 0.28 4.13
CA ARG A 78 -7.85 0.57 3.33
C ARG A 78 -7.52 1.56 2.21
N ARG A 79 -8.46 1.74 1.29
CA ARG A 79 -8.27 2.65 0.18
C ARG A 79 -8.42 4.10 0.63
N MET A 80 -9.60 4.43 1.13
CA MET A 80 -9.88 5.79 1.60
C MET A 80 -8.65 6.40 2.25
N GLU A 81 -8.02 5.64 3.15
CA GLU A 81 -6.83 6.11 3.85
C GLU A 81 -5.81 6.69 2.86
N LEU A 82 -5.49 5.93 1.84
CA LEU A 82 -4.54 6.36 0.82
C LEU A 82 -4.94 7.71 0.23
N ARG A 83 -6.25 7.89 0.02
CA ARG A 83 -6.77 9.13 -0.54
C ARG A 83 -6.44 10.31 0.37
N LEU A 84 -6.61 10.10 1.68
CA LEU A 84 -6.34 11.15 2.65
C LEU A 84 -4.85 11.37 2.82
N HIS A 85 -4.06 10.43 2.30
CA HIS A 85 -2.61 10.52 2.39
C HIS A 85 -2.02 11.23 1.17
N MET A 86 -2.53 10.87 -0.02
CA MET A 86 -2.07 11.47 -1.26
C MET A 86 -2.02 12.98 -1.15
N VAL A 87 -2.96 13.54 -0.40
CA VAL A 87 -3.02 14.99 -0.21
C VAL A 87 -1.66 15.57 0.17
N SER A 88 -0.88 14.78 0.92
CA SER A 88 0.44 15.21 1.35
C SER A 88 1.38 15.36 0.15
N HIS A 89 1.12 14.58 -0.89
CA HIS A 89 1.94 14.62 -2.10
C HIS A 89 1.48 15.74 -3.03
N THR A 90 0.20 15.73 -3.37
CA THR A 90 -0.37 16.74 -4.25
C THR A 90 -0.36 18.12 -3.59
N GLY A 91 -0.69 18.15 -2.30
CA GLY A 91 -0.72 19.41 -1.58
C GLY A 91 -2.01 19.59 -0.80
N GLU A 92 -3.13 19.26 -1.41
CA GLU A 92 -4.44 19.40 -0.77
C GLU A 92 -5.54 18.79 -1.63
N MET A 93 -6.58 18.28 -0.98
CA MET A 93 -7.70 17.68 -1.69
C MET A 93 -8.31 18.66 -2.68
N PRO A 94 -8.92 18.11 -3.74
CA PRO A 94 -9.55 18.92 -4.79
C PRO A 94 -10.81 19.62 -4.30
N TYR A 95 -11.70 18.86 -3.65
CA TYR A 95 -12.94 19.41 -3.13
C TYR A 95 -12.76 19.91 -1.69
N LYS A 96 -13.55 20.91 -1.32
CA LYS A 96 -13.48 21.48 0.02
C LYS A 96 -14.80 22.12 0.41
N CYS A 97 -15.16 22.01 1.68
CA CYS A 97 -16.40 22.58 2.19
C CYS A 97 -16.29 24.10 2.35
N SER A 98 -17.35 24.70 2.87
CA SER A 98 -17.37 26.16 3.06
C SER A 98 -17.62 26.50 4.52
N SER A 99 -18.60 25.84 5.13
CA SER A 99 -18.95 26.08 6.51
C SER A 99 -17.84 25.59 7.44
N CYS A 100 -17.37 24.38 7.21
CA CYS A 100 -16.30 23.79 8.02
C CYS A 100 -14.97 23.83 7.28
N SER A 101 -15.03 23.92 5.95
CA SER A 101 -13.83 23.97 5.12
C SER A 101 -13.17 22.60 5.05
N GLN A 102 -14.00 21.55 5.12
CA GLN A 102 -13.48 20.18 5.06
C GLN A 102 -12.75 19.93 3.75
N GLN A 103 -12.35 18.68 3.54
CA GLN A 103 -11.63 18.30 2.32
C GLN A 103 -12.08 16.94 1.83
N PHE A 104 -12.17 16.78 0.52
CA PHE A 104 -12.58 15.52 -0.08
C PHE A 104 -11.91 15.32 -1.44
N MET A 105 -11.83 14.06 -1.87
CA MET A 105 -11.22 13.72 -3.15
C MET A 105 -12.27 13.65 -4.26
N GLN A 106 -13.50 13.31 -3.87
CA GLN A 106 -14.59 13.19 -4.83
C GLN A 106 -15.67 14.23 -4.55
N LYS A 107 -16.36 14.67 -5.59
CA LYS A 107 -17.42 15.66 -5.46
C LYS A 107 -18.58 15.12 -4.63
N LYS A 108 -19.11 13.97 -5.04
CA LYS A 108 -20.21 13.34 -4.33
C LYS A 108 -19.89 13.21 -2.84
N ASP A 109 -18.63 12.92 -2.53
CA ASP A 109 -18.20 12.76 -1.15
C ASP A 109 -18.48 14.04 -0.35
N LEU A 110 -18.31 15.19 -0.99
CA LEU A 110 -18.54 16.47 -0.34
C LEU A 110 -20.04 16.77 -0.24
N GLN A 111 -20.73 16.65 -1.37
CA GLN A 111 -22.17 16.91 -1.41
C GLN A 111 -22.88 16.17 -0.28
N SER A 112 -22.60 14.88 -0.15
CA SER A 112 -23.23 14.06 0.89
C SER A 112 -22.82 14.55 2.28
N HIS A 113 -21.55 14.90 2.43
CA HIS A 113 -21.03 15.38 3.71
C HIS A 113 -21.78 16.63 4.15
N MET A 114 -22.10 17.51 3.20
CA MET A 114 -22.82 18.73 3.50
C MET A 114 -24.31 18.47 3.68
N ILE A 115 -24.81 17.45 3.00
CA ILE A 115 -26.22 17.08 3.09
C ILE A 115 -26.52 16.33 4.38
N LYS A 116 -25.52 15.61 4.87
CA LYS A 116 -25.68 14.85 6.11
C LYS A 116 -25.38 15.72 7.32
N LEU A 117 -24.18 16.27 7.38
CA LEU A 117 -23.77 17.13 8.49
C LEU A 117 -24.39 18.52 8.35
N HIS A 118 -24.14 19.16 7.22
CA HIS A 118 -24.66 20.50 6.96
C HIS A 118 -26.05 20.42 6.35
N SER A 119 -26.83 19.43 6.76
CA SER A 119 -28.18 19.24 6.24
C SER A 119 -28.94 20.57 6.20
N GLY A 120 -28.97 21.26 7.34
CA GLY A 120 -29.66 22.54 7.41
C GLY A 120 -28.98 23.50 8.37
N PRO A 121 -29.80 24.28 9.10
CA PRO A 121 -29.30 25.26 10.07
C PRO A 121 -28.67 24.61 11.30
N SER A 122 -28.43 23.30 11.19
CA SER A 122 -27.82 22.55 12.29
C SER A 122 -26.32 22.81 12.36
N SER A 123 -25.67 22.19 13.35
CA SER A 123 -24.23 22.35 13.53
C SER A 123 -23.89 23.79 13.89
N GLY A 124 -24.67 24.37 14.81
CA GLY A 124 -24.43 25.74 15.23
C GLY A 124 -23.83 25.84 16.62
ZN ZN B . 11.64 -7.09 -1.21
ZN ZN C . 4.69 -20.26 7.48
ZN ZN D . 2.71 8.60 -0.39
ZN ZN E . -18.54 20.68 5.92
N GLY A 1 -7.06 16.56 -22.19
CA GLY A 1 -6.00 15.66 -21.76
C GLY A 1 -6.37 14.92 -20.49
N SER A 2 -5.72 15.29 -19.39
CA SER A 2 -5.98 14.64 -18.11
C SER A 2 -6.26 13.15 -18.29
N SER A 3 -5.49 12.51 -19.16
CA SER A 3 -5.66 11.09 -19.44
C SER A 3 -4.33 10.34 -19.28
N GLY A 4 -4.42 9.07 -18.91
CA GLY A 4 -3.22 8.27 -18.73
C GLY A 4 -3.38 6.87 -19.28
N SER A 5 -3.93 5.98 -18.48
CA SER A 5 -4.13 4.59 -18.88
C SER A 5 -2.79 3.88 -19.08
N SER A 6 -1.85 4.15 -18.17
CA SER A 6 -0.53 3.56 -18.24
C SER A 6 -0.10 3.03 -16.87
N GLY A 7 0.88 2.13 -16.86
CA GLY A 7 1.37 1.57 -15.61
C GLY A 7 2.88 1.57 -15.53
N VAL A 8 3.41 0.81 -14.58
CA VAL A 8 4.85 0.73 -14.38
C VAL A 8 5.47 -0.37 -15.23
N GLU A 9 6.80 -0.43 -15.27
CA GLU A 9 7.49 -1.44 -16.04
C GLU A 9 8.76 -1.91 -15.32
N CYS A 10 9.07 -3.19 -15.46
CA CYS A 10 10.24 -3.76 -14.81
C CYS A 10 11.45 -3.74 -15.76
N PRO A 11 12.44 -2.92 -15.42
CA PRO A 11 13.66 -2.77 -16.22
C PRO A 11 14.54 -4.02 -16.16
N THR A 12 14.03 -5.07 -15.53
CA THR A 12 14.76 -6.32 -15.40
C THR A 12 14.29 -7.35 -16.43
N CYS A 13 13.01 -7.67 -16.38
CA CYS A 13 12.43 -8.64 -17.31
C CYS A 13 11.39 -7.97 -18.21
N HIS A 14 11.36 -6.65 -18.19
CA HIS A 14 10.41 -5.89 -19.00
C HIS A 14 8.97 -6.27 -18.65
N LYS A 15 8.76 -6.71 -17.42
CA LYS A 15 7.43 -7.11 -16.96
C LYS A 15 6.68 -5.91 -16.39
N LYS A 16 5.64 -5.49 -17.10
CA LYS A 16 4.83 -4.35 -16.66
C LYS A 16 3.66 -4.82 -15.79
N PHE A 17 3.15 -3.91 -14.97
CA PHE A 17 2.03 -4.22 -14.09
C PHE A 17 0.98 -3.12 -14.12
N LEU A 18 -0.05 -3.27 -13.30
CA LEU A 18 -1.12 -2.28 -13.22
C LEU A 18 -0.76 -1.14 -12.26
N SER A 19 -0.14 -1.51 -11.15
CA SER A 19 0.26 -0.52 -10.15
C SER A 19 1.68 -0.79 -9.66
N LYS A 20 2.22 0.15 -8.88
CA LYS A 20 3.57 0.01 -8.35
C LYS A 20 3.65 -1.13 -7.34
N TYR A 21 2.77 -1.10 -6.35
CA TYR A 21 2.74 -2.12 -5.32
C TYR A 21 3.04 -3.50 -5.92
N TYR A 22 2.30 -3.86 -6.96
CA TYR A 22 2.48 -5.15 -7.62
C TYR A 22 3.91 -5.30 -8.12
N LEU A 23 4.48 -4.21 -8.62
CA LEU A 23 5.85 -4.23 -9.13
C LEU A 23 6.85 -4.47 -8.00
N LYS A 24 6.92 -3.52 -7.07
CA LYS A 24 7.83 -3.63 -5.94
C LYS A 24 7.81 -5.04 -5.36
N VAL A 25 6.63 -5.64 -5.30
CA VAL A 25 6.48 -6.98 -4.77
C VAL A 25 7.11 -8.02 -5.69
N HIS A 26 7.10 -7.72 -6.99
CA HIS A 26 7.67 -8.62 -7.99
C HIS A 26 9.18 -8.43 -8.09
N ASN A 27 9.63 -7.19 -7.95
CA ASN A 27 11.06 -6.88 -8.01
C ASN A 27 11.84 -7.65 -6.97
N ARG A 28 11.43 -7.51 -5.71
CA ARG A 28 12.09 -8.20 -4.61
C ARG A 28 12.59 -9.57 -5.05
N LYS A 29 11.78 -10.25 -5.85
CA LYS A 29 12.14 -11.58 -6.35
C LYS A 29 13.48 -11.55 -7.07
N HIS A 30 13.65 -10.60 -7.97
CA HIS A 30 14.90 -10.46 -8.71
C HIS A 30 16.10 -10.46 -7.78
N THR A 31 16.10 -9.56 -6.81
CA THR A 31 17.18 -9.46 -5.85
C THR A 31 17.29 -10.73 -5.01
N GLY A 32 18.50 -11.31 -4.96
CA GLY A 32 18.71 -12.52 -4.20
C GLY A 32 18.22 -12.39 -2.77
N GLU A 33 17.57 -13.44 -2.26
CA GLU A 33 17.04 -13.44 -0.90
C GLU A 33 17.74 -14.50 -0.05
N LYS A 34 17.81 -14.24 1.25
CA LYS A 34 18.45 -15.17 2.18
C LYS A 34 17.86 -16.58 2.03
N PRO A 35 18.68 -17.60 2.35
CA PRO A 35 18.27 -19.00 2.26
C PRO A 35 17.22 -19.37 3.31
N PHE A 36 17.10 -18.52 4.34
CA PHE A 36 16.15 -18.76 5.41
C PHE A 36 15.48 -17.46 5.85
N GLU A 37 14.29 -17.57 6.40
CA GLU A 37 13.54 -16.40 6.86
C GLU A 37 12.36 -16.80 7.74
N CYS A 38 12.13 -16.03 8.79
CA CYS A 38 11.02 -16.32 9.70
C CYS A 38 9.69 -16.32 8.96
N PRO A 39 9.10 -17.52 8.83
CA PRO A 39 7.81 -17.69 8.14
C PRO A 39 6.65 -17.10 8.94
N LYS A 40 6.96 -16.49 10.06
CA LYS A 40 5.94 -15.87 10.92
C LYS A 40 5.90 -14.37 10.71
N CYS A 41 7.08 -13.76 10.54
CA CYS A 41 7.17 -12.32 10.33
C CYS A 41 7.87 -12.01 9.02
N GLY A 42 8.98 -12.70 8.76
CA GLY A 42 9.73 -12.49 7.54
C GLY A 42 11.13 -11.98 7.80
N LYS A 43 11.71 -12.39 8.92
CA LYS A 43 13.05 -11.98 9.29
C LYS A 43 14.10 -12.89 8.65
N CYS A 44 14.78 -12.38 7.63
CA CYS A 44 15.81 -13.14 6.94
C CYS A 44 17.05 -13.29 7.80
N TYR A 45 17.74 -14.42 7.65
CA TYR A 45 18.94 -14.69 8.42
C TYR A 45 19.83 -15.72 7.71
N PHE A 46 21.09 -15.36 7.52
CA PHE A 46 22.05 -16.25 6.86
C PHE A 46 22.04 -17.63 7.50
N ARG A 47 22.30 -17.67 8.81
CA ARG A 47 22.33 -18.93 9.55
C ARG A 47 20.91 -19.39 9.88
N LYS A 48 20.63 -20.66 9.60
CA LYS A 48 19.32 -21.24 9.86
C LYS A 48 19.05 -21.31 11.37
N GLU A 49 20.09 -21.60 12.14
CA GLU A 49 19.97 -21.70 13.59
C GLU A 49 19.54 -20.36 14.19
N ASN A 50 20.31 -19.30 13.88
CA ASN A 50 20.01 -17.97 14.39
C ASN A 50 18.52 -17.67 14.28
N LEU A 51 17.97 -17.85 13.09
CA LEU A 51 16.56 -17.59 12.84
C LEU A 51 15.69 -18.39 13.81
N LEU A 52 15.91 -19.71 13.83
CA LEU A 52 15.14 -20.59 14.71
C LEU A 52 15.00 -19.99 16.10
N GLU A 53 16.10 -19.42 16.61
CA GLU A 53 16.09 -18.82 17.93
C GLU A 53 15.09 -17.66 17.99
N HIS A 54 15.33 -16.64 17.18
CA HIS A 54 14.45 -15.47 17.15
C HIS A 54 12.99 -15.89 17.24
N GLU A 55 12.60 -16.86 16.43
CA GLU A 55 11.22 -17.36 16.42
C GLU A 55 10.70 -17.54 17.85
N ALA A 56 11.55 -18.09 18.71
CA ALA A 56 11.17 -18.32 20.10
C ALA A 56 11.46 -17.09 20.95
N ARG A 57 12.65 -16.52 20.77
CA ARG A 57 13.05 -15.34 21.53
C ARG A 57 12.01 -14.23 21.39
N ASN A 58 11.80 -13.78 20.16
CA ASN A 58 10.83 -12.72 19.89
C ASN A 58 10.39 -12.75 18.43
N CYS A 59 9.16 -12.26 18.19
CA CYS A 59 8.62 -12.24 16.84
C CYS A 59 7.49 -11.21 16.73
N MET A 60 7.13 -10.86 15.49
CA MET A 60 6.08 -9.90 15.25
C MET A 60 4.73 -10.59 15.05
N ASN A 61 3.79 -10.31 15.93
CA ASN A 61 2.46 -10.92 15.85
C ASN A 61 1.39 -9.95 16.35
N ARG A 62 0.58 -9.45 15.42
CA ARG A 62 -0.49 -8.51 15.78
C ARG A 62 -1.69 -8.69 14.84
N SER A 63 -2.78 -8.01 15.17
CA SER A 63 -3.99 -8.08 14.36
C SER A 63 -3.68 -7.85 12.89
N GLU A 64 -3.58 -8.94 12.13
CA GLU A 64 -3.28 -8.85 10.71
C GLU A 64 -4.57 -8.86 9.89
N GLN A 65 -5.20 -7.69 9.79
CA GLN A 65 -6.44 -7.55 9.03
C GLN A 65 -6.28 -6.56 7.89
N VAL A 66 -6.36 -7.05 6.66
CA VAL A 66 -6.22 -6.21 5.48
C VAL A 66 -7.49 -6.19 4.65
N PHE A 67 -7.56 -5.27 3.70
CA PHE A 67 -8.74 -5.15 2.84
C PHE A 67 -8.39 -5.48 1.40
N THR A 68 -9.38 -5.94 0.64
CA THR A 68 -9.17 -6.29 -0.76
C THR A 68 -10.01 -5.41 -1.68
N CYS A 69 -9.37 -4.83 -2.69
CA CYS A 69 -10.06 -3.96 -3.63
C CYS A 69 -11.23 -4.69 -4.29
N SER A 70 -12.01 -3.96 -5.08
CA SER A 70 -13.16 -4.54 -5.76
C SER A 70 -12.96 -4.52 -7.27
N VAL A 71 -11.79 -4.09 -7.71
CA VAL A 71 -11.46 -4.03 -9.12
C VAL A 71 -10.18 -4.78 -9.44
N CYS A 72 -9.15 -4.52 -8.64
CA CYS A 72 -7.85 -5.17 -8.83
C CYS A 72 -7.52 -6.08 -7.65
N GLN A 73 -8.42 -6.12 -6.67
CA GLN A 73 -8.23 -6.95 -5.49
C GLN A 73 -6.93 -6.59 -4.77
N GLU A 74 -6.60 -5.30 -4.76
CA GLU A 74 -5.38 -4.82 -4.12
C GLU A 74 -5.39 -5.16 -2.63
N THR A 75 -4.36 -4.71 -1.93
CA THR A 75 -4.24 -4.97 -0.49
C THR A 75 -4.07 -3.66 0.29
N PHE A 76 -4.91 -3.47 1.29
CA PHE A 76 -4.85 -2.26 2.12
C PHE A 76 -4.95 -2.62 3.60
N ARG A 77 -3.91 -2.27 4.35
CA ARG A 77 -3.87 -2.54 5.78
C ARG A 77 -5.13 -2.01 6.47
N ARG A 78 -5.65 -0.91 5.96
CA ARG A 78 -6.85 -0.29 6.52
C ARG A 78 -7.91 -0.09 5.45
N ARG A 79 -9.12 0.27 5.88
CA ARG A 79 -10.22 0.49 4.95
C ARG A 79 -10.08 1.83 4.24
N MET A 80 -10.05 2.91 5.02
CA MET A 80 -9.91 4.25 4.47
C MET A 80 -8.97 4.25 3.26
N GLU A 81 -7.80 3.63 3.42
CA GLU A 81 -6.82 3.55 2.35
C GLU A 81 -7.46 3.07 1.06
N LEU A 82 -8.24 1.99 1.15
CA LEU A 82 -8.92 1.42 -0.01
C LEU A 82 -9.81 2.46 -0.68
N ARG A 83 -10.46 3.28 0.13
CA ARG A 83 -11.34 4.32 -0.38
C ARG A 83 -10.58 5.33 -1.23
N LEU A 84 -9.41 5.74 -0.74
CA LEU A 84 -8.57 6.70 -1.46
C LEU A 84 -7.94 6.05 -2.69
N HIS A 85 -7.99 4.73 -2.74
CA HIS A 85 -7.42 3.99 -3.87
C HIS A 85 -8.46 3.82 -4.98
N MET A 86 -9.68 3.50 -4.59
CA MET A 86 -10.76 3.31 -5.56
C MET A 86 -10.83 4.47 -6.54
N VAL A 87 -10.37 5.64 -6.10
CA VAL A 87 -10.37 6.83 -6.95
C VAL A 87 -9.68 6.56 -8.28
N SER A 88 -8.64 5.72 -8.24
CA SER A 88 -7.89 5.39 -9.44
C SER A 88 -8.76 4.61 -10.43
N HIS A 89 -9.72 3.87 -9.91
CA HIS A 89 -10.63 3.09 -10.75
C HIS A 89 -11.79 3.95 -11.25
N THR A 90 -12.51 4.57 -10.31
CA THR A 90 -13.64 5.42 -10.65
C THR A 90 -13.18 6.68 -11.37
N GLY A 91 -12.09 7.27 -10.87
CA GLY A 91 -11.58 8.49 -11.49
C GLY A 91 -11.06 9.47 -10.45
N GLU A 92 -11.95 10.04 -9.67
CA GLU A 92 -11.58 11.00 -8.65
C GLU A 92 -12.57 10.98 -7.48
N MET A 93 -12.21 11.67 -6.40
CA MET A 93 -13.07 11.72 -5.23
C MET A 93 -14.25 12.68 -5.44
N PRO A 94 -15.37 12.40 -4.75
CA PRO A 94 -16.57 13.21 -4.87
C PRO A 94 -16.40 14.59 -4.23
N TYR A 95 -15.87 14.62 -3.02
CA TYR A 95 -15.66 15.87 -2.30
C TYR A 95 -14.27 16.43 -2.59
N LYS A 96 -14.16 17.75 -2.55
CA LYS A 96 -12.88 18.41 -2.81
C LYS A 96 -12.81 19.76 -2.09
N CYS A 97 -11.62 20.12 -1.63
CA CYS A 97 -11.44 21.39 -0.93
C CYS A 97 -11.31 22.55 -1.92
N SER A 98 -11.07 23.74 -1.40
CA SER A 98 -10.94 24.93 -2.24
C SER A 98 -9.59 25.61 -2.01
N SER A 99 -9.23 25.76 -0.74
CA SER A 99 -7.97 26.41 -0.38
C SER A 99 -6.78 25.54 -0.79
N CYS A 100 -6.84 24.26 -0.46
CA CYS A 100 -5.78 23.33 -0.80
C CYS A 100 -6.18 22.43 -1.97
N SER A 101 -7.48 22.39 -2.25
CA SER A 101 -7.99 21.58 -3.35
C SER A 101 -7.84 20.10 -3.04
N GLN A 102 -7.92 19.74 -1.76
CA GLN A 102 -7.78 18.36 -1.34
C GLN A 102 -8.91 17.51 -1.89
N GLN A 103 -8.97 16.25 -1.47
CA GLN A 103 -10.00 15.33 -1.93
C GLN A 103 -10.46 14.42 -0.79
N PHE A 104 -11.74 14.08 -0.79
CA PHE A 104 -12.30 13.21 0.24
C PHE A 104 -13.44 12.37 -0.31
N MET A 105 -13.77 11.28 0.38
CA MET A 105 -14.84 10.39 -0.05
C MET A 105 -16.15 10.74 0.67
N GLN A 106 -16.04 11.33 1.86
CA GLN A 106 -17.21 11.70 2.64
C GLN A 106 -17.27 13.21 2.83
N LYS A 107 -18.46 13.71 3.15
CA LYS A 107 -18.66 15.14 3.36
C LYS A 107 -18.08 15.57 4.71
N LYS A 108 -18.43 14.85 5.75
CA LYS A 108 -17.95 15.16 7.10
C LYS A 108 -16.43 15.15 7.14
N ASP A 109 -15.82 14.24 6.39
CA ASP A 109 -14.36 14.13 6.34
C ASP A 109 -13.74 15.44 5.86
N LEU A 110 -14.42 16.11 4.93
CA LEU A 110 -13.93 17.36 4.38
C LEU A 110 -14.17 18.51 5.36
N GLN A 111 -15.40 18.64 5.83
CA GLN A 111 -15.75 19.69 6.78
C GLN A 111 -14.75 19.75 7.93
N SER A 112 -14.48 18.60 8.54
CA SER A 112 -13.54 18.53 9.65
C SER A 112 -12.14 18.95 9.20
N HIS A 113 -11.72 18.48 8.04
CA HIS A 113 -10.41 18.80 7.49
C HIS A 113 -10.25 20.30 7.34
N MET A 114 -11.32 20.97 6.93
CA MET A 114 -11.30 22.42 6.73
C MET A 114 -11.42 23.15 8.08
N ILE A 115 -12.02 22.48 9.06
CA ILE A 115 -12.20 23.06 10.37
C ILE A 115 -10.92 22.98 11.20
N LYS A 116 -10.13 21.93 10.94
CA LYS A 116 -8.87 21.74 11.64
C LYS A 116 -7.73 22.49 10.96
N LEU A 117 -7.50 22.15 9.70
CA LEU A 117 -6.43 22.79 8.92
C LEU A 117 -6.84 24.20 8.51
N HIS A 118 -7.99 24.31 7.84
CA HIS A 118 -8.49 25.60 7.39
C HIS A 118 -9.38 26.24 8.45
N SER A 119 -9.02 26.04 9.72
CA SER A 119 -9.79 26.59 10.83
C SER A 119 -10.08 28.07 10.62
N GLY A 120 -9.04 28.82 10.24
CA GLY A 120 -9.19 30.24 10.01
C GLY A 120 -8.51 31.08 11.07
N PRO A 121 -8.03 32.27 10.66
CA PRO A 121 -7.35 33.19 11.57
C PRO A 121 -8.28 33.80 12.61
N SER A 122 -7.72 34.60 13.51
CA SER A 122 -8.51 35.24 14.56
C SER A 122 -7.84 36.53 15.02
N SER A 123 -8.62 37.37 15.71
CA SER A 123 -8.11 38.64 16.20
C SER A 123 -7.98 38.62 17.72
N GLY A 124 -9.03 38.16 18.39
CA GLY A 124 -9.02 38.09 19.84
C GLY A 124 -8.81 39.46 20.48
ZN ZN B . 11.06 -8.39 -13.38
ZN ZN C . 9.78 -13.87 13.51
ZN ZN D . -7.94 -1.33 -7.12
ZN ZN E . -8.22 21.83 2.46
N GLY A 1 31.69 15.05 -8.24
CA GLY A 1 30.49 14.77 -9.01
C GLY A 1 29.64 13.69 -8.37
N SER A 2 28.64 14.10 -7.60
CA SER A 2 27.75 13.15 -6.93
C SER A 2 26.46 12.95 -7.73
N SER A 3 26.45 11.95 -8.59
CA SER A 3 25.28 11.66 -9.41
C SER A 3 25.45 10.33 -10.14
N GLY A 4 24.36 9.56 -10.21
CA GLY A 4 24.41 8.27 -10.88
C GLY A 4 24.37 7.11 -9.90
N SER A 5 23.52 6.12 -10.20
CA SER A 5 23.38 4.96 -9.34
C SER A 5 24.19 3.79 -9.88
N SER A 6 25.25 3.42 -9.16
CA SER A 6 26.11 2.32 -9.58
C SER A 6 25.66 1.01 -8.93
N GLY A 7 25.26 0.05 -9.76
CA GLY A 7 24.82 -1.23 -9.26
C GLY A 7 24.67 -2.27 -10.36
N VAL A 8 24.06 -3.40 -10.02
CA VAL A 8 23.85 -4.47 -10.99
C VAL A 8 22.47 -4.41 -11.61
N GLU A 9 22.22 -5.29 -12.58
CA GLU A 9 20.92 -5.33 -13.26
C GLU A 9 20.55 -6.76 -13.64
N CYS A 10 19.29 -7.11 -13.42
CA CYS A 10 18.81 -8.45 -13.75
C CYS A 10 18.32 -8.52 -15.19
N PRO A 11 19.02 -9.31 -16.02
CA PRO A 11 18.67 -9.49 -17.44
C PRO A 11 17.37 -10.27 -17.62
N THR A 12 16.71 -10.57 -16.51
CA THR A 12 15.45 -11.31 -16.55
C THR A 12 14.25 -10.38 -16.40
N CYS A 13 14.21 -9.65 -15.29
CA CYS A 13 13.12 -8.72 -15.03
C CYS A 13 13.63 -7.28 -14.99
N HIS A 14 14.84 -7.08 -15.49
CA HIS A 14 15.45 -5.75 -15.52
C HIS A 14 15.43 -5.12 -14.13
N LYS A 15 15.45 -5.96 -13.11
CA LYS A 15 15.43 -5.47 -11.73
C LYS A 15 16.85 -5.25 -11.22
N LYS A 16 17.21 -3.99 -11.03
CA LYS A 16 18.55 -3.65 -10.54
C LYS A 16 18.58 -3.68 -9.02
N PHE A 17 19.78 -3.81 -8.46
CA PHE A 17 19.96 -3.86 -7.01
C PHE A 17 21.16 -3.01 -6.59
N LEU A 18 21.37 -2.93 -5.27
CA LEU A 18 22.48 -2.15 -4.73
C LEU A 18 23.82 -2.83 -5.04
N SER A 19 23.85 -4.15 -4.88
CA SER A 19 25.07 -4.91 -5.14
C SER A 19 24.74 -6.29 -5.71
N LYS A 20 25.77 -7.02 -6.12
CA LYS A 20 25.59 -8.35 -6.69
C LYS A 20 24.92 -9.27 -5.69
N TYR A 21 25.39 -9.24 -4.45
CA TYR A 21 24.83 -10.09 -3.39
C TYR A 21 23.32 -10.17 -3.51
N TYR A 22 22.67 -9.00 -3.57
CA TYR A 22 21.22 -8.94 -3.68
C TYR A 22 20.74 -9.56 -4.98
N LEU A 23 21.57 -9.48 -6.01
CA LEU A 23 21.24 -10.04 -7.31
C LEU A 23 21.27 -11.57 -7.28
N LYS A 24 22.43 -12.12 -6.95
CA LYS A 24 22.60 -13.57 -6.88
C LYS A 24 21.46 -14.20 -6.06
N VAL A 25 21.08 -13.54 -4.97
CA VAL A 25 20.02 -14.04 -4.12
C VAL A 25 18.66 -13.88 -4.78
N HIS A 26 18.48 -12.78 -5.50
CA HIS A 26 17.21 -12.51 -6.18
C HIS A 26 17.06 -13.42 -7.40
N ASN A 27 17.97 -13.27 -8.36
CA ASN A 27 17.94 -14.07 -9.57
C ASN A 27 17.45 -15.49 -9.28
N ARG A 28 17.93 -16.05 -8.18
CA ARG A 28 17.54 -17.40 -7.78
C ARG A 28 16.05 -17.64 -8.05
N LYS A 29 15.23 -16.70 -7.62
CA LYS A 29 13.78 -16.81 -7.81
C LYS A 29 13.46 -17.27 -9.23
N HIS A 30 14.05 -16.62 -10.21
CA HIS A 30 13.82 -16.96 -11.61
C HIS A 30 14.16 -18.43 -11.87
N THR A 31 15.42 -18.78 -11.67
CA THR A 31 15.87 -20.16 -11.88
C THR A 31 15.01 -21.15 -11.10
N GLY A 32 14.17 -21.89 -11.82
CA GLY A 32 13.29 -22.86 -11.18
C GLY A 32 11.87 -22.36 -11.07
N GLU A 33 10.94 -23.31 -10.89
CA GLU A 33 9.53 -22.96 -10.78
C GLU A 33 9.04 -23.15 -9.34
N LYS A 34 7.81 -22.73 -9.08
CA LYS A 34 7.22 -22.85 -7.75
C LYS A 34 5.95 -23.69 -7.79
N PRO A 35 6.06 -24.96 -7.42
CA PRO A 35 4.93 -25.90 -7.40
C PRO A 35 3.93 -25.56 -6.30
N PHE A 36 4.42 -25.34 -5.09
CA PHE A 36 3.57 -25.02 -3.96
C PHE A 36 4.02 -23.72 -3.29
N GLU A 37 3.06 -22.96 -2.77
CA GLU A 37 3.36 -21.70 -2.11
C GLU A 37 2.31 -21.37 -1.05
N CYS A 38 2.77 -21.09 0.16
CA CYS A 38 1.87 -20.77 1.26
C CYS A 38 0.79 -19.78 0.81
N PRO A 39 -0.46 -20.26 0.73
CA PRO A 39 -1.60 -19.44 0.31
C PRO A 39 -1.97 -18.39 1.36
N LYS A 40 -1.20 -18.34 2.45
CA LYS A 40 -1.44 -17.39 3.51
C LYS A 40 -0.49 -16.21 3.41
N CYS A 41 0.79 -16.51 3.22
CA CYS A 41 1.82 -15.47 3.11
C CYS A 41 2.35 -15.38 1.68
N GLY A 42 2.60 -16.54 1.08
CA GLY A 42 3.11 -16.59 -0.27
C GLY A 42 4.56 -17.01 -0.33
N LYS A 43 4.90 -18.04 0.43
CA LYS A 43 6.27 -18.55 0.45
C LYS A 43 6.39 -19.85 -0.35
N CYS A 44 6.93 -19.74 -1.56
CA CYS A 44 7.09 -20.89 -2.43
C CYS A 44 7.77 -22.04 -1.68
N TYR A 45 7.82 -23.20 -2.32
CA TYR A 45 8.44 -24.38 -1.72
C TYR A 45 8.50 -25.53 -2.72
N PHE A 46 9.69 -26.09 -2.90
CA PHE A 46 9.90 -27.19 -3.82
C PHE A 46 8.95 -28.35 -3.50
N ARG A 47 8.87 -28.71 -2.22
CA ARG A 47 8.01 -29.79 -1.78
C ARG A 47 6.82 -29.26 -0.99
N LYS A 48 5.71 -30.00 -1.02
CA LYS A 48 4.50 -29.60 -0.30
C LYS A 48 4.65 -29.84 1.20
N GLU A 49 5.19 -31.00 1.55
CA GLU A 49 5.38 -31.35 2.95
C GLU A 49 6.06 -30.21 3.71
N ASN A 50 7.22 -29.79 3.22
CA ASN A 50 7.97 -28.71 3.85
C ASN A 50 7.07 -27.50 4.10
N LEU A 51 6.31 -27.11 3.08
CA LEU A 51 5.42 -25.96 3.18
C LEU A 51 4.51 -26.11 4.40
N LEU A 52 3.92 -27.29 4.56
CA LEU A 52 3.03 -27.56 5.68
C LEU A 52 3.71 -27.21 7.00
N GLU A 53 4.92 -27.71 7.21
CA GLU A 53 5.67 -27.46 8.43
C GLU A 53 5.70 -25.97 8.73
N HIS A 54 5.97 -25.16 7.71
CA HIS A 54 6.04 -23.71 7.87
C HIS A 54 4.69 -23.15 8.31
N GLU A 55 3.64 -23.54 7.60
CA GLU A 55 2.29 -23.08 7.91
C GLU A 55 2.07 -23.02 9.42
N ALA A 56 2.52 -24.05 10.12
CA ALA A 56 2.37 -24.11 11.57
C ALA A 56 3.57 -23.45 12.27
N ARG A 57 4.76 -23.73 11.78
CA ARG A 57 5.98 -23.17 12.36
C ARG A 57 5.89 -21.64 12.42
N ASN A 58 5.85 -21.01 11.25
CA ASN A 58 5.76 -19.56 11.17
C ASN A 58 5.08 -19.12 9.87
N CYS A 59 4.53 -17.92 9.87
CA CYS A 59 3.86 -17.38 8.69
C CYS A 59 3.67 -15.87 8.82
N MET A 60 3.40 -15.22 7.69
CA MET A 60 3.19 -13.78 7.66
C MET A 60 2.37 -13.33 8.86
N ASN A 61 3.03 -12.72 9.84
CA ASN A 61 2.35 -12.24 11.04
C ASN A 61 1.90 -10.79 10.87
N ARG A 62 2.84 -9.92 10.52
CA ARG A 62 2.52 -8.51 10.31
C ARG A 62 1.61 -8.32 9.11
N SER A 63 0.33 -8.10 9.37
CA SER A 63 -0.66 -7.91 8.31
C SER A 63 -1.37 -6.57 8.48
N GLU A 64 -0.88 -5.55 7.78
CA GLU A 64 -1.48 -4.22 7.85
C GLU A 64 -0.87 -3.29 6.80
N GLN A 65 -1.71 -2.72 5.96
CA GLN A 65 -1.25 -1.81 4.91
C GLN A 65 -1.37 -0.36 5.35
N VAL A 66 -0.24 0.25 5.69
CA VAL A 66 -0.22 1.63 6.14
C VAL A 66 0.02 2.58 4.97
N PHE A 67 -0.17 3.88 5.20
CA PHE A 67 0.03 4.88 4.17
C PHE A 67 1.15 5.86 4.57
N THR A 68 1.86 6.37 3.57
CA THR A 68 2.95 7.31 3.81
C THR A 68 2.60 8.70 3.29
N CYS A 69 2.75 9.71 4.14
CA CYS A 69 2.45 11.08 3.77
C CYS A 69 3.24 11.48 2.52
N SER A 70 2.96 12.68 2.02
CA SER A 70 3.63 13.19 0.83
C SER A 70 4.48 14.42 1.17
N VAL A 71 4.54 14.75 2.45
CA VAL A 71 5.29 15.91 2.91
C VAL A 71 6.29 15.52 4.01
N CYS A 72 5.79 14.79 5.01
CA CYS A 72 6.62 14.35 6.11
C CYS A 72 6.79 12.84 6.11
N GLN A 73 6.12 12.18 5.16
CA GLN A 73 6.19 10.73 5.05
C GLN A 73 5.67 10.05 6.31
N GLU A 74 4.66 10.67 6.92
CA GLU A 74 4.07 10.13 8.14
C GLU A 74 3.54 8.72 7.91
N THR A 75 2.94 8.13 8.95
CA THR A 75 2.39 6.79 8.86
C THR A 75 0.92 6.76 9.26
N PHE A 76 0.08 6.22 8.39
CA PHE A 76 -1.35 6.14 8.67
C PHE A 76 -1.88 4.74 8.36
N ARG A 77 -2.40 4.08 9.38
CA ARG A 77 -2.94 2.73 9.23
C ARG A 77 -3.98 2.69 8.11
N ARG A 78 -4.70 3.79 7.93
CA ARG A 78 -5.72 3.88 6.90
C ARG A 78 -5.44 5.06 5.96
N ARG A 79 -6.17 5.10 4.85
CA ARG A 79 -6.02 6.17 3.87
C ARG A 79 -6.66 7.46 4.35
N MET A 80 -7.98 7.42 4.52
CA MET A 80 -8.73 8.59 4.99
C MET A 80 -7.92 9.38 6.01
N GLU A 81 -7.37 8.67 6.99
CA GLU A 81 -6.57 9.29 8.04
C GLU A 81 -5.55 10.26 7.44
N LEU A 82 -4.77 9.77 6.49
CA LEU A 82 -3.75 10.58 5.84
C LEU A 82 -4.36 11.85 5.26
N ARG A 83 -5.58 11.72 4.72
CA ARG A 83 -6.27 12.86 4.14
C ARG A 83 -6.53 13.94 5.19
N LEU A 84 -6.99 13.53 6.35
CA LEU A 84 -7.27 14.46 7.44
C LEU A 84 -5.99 15.04 8.02
N HIS A 85 -4.86 14.40 7.70
CA HIS A 85 -3.56 14.86 8.19
C HIS A 85 -2.95 15.87 7.23
N MET A 86 -3.11 15.62 5.94
CA MET A 86 -2.56 16.52 4.91
C MET A 86 -3.00 17.96 5.17
N VAL A 87 -4.19 18.12 5.73
CA VAL A 87 -4.72 19.45 6.03
C VAL A 87 -3.72 20.26 6.85
N SER A 88 -2.94 19.57 7.68
CA SER A 88 -1.95 20.24 8.53
C SER A 88 -0.85 20.86 7.68
N HIS A 89 -0.60 20.26 6.51
CA HIS A 89 0.43 20.75 5.61
C HIS A 89 -0.10 21.90 4.75
N THR A 90 -1.20 21.65 4.04
CA THR A 90 -1.80 22.65 3.18
C THR A 90 -2.43 23.78 4.01
N GLY A 91 -3.04 23.41 5.14
CA GLY A 91 -3.66 24.39 5.99
C GLY A 91 -5.10 24.04 6.32
N GLU A 92 -5.90 23.79 5.29
CA GLU A 92 -7.30 23.45 5.49
C GLU A 92 -7.85 22.69 4.28
N MET A 93 -8.84 21.84 4.52
CA MET A 93 -9.45 21.05 3.46
C MET A 93 -10.05 21.95 2.38
N PRO A 94 -10.13 21.44 1.15
CA PRO A 94 -10.69 22.18 0.01
C PRO A 94 -12.19 22.38 0.13
N TYR A 95 -12.91 21.30 0.44
CA TYR A 95 -14.36 21.35 0.58
C TYR A 95 -14.75 21.65 2.03
N LYS A 96 -15.88 22.33 2.20
CA LYS A 96 -16.37 22.66 3.53
C LYS A 96 -17.89 22.79 3.53
N CYS A 97 -18.50 22.51 4.68
CA CYS A 97 -19.95 22.60 4.81
C CYS A 97 -20.39 24.04 5.09
N SER A 98 -21.68 24.22 5.33
CA SER A 98 -22.22 25.56 5.60
C SER A 98 -22.95 25.57 6.94
N SER A 99 -23.77 24.56 7.19
CA SER A 99 -24.52 24.46 8.43
C SER A 99 -23.59 24.17 9.61
N CYS A 100 -22.71 23.18 9.43
CA CYS A 100 -21.77 22.80 10.47
C CYS A 100 -20.37 23.33 10.15
N SER A 101 -20.16 23.73 8.90
CA SER A 101 -18.87 24.25 8.47
C SER A 101 -17.80 23.17 8.55
N GLN A 102 -18.21 21.93 8.29
CA GLN A 102 -17.28 20.80 8.32
C GLN A 102 -16.21 20.94 7.25
N GLN A 103 -15.38 19.91 7.11
CA GLN A 103 -14.31 19.92 6.11
C GLN A 103 -14.18 18.56 5.44
N PHE A 104 -13.89 18.57 4.15
CA PHE A 104 -13.73 17.33 3.39
C PHE A 104 -12.68 17.50 2.28
N MET A 105 -12.16 16.37 1.80
CA MET A 105 -11.16 16.39 0.74
C MET A 105 -11.79 16.11 -0.62
N GLN A 106 -12.93 15.42 -0.60
CA GLN A 106 -13.64 15.08 -1.83
C GLN A 106 -15.01 15.75 -1.87
N LYS A 107 -15.53 15.95 -3.07
CA LYS A 107 -16.84 16.58 -3.25
C LYS A 107 -17.96 15.63 -2.82
N LYS A 108 -17.92 14.40 -3.31
CA LYS A 108 -18.92 13.41 -2.98
C LYS A 108 -19.01 13.20 -1.47
N ASP A 109 -17.86 13.28 -0.80
CA ASP A 109 -17.81 13.11 0.64
C ASP A 109 -18.67 14.17 1.35
N LEU A 110 -18.66 15.38 0.80
CA LEU A 110 -19.43 16.48 1.37
C LEU A 110 -20.92 16.33 1.05
N GLN A 111 -21.22 16.09 -0.23
CA GLN A 111 -22.60 15.92 -0.66
C GLN A 111 -23.31 14.87 0.19
N SER A 112 -22.70 13.71 0.32
CA SER A 112 -23.28 12.62 1.10
C SER A 112 -23.42 13.01 2.57
N HIS A 113 -22.44 13.74 3.08
CA HIS A 113 -22.46 14.19 4.47
C HIS A 113 -23.62 15.14 4.72
N MET A 114 -23.89 16.01 3.74
CA MET A 114 -24.98 16.96 3.86
C MET A 114 -26.33 16.29 3.62
N ILE A 115 -26.34 15.28 2.76
CA ILE A 115 -27.56 14.55 2.44
C ILE A 115 -27.91 13.57 3.56
N LYS A 116 -26.90 13.08 4.25
CA LYS A 116 -27.11 12.14 5.34
C LYS A 116 -27.36 12.88 6.66
N LEU A 117 -26.40 13.71 7.06
CA LEU A 117 -26.52 14.48 8.29
C LEU A 117 -27.49 15.64 8.12
N HIS A 118 -27.24 16.48 7.11
CA HIS A 118 -28.09 17.62 6.85
C HIS A 118 -29.20 17.26 5.86
N SER A 119 -29.70 16.03 5.98
CA SER A 119 -30.76 15.56 5.10
C SER A 119 -31.88 16.59 4.98
N GLY A 120 -32.32 17.10 6.13
CA GLY A 120 -33.39 18.09 6.14
C GLY A 120 -34.61 17.62 6.91
N PRO A 121 -35.62 18.49 6.99
CA PRO A 121 -36.87 18.18 7.71
C PRO A 121 -37.70 17.13 6.99
N SER A 122 -38.50 16.39 7.75
CA SER A 122 -39.35 15.35 7.20
C SER A 122 -40.83 15.65 7.45
N SER A 123 -41.70 14.87 6.82
CA SER A 123 -43.13 15.05 6.98
C SER A 123 -43.88 13.73 6.74
N GLY A 124 -45.02 13.58 7.41
CA GLY A 124 -45.81 12.38 7.26
C GLY A 124 -47.29 12.66 7.24
ZN ZN B . 14.98 -10.71 -11.87
ZN ZN C . 3.04 -18.88 5.39
ZN ZN D . 2.53 14.90 6.76
ZN ZN E . -22.28 19.62 7.57
N GLY A 1 30.59 -10.96 -36.56
CA GLY A 1 31.45 -11.21 -35.43
C GLY A 1 30.79 -12.04 -34.36
N SER A 2 30.73 -11.50 -33.14
CA SER A 2 30.12 -12.20 -32.02
C SER A 2 28.72 -12.68 -32.38
N SER A 3 28.52 -14.00 -32.33
CA SER A 3 27.24 -14.61 -32.67
C SER A 3 26.42 -14.86 -31.41
N GLY A 4 26.95 -15.70 -30.53
CA GLY A 4 26.25 -16.02 -29.29
C GLY A 4 25.35 -17.23 -29.44
N SER A 5 25.84 -18.39 -29.01
CA SER A 5 25.08 -19.63 -29.09
C SER A 5 23.69 -19.44 -28.47
N SER A 6 23.65 -19.04 -27.21
CA SER A 6 22.39 -18.84 -26.51
C SER A 6 22.62 -18.14 -25.17
N GLY A 7 21.53 -17.84 -24.47
CA GLY A 7 21.64 -17.19 -23.18
C GLY A 7 20.53 -17.61 -22.23
N VAL A 8 20.60 -17.10 -21.00
CA VAL A 8 19.60 -17.43 -19.98
C VAL A 8 18.55 -16.32 -19.86
N GLU A 9 17.49 -16.60 -19.11
CA GLU A 9 16.42 -15.63 -18.92
C GLU A 9 15.98 -15.60 -17.46
N CYS A 10 15.73 -14.40 -16.95
CA CYS A 10 15.29 -14.22 -15.57
C CYS A 10 13.78 -14.25 -15.47
N PRO A 11 13.24 -15.27 -14.77
CA PRO A 11 11.80 -15.44 -14.58
C PRO A 11 11.21 -14.37 -13.65
N THR A 12 12.05 -13.42 -13.26
CA THR A 12 11.61 -12.35 -12.37
C THR A 12 11.34 -11.06 -13.15
N CYS A 13 12.35 -10.60 -13.87
CA CYS A 13 12.24 -9.37 -14.66
C CYS A 13 12.41 -9.67 -16.15
N HIS A 14 12.32 -10.95 -16.50
CA HIS A 14 12.46 -11.36 -17.90
C HIS A 14 13.74 -10.80 -18.50
N LYS A 15 14.75 -10.58 -17.66
CA LYS A 15 16.03 -10.05 -18.10
C LYS A 15 16.99 -11.17 -18.47
N LYS A 16 17.34 -11.27 -19.74
CA LYS A 16 18.26 -12.30 -20.21
C LYS A 16 19.71 -11.89 -19.97
N PHE A 17 20.61 -12.86 -20.01
CA PHE A 17 22.03 -12.61 -19.79
C PHE A 17 22.89 -13.51 -20.69
N LEU A 18 24.18 -13.21 -20.74
CA LEU A 18 25.11 -13.99 -21.55
C LEU A 18 25.14 -15.44 -21.09
N SER A 19 25.40 -15.63 -19.80
CA SER A 19 25.47 -16.98 -19.24
C SER A 19 24.95 -16.99 -17.80
N LYS A 20 24.72 -18.18 -17.27
CA LYS A 20 24.22 -18.34 -15.90
C LYS A 20 24.95 -17.40 -14.95
N TYR A 21 26.28 -17.54 -14.89
CA TYR A 21 27.10 -16.71 -14.02
C TYR A 21 26.48 -15.32 -13.87
N TYR A 22 26.36 -14.61 -14.99
CA TYR A 22 25.80 -13.27 -14.98
C TYR A 22 24.41 -13.26 -14.35
N LEU A 23 23.58 -14.20 -14.76
CA LEU A 23 22.22 -14.32 -14.23
C LEU A 23 22.23 -14.35 -12.70
N LYS A 24 23.07 -15.21 -12.15
CA LYS A 24 23.19 -15.34 -10.69
C LYS A 24 23.49 -14.00 -10.04
N VAL A 25 24.67 -13.45 -10.32
CA VAL A 25 25.08 -12.17 -9.77
C VAL A 25 23.93 -11.16 -9.83
N HIS A 26 23.16 -11.21 -10.90
CA HIS A 26 22.03 -10.30 -11.08
C HIS A 26 20.91 -10.64 -10.10
N ASN A 27 20.38 -11.85 -10.21
CA ASN A 27 19.30 -12.29 -9.33
C ASN A 27 19.53 -11.81 -7.90
N ARG A 28 20.76 -11.95 -7.43
CA ARG A 28 21.10 -11.53 -6.08
C ARG A 28 20.34 -10.27 -5.68
N LYS A 29 20.28 -9.31 -6.59
CA LYS A 29 19.57 -8.06 -6.34
C LYS A 29 18.11 -8.32 -5.96
N HIS A 30 17.44 -9.16 -6.74
CA HIS A 30 16.05 -9.51 -6.48
C HIS A 30 15.86 -9.92 -5.03
N THR A 31 16.76 -10.76 -4.53
CA THR A 31 16.70 -11.24 -3.16
C THR A 31 17.27 -10.22 -2.19
N GLY A 32 16.40 -9.65 -1.35
CA GLY A 32 16.84 -8.67 -0.39
C GLY A 32 16.52 -9.06 1.04
N GLU A 33 15.68 -8.26 1.70
CA GLU A 33 15.29 -8.54 3.07
C GLU A 33 14.28 -9.69 3.14
N LYS A 34 13.99 -10.28 1.98
CA LYS A 34 13.05 -11.39 1.90
C LYS A 34 13.63 -12.53 1.08
N PRO A 35 14.33 -13.45 1.75
CA PRO A 35 14.94 -14.62 1.09
C PRO A 35 13.90 -15.63 0.62
N PHE A 36 12.89 -15.88 1.45
CA PHE A 36 11.83 -16.82 1.11
C PHE A 36 10.47 -16.28 1.53
N GLU A 37 9.60 -16.07 0.54
CA GLU A 37 8.26 -15.55 0.81
C GLU A 37 7.19 -16.45 0.22
N CYS A 38 6.04 -16.52 0.87
CA CYS A 38 4.94 -17.36 0.41
C CYS A 38 4.43 -16.88 -0.95
N PRO A 39 4.60 -17.71 -1.98
CA PRO A 39 4.16 -17.39 -3.34
C PRO A 39 2.64 -17.39 -3.47
N LYS A 40 1.96 -17.89 -2.44
CA LYS A 40 0.51 -17.95 -2.44
C LYS A 40 -0.09 -16.64 -1.92
N CYS A 41 0.45 -16.15 -0.81
CA CYS A 41 -0.03 -14.90 -0.22
C CYS A 41 1.02 -13.81 -0.33
N GLY A 42 2.26 -14.14 0.02
CA GLY A 42 3.34 -13.17 -0.06
C GLY A 42 3.87 -12.79 1.31
N LYS A 43 3.95 -13.76 2.21
CA LYS A 43 4.45 -13.52 3.56
C LYS A 43 5.91 -13.91 3.68
N CYS A 44 6.75 -12.93 4.01
CA CYS A 44 8.19 -13.16 4.15
C CYS A 44 8.49 -13.81 5.50
N TYR A 45 9.64 -14.48 5.58
CA TYR A 45 10.06 -15.14 6.81
C TYR A 45 11.55 -15.41 6.82
N PHE A 46 12.28 -14.69 7.67
CA PHE A 46 13.72 -14.84 7.77
C PHE A 46 14.12 -16.31 7.69
N ARG A 47 13.62 -17.10 8.63
CA ARG A 47 13.93 -18.52 8.67
C ARG A 47 12.86 -19.33 7.94
N LYS A 48 13.27 -20.06 6.91
CA LYS A 48 12.35 -20.87 6.12
C LYS A 48 11.43 -21.68 7.04
N GLU A 49 12.02 -22.31 8.05
CA GLU A 49 11.26 -23.12 9.00
C GLU A 49 9.89 -22.50 9.26
N ASN A 50 9.89 -21.22 9.57
CA ASN A 50 8.65 -20.50 9.86
C ASN A 50 7.70 -20.55 8.66
N LEU A 51 8.18 -20.07 7.51
CA LEU A 51 7.38 -20.07 6.30
C LEU A 51 6.68 -21.40 6.10
N LEU A 52 7.46 -22.48 6.06
CA LEU A 52 6.91 -23.82 5.88
C LEU A 52 5.68 -24.03 6.76
N GLU A 53 5.80 -23.71 8.04
CA GLU A 53 4.68 -23.85 8.97
C GLU A 53 3.46 -23.09 8.48
N HIS A 54 3.57 -21.77 8.45
CA HIS A 54 2.47 -20.91 8.01
C HIS A 54 1.73 -21.56 6.83
N GLU A 55 2.48 -22.01 5.84
CA GLU A 55 1.90 -22.64 4.67
C GLU A 55 0.83 -23.65 5.06
N ALA A 56 1.14 -24.46 6.09
CA ALA A 56 0.21 -25.46 6.57
C ALA A 56 -0.76 -24.88 7.59
N ARG A 57 -0.21 -24.16 8.57
CA ARG A 57 -1.04 -23.55 9.61
C ARG A 57 -2.14 -22.69 8.99
N ASN A 58 -1.73 -21.67 8.24
CA ASN A 58 -2.68 -20.77 7.60
C ASN A 58 -2.00 -19.93 6.52
N CYS A 59 -2.76 -19.53 5.51
CA CYS A 59 -2.23 -18.73 4.42
C CYS A 59 -3.22 -17.65 4.00
N MET A 60 -2.71 -16.48 3.68
CA MET A 60 -3.55 -15.36 3.26
C MET A 60 -4.77 -15.23 4.17
N ASN A 61 -4.58 -15.51 5.46
CA ASN A 61 -5.66 -15.43 6.42
C ASN A 61 -6.43 -14.11 6.28
N ARG A 62 -5.69 -13.01 6.25
CA ARG A 62 -6.29 -11.69 6.12
C ARG A 62 -7.10 -11.60 4.82
N SER A 63 -8.40 -11.35 4.97
CA SER A 63 -9.29 -11.24 3.81
C SER A 63 -9.66 -9.78 3.55
N GLU A 64 -9.26 -8.91 4.47
CA GLU A 64 -9.56 -7.48 4.34
C GLU A 64 -8.38 -6.74 3.73
N GLN A 65 -8.67 -5.85 2.77
CA GLN A 65 -7.63 -5.07 2.11
C GLN A 65 -7.40 -3.76 2.83
N VAL A 66 -6.33 -3.70 3.62
CA VAL A 66 -5.99 -2.49 4.36
C VAL A 66 -5.12 -1.55 3.53
N PHE A 67 -5.00 -0.31 3.98
CA PHE A 67 -4.20 0.68 3.28
C PHE A 67 -2.96 1.06 4.09
N THR A 68 -1.91 1.46 3.39
CA THR A 68 -0.66 1.85 4.04
C THR A 68 -0.36 3.33 3.82
N CYS A 69 -0.20 4.08 4.91
CA CYS A 69 0.09 5.50 4.83
C CYS A 69 1.21 5.77 3.83
N SER A 70 1.50 7.04 3.60
CA SER A 70 2.55 7.44 2.66
C SER A 70 3.70 8.14 3.40
N VAL A 71 3.59 8.19 4.72
CA VAL A 71 4.62 8.83 5.54
C VAL A 71 5.10 7.91 6.64
N CYS A 72 4.15 7.29 7.35
CA CYS A 72 4.49 6.37 8.43
C CYS A 72 4.06 4.95 8.08
N GLN A 73 3.48 4.78 6.90
CA GLN A 73 3.03 3.46 6.45
C GLN A 73 2.01 2.88 7.43
N GLU A 74 1.21 3.76 8.04
CA GLU A 74 0.20 3.32 8.99
C GLU A 74 -0.71 2.26 8.38
N THR A 75 -1.74 1.87 9.12
CA THR A 75 -2.68 0.86 8.64
C THR A 75 -4.12 1.36 8.75
N PHE A 76 -4.84 1.30 7.64
CA PHE A 76 -6.23 1.74 7.60
C PHE A 76 -7.11 0.74 6.87
N ARG A 77 -8.08 0.18 7.58
CA ARG A 77 -8.99 -0.81 6.99
C ARG A 77 -9.61 -0.28 5.70
N ARG A 78 -9.82 1.04 5.65
CA ARG A 78 -10.41 1.67 4.47
C ARG A 78 -9.51 2.80 3.96
N ARG A 79 -9.80 3.27 2.75
CA ARG A 79 -9.03 4.36 2.15
C ARG A 79 -9.33 5.69 2.84
N MET A 80 -10.57 6.15 2.71
CA MET A 80 -10.98 7.40 3.32
C MET A 80 -10.25 7.65 4.64
N GLU A 81 -10.23 6.62 5.48
CA GLU A 81 -9.56 6.72 6.78
C GLU A 81 -8.14 7.28 6.62
N LEU A 82 -7.39 6.69 5.68
CA LEU A 82 -6.02 7.11 5.42
C LEU A 82 -5.96 8.60 5.11
N ARG A 83 -6.99 9.11 4.43
CA ARG A 83 -7.05 10.51 4.07
C ARG A 83 -7.20 11.39 5.32
N LEU A 84 -8.09 10.98 6.22
CA LEU A 84 -8.32 11.72 7.45
C LEU A 84 -7.10 11.64 8.38
N HIS A 85 -6.21 10.70 8.08
CA HIS A 85 -5.01 10.51 8.88
C HIS A 85 -3.87 11.39 8.36
N MET A 86 -3.72 11.45 7.04
CA MET A 86 -2.67 12.25 6.44
C MET A 86 -2.67 13.67 7.00
N VAL A 87 -3.83 14.14 7.41
CA VAL A 87 -3.97 15.48 7.96
C VAL A 87 -2.92 15.73 9.05
N SER A 88 -2.59 14.67 9.80
CA SER A 88 -1.62 14.79 10.87
C SER A 88 -0.22 15.01 10.31
N HIS A 89 0.01 14.53 9.08
CA HIS A 89 1.30 14.69 8.44
C HIS A 89 1.41 16.04 7.75
N THR A 90 0.41 16.37 6.93
CA THR A 90 0.40 17.65 6.22
C THR A 90 0.06 18.80 7.16
N GLY A 91 -0.73 18.51 8.19
CA GLY A 91 -1.11 19.53 9.14
C GLY A 91 -2.60 19.50 9.45
N GLU A 92 -3.41 19.79 8.45
CA GLU A 92 -4.87 19.81 8.62
C GLU A 92 -5.58 19.67 7.28
N MET A 93 -6.89 19.56 7.32
CA MET A 93 -7.70 19.43 6.11
C MET A 93 -7.84 20.77 5.39
N PRO A 94 -7.93 20.73 4.06
CA PRO A 94 -8.07 21.93 3.23
C PRO A 94 -9.43 22.60 3.41
N TYR A 95 -10.49 21.80 3.34
CA TYR A 95 -11.84 22.31 3.50
C TYR A 95 -12.34 22.15 4.93
N LYS A 96 -13.23 23.04 5.34
CA LYS A 96 -13.77 23.00 6.70
C LYS A 96 -15.16 23.64 6.74
N CYS A 97 -15.98 23.19 7.69
CA CYS A 97 -17.33 23.73 7.84
C CYS A 97 -17.33 25.00 8.68
N SER A 98 -18.51 25.56 8.90
CA SER A 98 -18.64 26.78 9.70
C SER A 98 -19.56 26.55 10.89
N SER A 99 -20.68 25.88 10.66
CA SER A 99 -21.64 25.60 11.71
C SER A 99 -21.08 24.58 12.70
N CYS A 100 -20.56 23.48 12.17
CA CYS A 100 -19.98 22.42 12.99
C CYS A 100 -18.46 22.50 13.01
N SER A 101 -17.90 23.21 12.03
CA SER A 101 -16.45 23.36 11.92
C SER A 101 -15.79 22.04 11.54
N GLN A 102 -16.52 21.21 10.79
CA GLN A 102 -16.01 19.92 10.36
C GLN A 102 -14.78 20.10 9.48
N GLN A 103 -14.29 18.98 8.93
CA GLN A 103 -13.13 19.00 8.06
C GLN A 103 -13.29 18.04 6.90
N PHE A 104 -12.78 18.43 5.73
CA PHE A 104 -12.87 17.59 4.54
C PHE A 104 -11.65 17.78 3.64
N MET A 105 -11.40 16.81 2.78
CA MET A 105 -10.26 16.86 1.87
C MET A 105 -10.68 17.43 0.52
N GLN A 106 -11.96 17.29 0.18
CA GLN A 106 -12.48 17.78 -1.09
C GLN A 106 -13.56 18.84 -0.86
N LYS A 107 -13.77 19.69 -1.85
CA LYS A 107 -14.77 20.74 -1.76
C LYS A 107 -16.18 20.17 -1.83
N LYS A 108 -16.44 19.34 -2.84
CA LYS A 108 -17.75 18.72 -3.01
C LYS A 108 -18.15 17.96 -1.75
N ASP A 109 -17.18 17.32 -1.11
CA ASP A 109 -17.43 16.56 0.10
C ASP A 109 -18.06 17.44 1.18
N LEU A 110 -17.59 18.69 1.26
CA LEU A 110 -18.10 19.64 2.25
C LEU A 110 -19.47 20.15 1.84
N GLN A 111 -19.58 20.65 0.61
CA GLN A 111 -20.84 21.17 0.11
C GLN A 111 -21.98 20.20 0.36
N SER A 112 -21.78 18.94 -0.01
CA SER A 112 -22.79 17.90 0.18
C SER A 112 -23.08 17.70 1.66
N HIS A 113 -22.03 17.71 2.47
CA HIS A 113 -22.17 17.52 3.91
C HIS A 113 -23.05 18.62 4.51
N MET A 114 -22.88 19.84 4.02
CA MET A 114 -23.66 20.98 4.50
C MET A 114 -25.07 20.97 3.92
N ILE A 115 -25.20 20.43 2.71
CA ILE A 115 -26.49 20.37 2.04
C ILE A 115 -27.34 19.23 2.59
N LYS A 116 -26.68 18.22 3.15
CA LYS A 116 -27.37 17.09 3.72
C LYS A 116 -27.65 17.29 5.19
N LEU A 117 -26.58 17.53 5.97
CA LEU A 117 -26.71 17.75 7.40
C LEU A 117 -27.21 19.16 7.70
N HIS A 118 -26.51 20.15 7.16
CA HIS A 118 -26.88 21.54 7.35
C HIS A 118 -27.87 22.01 6.28
N SER A 119 -28.78 21.11 5.91
CA SER A 119 -29.78 21.43 4.89
C SER A 119 -30.61 22.63 5.30
N GLY A 120 -30.10 23.82 5.00
CA GLY A 120 -30.80 25.04 5.35
C GLY A 120 -31.37 25.74 4.14
N PRO A 121 -32.26 26.72 4.37
CA PRO A 121 -32.91 27.49 3.30
C PRO A 121 -31.93 28.41 2.58
N SER A 122 -31.62 28.09 1.33
CA SER A 122 -30.69 28.89 0.54
C SER A 122 -31.44 29.97 -0.25
N SER A 123 -30.71 31.00 -0.67
CA SER A 123 -31.31 32.10 -1.43
C SER A 123 -30.22 32.98 -2.04
N GLY A 124 -30.56 33.66 -3.13
CA GLY A 124 -29.61 34.54 -3.78
C GLY A 124 -29.76 34.53 -5.30
ZN ZN B . 15.78 -10.32 -12.70
ZN ZN C . 0.89 -18.01 2.59
ZN ZN D . 0.84 8.42 8.60
ZN ZN E . -20.95 20.90 9.00
N GLY A 1 16.60 -23.93 -47.95
CA GLY A 1 17.17 -23.38 -46.74
C GLY A 1 16.13 -23.09 -45.68
N SER A 2 16.52 -22.35 -44.64
CA SER A 2 15.60 -22.00 -43.56
C SER A 2 15.98 -20.66 -42.94
N SER A 3 15.09 -20.13 -42.12
CA SER A 3 15.33 -18.85 -41.46
C SER A 3 14.47 -18.72 -40.20
N GLY A 4 14.79 -17.72 -39.38
CA GLY A 4 14.04 -17.50 -38.16
C GLY A 4 14.93 -17.45 -36.94
N SER A 5 14.50 -16.72 -35.91
CA SER A 5 15.27 -16.58 -34.69
C SER A 5 14.44 -17.02 -33.48
N SER A 6 14.73 -18.23 -32.99
CA SER A 6 14.02 -18.77 -31.83
C SER A 6 14.53 -18.16 -30.54
N GLY A 7 13.82 -18.43 -29.45
CA GLY A 7 14.22 -17.90 -28.15
C GLY A 7 13.14 -17.05 -27.51
N VAL A 8 13.37 -16.62 -26.28
CA VAL A 8 12.41 -15.79 -25.56
C VAL A 8 12.46 -14.35 -26.02
N GLU A 9 11.54 -13.54 -25.50
CA GLU A 9 11.48 -12.13 -25.87
C GLU A 9 11.16 -11.26 -24.65
N CYS A 10 11.72 -10.06 -24.62
CA CYS A 10 11.50 -9.14 -23.51
C CYS A 10 10.39 -8.15 -23.86
N PRO A 11 9.27 -8.22 -23.11
CA PRO A 11 8.13 -7.33 -23.32
C PRO A 11 8.43 -5.89 -22.90
N THR A 12 9.69 -5.62 -22.59
CA THR A 12 10.11 -4.29 -22.18
C THR A 12 10.86 -3.57 -23.29
N CYS A 13 11.98 -4.15 -23.70
CA CYS A 13 12.80 -3.58 -24.76
C CYS A 13 12.73 -4.43 -26.02
N HIS A 14 11.78 -5.37 -26.06
CA HIS A 14 11.62 -6.25 -27.21
C HIS A 14 12.92 -6.98 -27.53
N LYS A 15 13.74 -7.19 -26.50
CA LYS A 15 15.02 -7.87 -26.67
C LYS A 15 14.85 -9.38 -26.51
N LYS A 16 15.23 -10.13 -27.53
CA LYS A 16 15.12 -11.58 -27.51
C LYS A 16 16.44 -12.21 -27.09
N PHE A 17 16.37 -13.41 -26.52
CA PHE A 17 17.56 -14.14 -26.08
C PHE A 17 17.47 -15.62 -26.42
N LEU A 18 18.56 -16.34 -26.21
CA LEU A 18 18.60 -17.77 -26.49
C LEU A 18 17.56 -18.52 -25.68
N SER A 19 17.64 -18.40 -24.35
CA SER A 19 16.70 -19.07 -23.46
C SER A 19 16.17 -18.10 -22.42
N LYS A 20 15.09 -18.50 -21.75
CA LYS A 20 14.47 -17.67 -20.72
C LYS A 20 15.49 -17.31 -19.64
N TYR A 21 16.35 -18.26 -19.30
CA TYR A 21 17.36 -18.05 -18.27
C TYR A 21 18.05 -16.70 -18.46
N TYR A 22 18.58 -16.47 -19.66
CA TYR A 22 19.26 -15.23 -19.97
C TYR A 22 18.32 -14.04 -19.85
N LEU A 23 17.08 -14.23 -20.28
CA LEU A 23 16.07 -13.17 -20.21
C LEU A 23 15.87 -12.70 -18.78
N LYS A 24 15.53 -13.64 -17.89
CA LYS A 24 15.31 -13.33 -16.50
C LYS A 24 16.42 -12.44 -15.95
N VAL A 25 17.65 -12.94 -16.01
CA VAL A 25 18.81 -12.19 -15.54
C VAL A 25 18.84 -10.79 -16.12
N HIS A 26 18.43 -10.67 -17.38
CA HIS A 26 18.40 -9.37 -18.06
C HIS A 26 17.32 -8.47 -17.47
N ASN A 27 16.08 -8.95 -17.53
CA ASN A 27 14.95 -8.19 -17.02
C ASN A 27 15.35 -7.37 -15.79
N ARG A 28 16.13 -7.99 -14.90
CA ARG A 28 16.59 -7.31 -13.69
C ARG A 28 16.90 -5.84 -13.97
N LYS A 29 17.65 -5.60 -15.04
CA LYS A 29 18.03 -4.24 -15.42
C LYS A 29 16.82 -3.30 -15.31
N HIS A 30 15.70 -3.72 -15.87
CA HIS A 30 14.48 -2.92 -15.84
C HIS A 30 14.01 -2.70 -14.39
N THR A 31 13.82 -3.80 -13.68
CA THR A 31 13.36 -3.73 -12.29
C THR A 31 14.38 -2.99 -11.42
N GLY A 32 13.90 -2.46 -10.30
CA GLY A 32 14.78 -1.73 -9.39
C GLY A 32 14.14 -0.45 -8.88
N GLU A 33 13.08 -0.60 -8.09
CA GLU A 33 12.38 0.55 -7.53
C GLU A 33 12.12 0.36 -6.04
N LYS A 34 12.67 -0.72 -5.49
CA LYS A 34 12.50 -1.01 -4.06
C LYS A 34 13.84 -1.38 -3.43
N PRO A 35 14.57 -0.37 -2.95
CA PRO A 35 15.88 -0.56 -2.31
C PRO A 35 15.75 -1.23 -0.95
N PHE A 36 14.55 -1.69 -0.63
CA PHE A 36 14.30 -2.36 0.65
C PHE A 36 13.42 -3.59 0.45
N GLU A 37 13.71 -4.64 1.22
CA GLU A 37 12.94 -5.88 1.13
C GLU A 37 12.82 -6.54 2.50
N CYS A 38 11.84 -7.43 2.63
CA CYS A 38 11.62 -8.13 3.89
C CYS A 38 12.59 -9.29 4.06
N PRO A 39 13.51 -9.17 5.03
CA PRO A 39 14.51 -10.20 5.31
C PRO A 39 13.91 -11.46 5.91
N LYS A 40 12.58 -11.46 6.05
CA LYS A 40 11.88 -12.61 6.61
C LYS A 40 11.26 -13.45 5.51
N CYS A 41 10.68 -12.78 4.51
CA CYS A 41 10.05 -13.46 3.39
C CYS A 41 10.71 -13.08 2.07
N GLY A 42 11.03 -11.79 1.93
CA GLY A 42 11.67 -11.31 0.72
C GLY A 42 10.74 -10.47 -0.13
N LYS A 43 9.86 -9.73 0.54
CA LYS A 43 8.90 -8.86 -0.16
C LYS A 43 9.43 -7.44 -0.26
N CYS A 44 9.75 -7.02 -1.48
CA CYS A 44 10.27 -5.68 -1.71
C CYS A 44 9.20 -4.62 -1.44
N TYR A 45 9.64 -3.40 -1.17
CA TYR A 45 8.72 -2.31 -0.89
C TYR A 45 9.30 -0.96 -1.34
N PHE A 46 8.43 -0.07 -1.79
CA PHE A 46 8.86 1.24 -2.25
C PHE A 46 9.51 2.03 -1.11
N ARG A 47 8.79 2.17 0.00
CA ARG A 47 9.30 2.90 1.16
C ARG A 47 9.57 1.95 2.32
N LYS A 48 10.53 2.30 3.16
CA LYS A 48 10.89 1.48 4.31
C LYS A 48 9.67 1.26 5.21
N GLU A 49 9.04 2.36 5.61
CA GLU A 49 7.86 2.28 6.47
C GLU A 49 6.99 1.09 6.10
N ASN A 50 6.52 1.06 4.86
CA ASN A 50 5.68 -0.02 4.38
C ASN A 50 6.27 -1.37 4.75
N LEU A 51 7.57 -1.53 4.52
CA LEU A 51 8.26 -2.78 4.83
C LEU A 51 8.20 -3.07 6.32
N LEU A 52 8.56 -2.09 7.13
CA LEU A 52 8.55 -2.26 8.58
C LEU A 52 7.19 -2.74 9.06
N GLU A 53 6.13 -2.09 8.59
CA GLU A 53 4.77 -2.47 8.97
C GLU A 53 4.48 -3.92 8.61
N HIS A 54 4.45 -4.20 7.30
CA HIS A 54 4.18 -5.55 6.82
C HIS A 54 4.80 -6.59 7.76
N GLU A 55 6.02 -6.32 8.21
CA GLU A 55 6.72 -7.24 9.11
C GLU A 55 5.94 -7.44 10.39
N ALA A 56 5.51 -6.34 11.00
CA ALA A 56 4.74 -6.39 12.24
C ALA A 56 3.31 -6.82 11.98
N ARG A 57 2.63 -6.11 11.09
CA ARG A 57 1.25 -6.43 10.75
C ARG A 57 1.10 -7.88 10.32
N ASN A 58 1.79 -8.25 9.24
CA ASN A 58 1.73 -9.62 8.74
C ASN A 58 2.82 -9.85 7.69
N CYS A 59 3.64 -10.87 7.92
CA CYS A 59 4.72 -11.21 7.00
C CYS A 59 4.29 -12.31 6.03
N MET A 60 3.84 -13.42 6.59
CA MET A 60 3.40 -14.56 5.78
C MET A 60 2.03 -14.28 5.16
N ASN A 61 1.66 -15.08 4.16
CA ASN A 61 0.38 -14.92 3.49
C ASN A 61 -0.64 -15.92 4.00
N ARG A 62 -1.86 -15.46 4.20
CA ARG A 62 -2.94 -16.33 4.70
C ARG A 62 -4.24 -16.05 3.95
N SER A 63 -5.11 -17.06 3.90
CA SER A 63 -6.39 -16.92 3.22
C SER A 63 -7.18 -15.74 3.77
N GLU A 64 -8.27 -15.39 3.08
CA GLU A 64 -9.10 -14.27 3.50
C GLU A 64 -9.24 -14.23 5.02
N GLN A 65 -8.92 -13.09 5.60
CA GLN A 65 -9.01 -12.91 7.05
C GLN A 65 -9.81 -11.67 7.40
N VAL A 66 -11.10 -11.86 7.68
CA VAL A 66 -11.98 -10.75 8.04
C VAL A 66 -11.63 -10.20 9.41
N PHE A 67 -12.20 -9.04 9.74
CA PHE A 67 -11.95 -8.40 11.03
C PHE A 67 -13.24 -8.25 11.82
N THR A 68 -13.13 -8.32 13.14
CA THR A 68 -14.30 -8.21 14.02
C THR A 68 -14.26 -6.90 14.81
N CYS A 69 -15.33 -6.12 14.71
CA CYS A 69 -15.41 -4.85 15.42
C CYS A 69 -15.05 -5.02 16.90
N SER A 70 -15.03 -3.92 17.63
CA SER A 70 -14.70 -3.94 19.04
C SER A 70 -15.88 -3.47 19.89
N VAL A 71 -17.01 -3.22 19.23
CA VAL A 71 -18.21 -2.76 19.92
C VAL A 71 -19.41 -3.63 19.56
N CYS A 72 -19.59 -3.88 18.26
CA CYS A 72 -20.69 -4.69 17.78
C CYS A 72 -20.19 -6.00 17.17
N GLN A 73 -18.88 -6.16 17.16
CA GLN A 73 -18.26 -7.36 16.60
C GLN A 73 -18.65 -7.54 15.13
N GLU A 74 -18.79 -6.43 14.43
CA GLU A 74 -19.16 -6.46 13.01
C GLU A 74 -18.16 -7.29 12.21
N THR A 75 -18.35 -7.32 10.90
CA THR A 75 -17.46 -8.07 10.02
C THR A 75 -16.91 -7.19 8.91
N PHE A 76 -15.59 -7.13 8.82
CA PHE A 76 -14.93 -6.32 7.79
C PHE A 76 -13.88 -7.13 7.05
N ARG A 77 -14.08 -7.31 5.74
CA ARG A 77 -13.15 -8.06 4.91
C ARG A 77 -11.72 -7.55 5.10
N ARG A 78 -11.59 -6.24 5.33
CA ARG A 78 -10.29 -5.64 5.52
C ARG A 78 -10.22 -4.90 6.85
N ARG A 79 -9.00 -4.55 7.26
CA ARG A 79 -8.79 -3.84 8.52
C ARG A 79 -9.26 -2.39 8.41
N MET A 80 -8.63 -1.64 7.51
CA MET A 80 -8.98 -0.24 7.30
C MET A 80 -10.49 -0.02 7.47
N GLU A 81 -11.27 -0.87 6.82
CA GLU A 81 -12.72 -0.77 6.88
C GLU A 81 -13.19 -0.63 8.33
N LEU A 82 -12.73 -1.53 9.18
CA LEU A 82 -13.10 -1.51 10.59
C LEU A 82 -12.82 -0.14 11.21
N ARG A 83 -11.74 0.49 10.78
CA ARG A 83 -11.36 1.80 11.28
C ARG A 83 -12.40 2.85 10.89
N LEU A 84 -12.82 2.82 9.63
CA LEU A 84 -13.81 3.76 9.13
C LEU A 84 -15.19 3.47 9.73
N HIS A 85 -15.34 2.28 10.28
CA HIS A 85 -16.61 1.89 10.89
C HIS A 85 -16.68 2.33 12.35
N MET A 86 -15.59 2.14 13.07
CA MET A 86 -15.52 2.53 14.47
C MET A 86 -16.01 3.96 14.67
N VAL A 87 -15.78 4.80 13.67
CA VAL A 87 -16.19 6.20 13.74
C VAL A 87 -17.64 6.32 14.20
N SER A 88 -18.47 5.37 13.77
CA SER A 88 -19.89 5.36 14.13
C SER A 88 -20.06 5.12 15.63
N HIS A 89 -19.12 4.39 16.22
CA HIS A 89 -19.18 4.09 17.65
C HIS A 89 -18.62 5.26 18.47
N THR A 90 -17.41 5.69 18.13
CA THR A 90 -16.77 6.79 18.83
C THR A 90 -17.50 8.11 18.58
N GLY A 91 -17.92 8.31 17.33
CA GLY A 91 -18.63 9.53 16.97
C GLY A 91 -18.06 10.18 15.73
N GLU A 92 -16.73 10.23 15.65
CA GLU A 92 -16.06 10.84 14.50
C GLU A 92 -14.55 10.62 14.56
N MET A 93 -13.92 10.56 13.40
CA MET A 93 -12.47 10.35 13.32
C MET A 93 -11.73 11.41 14.14
N PRO A 94 -10.53 11.04 14.62
CA PRO A 94 -9.70 11.94 15.43
C PRO A 94 -9.13 13.10 14.60
N TYR A 95 -8.53 12.76 13.46
CA TYR A 95 -7.95 13.77 12.59
C TYR A 95 -8.93 14.19 11.51
N LYS A 96 -8.77 15.43 11.02
CA LYS A 96 -9.66 15.96 10.00
C LYS A 96 -8.96 17.06 9.20
N CYS A 97 -9.27 17.14 7.91
CA CYS A 97 -8.68 18.15 7.04
C CYS A 97 -9.35 19.50 7.23
N SER A 98 -8.96 20.47 6.42
CA SER A 98 -9.53 21.82 6.49
C SER A 98 -10.11 22.24 5.15
N SER A 99 -9.37 21.99 4.09
CA SER A 99 -9.81 22.36 2.75
C SER A 99 -10.97 21.46 2.30
N CYS A 100 -10.78 20.15 2.44
CA CYS A 100 -11.81 19.19 2.05
C CYS A 100 -12.58 18.69 3.27
N SER A 101 -12.01 18.92 4.45
CA SER A 101 -12.65 18.49 5.70
C SER A 101 -12.69 16.97 5.79
N GLN A 102 -11.68 16.32 5.20
CA GLN A 102 -11.61 14.87 5.21
C GLN A 102 -11.50 14.33 6.64
N GLN A 103 -11.30 13.03 6.76
CA GLN A 103 -11.17 12.39 8.06
C GLN A 103 -10.13 11.28 8.03
N PHE A 104 -9.39 11.14 9.12
CA PHE A 104 -8.35 10.12 9.23
C PHE A 104 -8.23 9.60 10.65
N MET A 105 -7.54 8.48 10.82
CA MET A 105 -7.35 7.87 12.14
C MET A 105 -5.97 8.22 12.69
N GLN A 106 -5.02 8.45 11.79
CA GLN A 106 -3.66 8.78 12.18
C GLN A 106 -3.28 10.18 11.72
N LYS A 107 -2.30 10.78 12.39
CA LYS A 107 -1.84 12.12 12.04
C LYS A 107 -1.06 12.10 10.73
N LYS A 108 -0.07 11.22 10.64
CA LYS A 108 0.74 11.10 9.44
C LYS A 108 -0.12 10.87 8.21
N ASP A 109 -1.18 10.08 8.37
CA ASP A 109 -2.09 9.78 7.28
C ASP A 109 -2.70 11.06 6.70
N LEU A 110 -2.96 12.02 7.59
CA LEU A 110 -3.54 13.30 7.17
C LEU A 110 -2.49 14.19 6.51
N GLN A 111 -1.36 14.36 7.18
CA GLN A 111 -0.28 15.18 6.66
C GLN A 111 0.05 14.80 5.21
N SER A 112 0.23 13.51 4.97
CA SER A 112 0.54 13.01 3.64
C SER A 112 -0.59 13.32 2.66
N HIS A 113 -1.81 13.15 3.12
CA HIS A 113 -2.99 13.41 2.29
C HIS A 113 -3.01 14.86 1.83
N MET A 114 -2.62 15.77 2.70
CA MET A 114 -2.59 17.19 2.39
C MET A 114 -1.38 17.53 1.53
N ILE A 115 -0.29 16.79 1.73
CA ILE A 115 0.93 17.03 0.97
C ILE A 115 0.82 16.44 -0.44
N LYS A 116 0.02 15.40 -0.58
CA LYS A 116 -0.19 14.75 -1.87
C LYS A 116 -1.30 15.44 -2.66
N LEU A 117 -2.48 15.51 -2.05
CA LEU A 117 -3.63 16.14 -2.69
C LEU A 117 -3.55 17.66 -2.58
N HIS A 118 -3.44 18.15 -1.34
CA HIS A 118 -3.36 19.58 -1.10
C HIS A 118 -1.91 20.07 -1.20
N SER A 119 -1.14 19.42 -2.07
CA SER A 119 0.27 19.78 -2.26
C SER A 119 0.39 21.25 -2.65
N GLY A 120 0.40 22.13 -1.66
CA GLY A 120 0.52 23.55 -1.92
C GLY A 120 1.97 23.99 -2.03
N PRO A 121 2.17 25.21 -2.57
CA PRO A 121 3.51 25.77 -2.74
C PRO A 121 4.17 26.14 -1.42
N SER A 122 3.35 26.52 -0.44
CA SER A 122 3.85 26.90 0.88
C SER A 122 5.14 27.71 0.75
N SER A 123 5.17 28.63 -0.21
CA SER A 123 6.34 29.47 -0.43
C SER A 123 7.62 28.66 -0.31
N GLY A 124 7.61 27.47 -0.91
CA GLY A 124 8.78 26.62 -0.87
C GLY A 124 10.03 27.31 -1.36
ZN ZN B . 14.47 -5.72 -21.60
ZN ZN C . 7.72 -10.33 5.27
ZN ZN D . -19.14 -1.72 15.24
ZN ZN E . -7.92 17.31 2.44
N GLY A 1 -1.23 18.52 -9.72
CA GLY A 1 -0.77 18.61 -11.08
C GLY A 1 0.53 17.85 -11.31
N SER A 2 0.50 16.89 -12.22
CA SER A 2 1.68 16.08 -12.52
C SER A 2 2.39 16.61 -13.76
N SER A 3 3.71 16.47 -13.79
CA SER A 3 4.51 16.93 -14.92
C SER A 3 4.70 15.82 -15.94
N GLY A 4 5.38 14.75 -15.52
CA GLY A 4 5.62 13.62 -16.41
C GLY A 4 6.76 13.89 -17.38
N SER A 5 6.65 13.34 -18.58
CA SER A 5 7.68 13.51 -19.60
C SER A 5 9.04 13.04 -19.07
N SER A 6 9.06 11.88 -18.42
CA SER A 6 10.28 11.34 -17.86
C SER A 6 10.18 9.82 -17.71
N GLY A 7 11.30 9.19 -17.38
CA GLY A 7 11.31 7.75 -17.20
C GLY A 7 10.84 7.33 -15.82
N VAL A 8 10.73 6.02 -15.61
CA VAL A 8 10.28 5.49 -14.33
C VAL A 8 11.43 5.42 -13.33
N GLU A 9 11.13 4.94 -12.12
CA GLU A 9 12.14 4.83 -11.08
C GLU A 9 11.80 3.69 -10.12
N CYS A 10 12.83 3.06 -9.56
CA CYS A 10 12.64 1.97 -8.62
C CYS A 10 12.52 2.48 -7.19
N PRO A 11 11.34 2.25 -6.59
CA PRO A 11 11.06 2.69 -5.22
C PRO A 11 11.87 1.91 -4.18
N THR A 12 12.86 1.16 -4.65
CA THR A 12 13.71 0.36 -3.78
C THR A 12 15.17 0.77 -3.90
N CYS A 13 15.70 0.67 -5.11
CA CYS A 13 17.10 1.03 -5.37
C CYS A 13 17.19 2.41 -6.00
N HIS A 14 16.04 2.97 -6.38
CA HIS A 14 16.00 4.29 -7.00
C HIS A 14 16.71 4.29 -8.35
N LYS A 15 16.48 3.24 -9.13
CA LYS A 15 17.10 3.12 -10.44
C LYS A 15 16.11 3.45 -11.55
N LYS A 16 16.31 4.59 -12.21
CA LYS A 16 15.43 5.02 -13.29
C LYS A 16 15.73 4.26 -14.57
N PHE A 17 14.69 3.89 -15.30
CA PHE A 17 14.84 3.16 -16.55
C PHE A 17 14.08 3.84 -17.68
N LEU A 18 14.47 3.54 -18.92
CA LEU A 18 13.83 4.12 -20.08
C LEU A 18 12.31 4.00 -19.99
N SER A 19 11.82 2.76 -20.01
CA SER A 19 10.38 2.51 -19.93
C SER A 19 10.06 1.56 -18.79
N LYS A 20 8.87 1.70 -18.23
CA LYS A 20 8.43 0.85 -17.12
C LYS A 20 8.77 -0.61 -17.39
N TYR A 21 8.47 -1.07 -18.60
CA TYR A 21 8.74 -2.45 -18.98
C TYR A 21 10.07 -2.93 -18.38
N TYR A 22 11.06 -2.04 -18.36
CA TYR A 22 12.37 -2.38 -17.81
C TYR A 22 12.34 -2.36 -16.29
N LEU A 23 11.58 -1.42 -15.73
CA LEU A 23 11.47 -1.29 -14.28
C LEU A 23 10.74 -2.49 -13.69
N LYS A 24 9.63 -2.87 -14.30
CA LYS A 24 8.83 -3.99 -13.84
C LYS A 24 9.64 -5.29 -13.90
N VAL A 25 10.43 -5.43 -14.95
CA VAL A 25 11.26 -6.62 -15.12
C VAL A 25 12.44 -6.62 -14.14
N HIS A 26 13.01 -5.45 -13.92
CA HIS A 26 14.14 -5.32 -13.01
C HIS A 26 13.70 -5.52 -11.56
N ASN A 27 12.62 -4.84 -11.18
CA ASN A 27 12.10 -4.95 -9.82
C ASN A 27 12.04 -6.40 -9.37
N ARG A 28 11.58 -7.26 -10.26
CA ARG A 28 11.46 -8.69 -9.96
C ARG A 28 12.57 -9.14 -9.01
N LYS A 29 13.78 -8.61 -9.23
CA LYS A 29 14.92 -8.96 -8.40
C LYS A 29 14.64 -8.63 -6.93
N HIS A 30 14.24 -7.39 -6.66
CA HIS A 30 13.93 -6.96 -5.31
C HIS A 30 12.92 -7.90 -4.65
N THR A 31 11.85 -8.19 -5.38
CA THR A 31 10.81 -9.08 -4.86
C THR A 31 11.30 -10.52 -4.78
N GLY A 32 11.27 -11.08 -3.57
CA GLY A 32 11.72 -12.44 -3.38
C GLY A 32 10.82 -13.22 -2.43
N GLU A 33 10.31 -14.35 -2.90
CA GLU A 33 9.43 -15.18 -2.09
C GLU A 33 10.18 -16.37 -1.50
N LYS A 34 9.49 -17.16 -0.70
CA LYS A 34 10.10 -18.34 -0.07
C LYS A 34 9.34 -19.61 -0.44
N PRO A 35 10.08 -20.71 -0.61
CA PRO A 35 9.50 -22.01 -0.97
C PRO A 35 8.69 -22.61 0.17
N PHE A 36 8.58 -21.87 1.27
CA PHE A 36 7.83 -22.33 2.44
C PHE A 36 7.12 -21.17 3.12
N GLU A 37 5.86 -21.40 3.48
CA GLU A 37 5.07 -20.37 4.15
C GLU A 37 3.95 -20.99 4.99
N CYS A 38 3.49 -20.25 5.98
CA CYS A 38 2.44 -20.72 6.87
C CYS A 38 1.07 -20.65 6.18
N PRO A 39 0.48 -21.82 5.91
CA PRO A 39 -0.83 -21.92 5.25
C PRO A 39 -1.96 -21.44 6.15
N LYS A 40 -1.61 -20.98 7.35
CA LYS A 40 -2.60 -20.49 8.30
C LYS A 40 -2.69 -18.97 8.26
N CYS A 41 -1.55 -18.31 8.10
CA CYS A 41 -1.50 -16.86 8.04
C CYS A 41 -0.81 -16.40 6.75
N GLY A 42 0.32 -17.00 6.44
CA GLY A 42 1.05 -16.64 5.24
C GLY A 42 2.40 -16.02 5.55
N LYS A 43 3.14 -16.66 6.45
CA LYS A 43 4.46 -16.17 6.85
C LYS A 43 5.56 -16.99 6.18
N CYS A 44 6.46 -16.30 5.47
CA CYS A 44 7.56 -16.97 4.78
C CYS A 44 8.60 -17.46 5.78
N TYR A 45 9.24 -18.59 5.46
CA TYR A 45 10.26 -19.16 6.33
C TYR A 45 11.28 -19.96 5.51
N PHE A 46 12.53 -19.51 5.54
CA PHE A 46 13.59 -20.18 4.81
C PHE A 46 13.51 -21.69 4.99
N ARG A 47 13.57 -22.14 6.25
CA ARG A 47 13.50 -23.56 6.56
C ARG A 47 12.08 -23.96 6.95
N LYS A 48 11.72 -25.20 6.65
CA LYS A 48 10.40 -25.72 6.98
C LYS A 48 10.26 -25.98 8.47
N GLU A 49 11.19 -26.76 9.01
CA GLU A 49 11.18 -27.09 10.43
C GLU A 49 10.70 -25.91 11.26
N ASN A 50 11.41 -24.78 11.16
CA ASN A 50 11.06 -23.58 11.90
C ASN A 50 9.60 -23.20 11.65
N LEU A 51 9.19 -23.21 10.39
CA LEU A 51 7.82 -22.87 10.03
C LEU A 51 6.83 -23.77 10.75
N LEU A 52 7.02 -25.08 10.63
CA LEU A 52 6.14 -26.05 11.28
C LEU A 52 5.88 -25.67 12.73
N GLU A 53 6.91 -25.19 13.41
CA GLU A 53 6.79 -24.78 14.80
C GLU A 53 5.84 -23.59 14.94
N HIS A 54 6.23 -22.46 14.38
CA HIS A 54 5.42 -21.25 14.43
C HIS A 54 3.93 -21.59 14.35
N GLU A 55 3.58 -22.43 13.37
CA GLU A 55 2.19 -22.83 13.18
C GLU A 55 1.51 -23.09 14.53
N ALA A 56 2.20 -23.81 15.40
CA ALA A 56 1.67 -24.12 16.72
C ALA A 56 2.12 -23.10 17.76
N ARG A 57 3.38 -22.73 17.70
CA ARG A 57 3.93 -21.75 18.64
C ARG A 57 3.11 -20.47 18.63
N ASN A 58 3.09 -19.80 17.48
CA ASN A 58 2.34 -18.55 17.33
C ASN A 58 1.80 -18.41 15.92
N CYS A 59 0.62 -17.80 15.81
CA CYS A 59 -0.01 -17.60 14.50
C CYS A 59 -1.18 -16.62 14.62
N MET A 60 -1.03 -15.44 14.02
CA MET A 60 -2.07 -14.43 14.04
C MET A 60 -2.63 -14.26 15.45
N ASN A 61 -1.75 -14.28 16.45
CA ASN A 61 -2.15 -14.14 17.84
C ASN A 61 -2.97 -12.87 18.03
N ARG A 62 -4.29 -13.03 18.09
CA ARG A 62 -5.19 -11.90 18.28
C ARG A 62 -4.64 -10.65 17.59
N SER A 63 -4.13 -10.82 16.38
CA SER A 63 -3.57 -9.71 15.62
C SER A 63 -4.55 -9.23 14.56
N GLU A 64 -4.66 -7.92 14.41
CA GLU A 64 -5.57 -7.33 13.42
C GLU A 64 -4.94 -7.36 12.03
N GLN A 65 -5.79 -7.30 11.02
CA GLN A 65 -5.32 -7.32 9.63
C GLN A 65 -4.90 -5.92 9.18
N VAL A 66 -3.59 -5.68 9.17
CA VAL A 66 -3.06 -4.39 8.77
C VAL A 66 -2.79 -4.36 7.27
N PHE A 67 -2.46 -3.17 6.75
CA PHE A 67 -2.17 -3.00 5.33
C PHE A 67 -0.72 -2.58 5.12
N THR A 68 -0.16 -2.96 3.98
CA THR A 68 1.22 -2.62 3.65
C THR A 68 1.28 -1.70 2.45
N CYS A 69 2.04 -0.61 2.57
CA CYS A 69 2.20 0.35 1.49
C CYS A 69 2.81 -0.31 0.25
N SER A 70 2.85 0.43 -0.84
CA SER A 70 3.42 -0.08 -2.09
C SER A 70 4.67 0.69 -2.48
N VAL A 71 5.11 1.58 -1.59
CA VAL A 71 6.30 2.38 -1.84
C VAL A 71 7.30 2.25 -0.68
N CYS A 72 6.81 2.40 0.53
CA CYS A 72 7.65 2.30 1.72
C CYS A 72 7.27 1.08 2.56
N GLN A 73 6.23 0.37 2.12
CA GLN A 73 5.78 -0.82 2.83
C GLN A 73 5.38 -0.47 4.26
N GLU A 74 4.73 0.68 4.43
CA GLU A 74 4.30 1.12 5.75
C GLU A 74 3.25 0.18 6.32
N THR A 75 2.73 0.52 7.50
CA THR A 75 1.73 -0.30 8.16
C THR A 75 0.50 0.54 8.55
N PHE A 76 -0.66 0.08 8.11
CA PHE A 76 -1.91 0.78 8.40
C PHE A 76 -2.97 -0.19 8.93
N ARG A 77 -3.45 0.08 10.15
CA ARG A 77 -4.45 -0.76 10.77
C ARG A 77 -5.68 -0.89 9.87
N ARG A 78 -5.97 0.17 9.11
CA ARG A 78 -7.12 0.17 8.22
C ARG A 78 -6.68 0.39 6.78
N ARG A 79 -7.64 0.31 5.85
CA ARG A 79 -7.35 0.49 4.44
C ARG A 79 -7.38 1.97 4.07
N MET A 80 -8.48 2.64 4.39
CA MET A 80 -8.63 4.06 4.10
C MET A 80 -7.37 4.83 4.46
N GLU A 81 -6.86 4.60 5.67
CA GLU A 81 -5.65 5.26 6.14
C GLU A 81 -4.55 5.20 5.08
N LEU A 82 -4.33 4.01 4.55
CA LEU A 82 -3.30 3.81 3.52
C LEU A 82 -3.52 4.76 2.35
N ARG A 83 -4.77 4.89 1.93
CA ARG A 83 -5.11 5.77 0.81
C ARG A 83 -4.67 7.21 1.10
N LEU A 84 -4.98 7.68 2.30
CA LEU A 84 -4.61 9.04 2.70
C LEU A 84 -3.11 9.18 2.86
N HIS A 85 -2.41 8.05 2.90
CA HIS A 85 -0.97 8.05 3.05
C HIS A 85 -0.27 8.08 1.69
N MET A 86 -0.79 7.28 0.76
CA MET A 86 -0.21 7.22 -0.59
C MET A 86 -0.02 8.62 -1.16
N VAL A 87 -0.90 9.54 -0.75
CA VAL A 87 -0.82 10.92 -1.23
C VAL A 87 0.59 11.48 -1.07
N SER A 88 1.28 11.07 -0.01
CA SER A 88 2.64 11.52 0.25
C SER A 88 3.59 11.04 -0.83
N HIS A 89 3.27 9.89 -1.43
CA HIS A 89 4.10 9.33 -2.48
C HIS A 89 3.76 9.93 -3.84
N THR A 90 2.48 9.84 -4.20
CA THR A 90 2.01 10.37 -5.48
C THR A 90 2.06 11.89 -5.49
N GLY A 91 1.65 12.51 -4.39
CA GLY A 91 1.65 13.95 -4.29
C GLY A 91 0.47 14.49 -3.50
N GLU A 92 -0.74 14.18 -3.95
CA GLU A 92 -1.95 14.65 -3.29
C GLU A 92 -3.18 13.95 -3.85
N MET A 93 -4.29 14.04 -3.11
CA MET A 93 -5.54 13.43 -3.55
C MET A 93 -6.17 14.21 -4.69
N PRO A 94 -6.97 13.53 -5.51
CA PRO A 94 -7.64 14.14 -6.66
C PRO A 94 -8.76 15.08 -6.23
N TYR A 95 -9.62 14.61 -5.34
CA TYR A 95 -10.73 15.43 -4.84
C TYR A 95 -10.28 16.33 -3.69
N LYS A 96 -10.97 17.45 -3.54
CA LYS A 96 -10.65 18.40 -2.48
C LYS A 96 -11.87 19.23 -2.10
N CYS A 97 -11.87 19.75 -0.88
CA CYS A 97 -12.98 20.56 -0.38
C CYS A 97 -12.76 22.03 -0.71
N SER A 98 -13.67 22.88 -0.24
CA SER A 98 -13.58 24.31 -0.48
C SER A 98 -13.57 25.09 0.84
N SER A 99 -14.47 24.72 1.73
CA SER A 99 -14.57 25.38 3.03
C SER A 99 -13.35 25.06 3.90
N CYS A 100 -13.06 23.77 4.02
CA CYS A 100 -11.92 23.32 4.83
C CYS A 100 -10.71 23.01 3.95
N SER A 101 -10.97 22.76 2.67
CA SER A 101 -9.91 22.45 1.72
C SER A 101 -9.39 21.03 1.94
N GLN A 102 -10.24 20.16 2.45
CA GLN A 102 -9.87 18.78 2.71
C GLN A 102 -9.46 18.09 1.41
N GLN A 103 -9.22 16.78 1.50
CA GLN A 103 -8.81 15.99 0.34
C GLN A 103 -9.50 14.64 0.34
N PHE A 104 -9.69 14.07 -0.86
CA PHE A 104 -10.33 12.77 -1.00
C PHE A 104 -9.97 12.13 -2.34
N MET A 105 -10.06 10.81 -2.40
CA MET A 105 -9.75 10.07 -3.61
C MET A 105 -11.02 9.63 -4.33
N GLN A 106 -12.12 9.59 -3.58
CA GLN A 106 -13.41 9.18 -4.16
C GLN A 106 -14.42 10.32 -4.07
N LYS A 107 -15.27 10.41 -5.09
CA LYS A 107 -16.29 11.46 -5.13
C LYS A 107 -17.17 11.41 -3.88
N LYS A 108 -17.80 10.26 -3.64
CA LYS A 108 -18.67 10.09 -2.49
C LYS A 108 -17.93 10.48 -1.20
N ASP A 109 -16.65 10.17 -1.13
CA ASP A 109 -15.85 10.49 0.04
C ASP A 109 -15.91 11.99 0.34
N LEU A 110 -15.90 12.80 -0.70
CA LEU A 110 -15.95 14.25 -0.55
C LEU A 110 -17.38 14.72 -0.37
N GLN A 111 -18.24 14.39 -1.33
CA GLN A 111 -19.64 14.78 -1.28
C GLN A 111 -20.25 14.47 0.09
N SER A 112 -20.04 13.24 0.55
CA SER A 112 -20.57 12.82 1.84
C SER A 112 -19.95 13.63 2.97
N HIS A 113 -18.66 13.91 2.86
CA HIS A 113 -17.94 14.69 3.87
C HIS A 113 -18.56 16.07 4.02
N MET A 114 -18.92 16.68 2.91
CA MET A 114 -19.52 18.01 2.92
C MET A 114 -20.98 17.94 3.38
N ILE A 115 -21.62 16.81 3.13
CA ILE A 115 -23.02 16.62 3.52
C ILE A 115 -23.13 16.30 5.00
N LYS A 116 -22.08 15.69 5.55
CA LYS A 116 -22.06 15.32 6.96
C LYS A 116 -21.47 16.44 7.81
N LEU A 117 -20.24 16.85 7.47
CA LEU A 117 -19.57 17.91 8.20
C LEU A 117 -20.12 19.28 7.81
N HIS A 118 -20.12 19.56 6.51
CA HIS A 118 -20.63 20.83 6.01
C HIS A 118 -22.11 20.74 5.68
N SER A 119 -22.84 19.96 6.48
CA SER A 119 -24.27 19.78 6.27
C SER A 119 -24.98 21.12 6.12
N GLY A 120 -24.74 22.01 7.09
CA GLY A 120 -25.35 23.32 7.05
C GLY A 120 -24.59 24.30 6.18
N PRO A 121 -24.86 25.60 6.37
CA PRO A 121 -24.20 26.67 5.60
C PRO A 121 -22.74 26.82 5.97
N SER A 122 -21.88 26.97 4.95
CA SER A 122 -20.45 27.12 5.18
C SER A 122 -19.73 27.43 3.87
N SER A 123 -18.97 28.52 3.87
CA SER A 123 -18.23 28.94 2.68
C SER A 123 -17.00 29.75 3.06
N GLY A 124 -15.99 29.72 2.19
CA GLY A 124 -14.77 30.46 2.46
C GLY A 124 -13.62 29.55 2.86
ZN ZN B . 15.55 -1.67 -8.17
ZN ZN C . 1.05 -18.80 10.94
ZN ZN D . 4.23 4.74 1.86
ZN ZN E . -14.80 20.15 4.03
N GLY A 1 -7.85 -7.18 0.34
CA GLY A 1 -8.28 -6.09 -0.52
C GLY A 1 -7.11 -5.41 -1.22
N SER A 2 -7.41 -4.71 -2.31
CA SER A 2 -6.37 -4.02 -3.08
C SER A 2 -6.86 -2.65 -3.53
N SER A 3 -6.15 -1.61 -3.12
CA SER A 3 -6.51 -0.25 -3.47
C SER A 3 -6.76 -0.12 -4.98
N GLY A 4 -7.98 0.25 -5.34
CA GLY A 4 -8.33 0.40 -6.74
C GLY A 4 -7.84 1.71 -7.32
N SER A 5 -6.63 2.11 -6.95
CA SER A 5 -6.06 3.36 -7.44
C SER A 5 -5.40 3.16 -8.80
N SER A 6 -5.52 4.17 -9.66
CA SER A 6 -4.95 4.11 -11.00
C SER A 6 -3.43 4.06 -10.93
N GLY A 7 -2.86 2.88 -11.17
CA GLY A 7 -1.41 2.73 -11.13
C GLY A 7 -0.91 1.73 -12.15
N VAL A 8 0.36 1.37 -12.05
CA VAL A 8 0.97 0.42 -12.97
C VAL A 8 0.75 -1.01 -12.51
N GLU A 9 1.34 -1.97 -13.23
CA GLU A 9 1.22 -3.37 -12.89
C GLU A 9 2.50 -4.13 -13.21
N CYS A 10 3.00 -4.89 -12.24
CA CYS A 10 4.21 -5.67 -12.41
C CYS A 10 3.93 -6.96 -13.19
N PRO A 11 4.48 -7.04 -14.41
CA PRO A 11 4.30 -8.21 -15.28
C PRO A 11 5.05 -9.43 -14.76
N THR A 12 5.68 -9.29 -13.60
CA THR A 12 6.43 -10.38 -13.00
C THR A 12 5.60 -11.09 -11.92
N CYS A 13 5.08 -10.31 -10.98
CA CYS A 13 4.27 -10.86 -9.90
C CYS A 13 2.88 -10.23 -9.89
N HIS A 14 2.53 -9.57 -10.98
CA HIS A 14 1.22 -8.92 -11.11
C HIS A 14 0.97 -7.98 -9.93
N LYS A 15 2.05 -7.49 -9.34
CA LYS A 15 1.96 -6.57 -8.21
C LYS A 15 1.89 -5.12 -8.68
N LYS A 16 0.73 -4.50 -8.53
CA LYS A 16 0.54 -3.12 -8.94
C LYS A 16 1.10 -2.16 -7.90
N PHE A 17 1.38 -0.94 -8.33
CA PHE A 17 1.93 0.08 -7.42
C PHE A 17 1.29 1.44 -7.70
N LEU A 18 1.70 2.44 -6.93
CA LEU A 18 1.18 3.79 -7.08
C LEU A 18 1.62 4.40 -8.40
N SER A 19 2.92 4.30 -8.69
CA SER A 19 3.48 4.85 -9.92
C SER A 19 4.64 4.00 -10.42
N LYS A 20 5.09 4.27 -11.64
CA LYS A 20 6.21 3.53 -12.22
C LYS A 20 7.41 3.53 -11.28
N TYR A 21 7.77 4.71 -10.78
CA TYR A 21 8.90 4.84 -9.88
C TYR A 21 9.00 3.64 -8.95
N TYR A 22 7.86 3.23 -8.42
CA TYR A 22 7.80 2.09 -7.50
C TYR A 22 8.07 0.78 -8.24
N LEU A 23 7.51 0.67 -9.44
CA LEU A 23 7.68 -0.53 -10.25
C LEU A 23 9.14 -0.70 -10.68
N LYS A 24 9.69 0.36 -11.28
CA LYS A 24 11.07 0.35 -11.73
C LYS A 24 12.03 0.08 -10.57
N VAL A 25 11.57 0.40 -9.35
CA VAL A 25 12.39 0.20 -8.16
C VAL A 25 12.11 -1.16 -7.52
N HIS A 26 10.92 -1.71 -7.81
CA HIS A 26 10.54 -3.00 -7.26
C HIS A 26 10.88 -4.12 -8.23
N ASN A 27 11.06 -3.77 -9.51
CA ASN A 27 11.39 -4.74 -10.54
C ASN A 27 12.65 -5.52 -10.17
N ARG A 28 13.72 -4.79 -9.84
CA ARG A 28 14.99 -5.41 -9.46
C ARG A 28 14.78 -6.46 -8.39
N LYS A 29 13.92 -6.15 -7.42
CA LYS A 29 13.64 -7.07 -6.32
C LYS A 29 13.61 -8.51 -6.82
N HIS A 30 13.09 -8.71 -8.03
CA HIS A 30 13.01 -10.04 -8.62
C HIS A 30 14.40 -10.58 -8.94
N THR A 31 15.10 -9.89 -9.83
CA THR A 31 16.44 -10.30 -10.23
C THR A 31 17.31 -10.61 -9.01
N GLY A 32 18.42 -11.30 -9.25
CA GLY A 32 19.31 -11.65 -8.16
C GLY A 32 20.27 -10.53 -7.79
N GLU A 33 19.73 -9.51 -7.12
CA GLU A 33 20.54 -8.36 -6.70
C GLU A 33 20.85 -8.42 -5.21
N LYS A 34 20.42 -9.51 -4.56
CA LYS A 34 20.64 -9.68 -3.13
C LYS A 34 20.93 -11.14 -2.81
N PRO A 35 21.77 -11.37 -1.79
CA PRO A 35 22.14 -12.72 -1.35
C PRO A 35 20.97 -13.46 -0.69
N PHE A 36 20.32 -12.80 0.26
CA PHE A 36 19.18 -13.39 0.95
C PHE A 36 18.08 -12.36 1.18
N GLU A 37 16.97 -12.81 1.74
CA GLU A 37 15.84 -11.93 2.02
C GLU A 37 14.82 -12.61 2.94
N CYS A 38 14.31 -11.84 3.90
CA CYS A 38 13.33 -12.36 4.85
C CYS A 38 12.17 -13.01 4.13
N PRO A 39 12.08 -14.36 4.22
CA PRO A 39 11.00 -15.12 3.58
C PRO A 39 9.65 -14.88 4.25
N LYS A 40 9.63 -14.02 5.24
CA LYS A 40 8.40 -13.70 5.96
C LYS A 40 7.80 -12.38 5.47
N CYS A 41 8.67 -11.40 5.25
CA CYS A 41 8.24 -10.08 4.78
C CYS A 41 8.85 -9.77 3.41
N GLY A 42 10.13 -10.09 3.25
CA GLY A 42 10.80 -9.84 2.00
C GLY A 42 11.83 -8.74 2.11
N LYS A 43 12.57 -8.73 3.21
CA LYS A 43 13.60 -7.72 3.44
C LYS A 43 14.98 -8.26 3.09
N CYS A 44 15.67 -7.57 2.18
CA CYS A 44 17.00 -7.98 1.75
C CYS A 44 18.00 -7.85 2.90
N TYR A 45 19.11 -8.58 2.78
CA TYR A 45 20.14 -8.55 3.81
C TYR A 45 21.45 -9.14 3.29
N PHE A 46 22.45 -8.28 3.11
CA PHE A 46 23.75 -8.71 2.62
C PHE A 46 24.21 -9.99 3.32
N ARG A 47 24.17 -9.98 4.65
CA ARG A 47 24.57 -11.14 5.43
C ARG A 47 23.36 -11.86 5.99
N LYS A 48 23.23 -13.14 5.64
CA LYS A 48 22.11 -13.96 6.09
C LYS A 48 21.98 -13.88 7.61
N GLU A 49 23.09 -14.07 8.32
CA GLU A 49 23.09 -14.02 9.77
C GLU A 49 22.20 -12.90 10.29
N ASN A 50 22.51 -11.67 9.87
CA ASN A 50 21.73 -10.51 10.29
C ASN A 50 20.24 -10.74 10.07
N LEU A 51 19.88 -11.04 8.83
CA LEU A 51 18.48 -11.28 8.47
C LEU A 51 17.81 -12.16 9.53
N LEU A 52 18.35 -13.35 9.73
CA LEU A 52 17.80 -14.30 10.71
C LEU A 52 17.42 -13.57 12.00
N GLU A 53 18.31 -12.68 12.45
CA GLU A 53 18.06 -11.92 13.67
C GLU A 53 16.84 -11.02 13.53
N HIS A 54 16.70 -10.41 12.35
CA HIS A 54 15.57 -9.52 12.09
C HIS A 54 14.25 -10.26 12.24
N GLU A 55 14.12 -11.39 11.57
CA GLU A 55 12.90 -12.19 11.64
C GLU A 55 12.36 -12.21 13.07
N ALA A 56 13.24 -12.43 14.03
CA ALA A 56 12.84 -12.49 15.43
C ALA A 56 12.71 -11.07 16.01
N ARG A 57 13.70 -10.24 15.75
CA ARG A 57 13.69 -8.86 16.25
C ARG A 57 12.41 -8.14 15.83
N ASN A 58 12.24 -7.96 14.53
CA ASN A 58 11.06 -7.29 14.00
C ASN A 58 10.67 -7.86 12.64
N CYS A 59 9.39 -7.79 12.32
CA CYS A 59 8.88 -8.30 11.05
C CYS A 59 7.39 -8.00 10.89
N MET A 60 6.89 -8.17 9.67
CA MET A 60 5.48 -7.92 9.39
C MET A 60 4.58 -8.79 10.26
N ASN A 61 4.17 -8.27 11.40
CA ASN A 61 3.31 -9.00 12.32
C ASN A 61 2.18 -9.70 11.57
N ARG A 62 1.74 -10.85 12.08
CA ARG A 62 0.66 -11.61 11.46
C ARG A 62 -0.61 -10.77 11.38
N SER A 63 -1.54 -11.21 10.54
CA SER A 63 -2.81 -10.50 10.37
C SER A 63 -3.52 -10.32 11.71
N GLU A 64 -4.41 -9.33 11.77
CA GLU A 64 -5.15 -9.06 13.00
C GLU A 64 -6.66 -9.07 12.74
N GLN A 65 -7.44 -8.85 13.79
CA GLN A 65 -8.89 -8.84 13.67
C GLN A 65 -9.32 -8.26 12.33
N VAL A 66 -9.93 -9.10 11.50
CA VAL A 66 -10.39 -8.67 10.18
C VAL A 66 -11.78 -8.04 10.27
N PHE A 67 -12.14 -7.27 9.24
CA PHE A 67 -13.44 -6.61 9.21
C PHE A 67 -14.34 -7.25 8.15
N THR A 68 -15.63 -6.94 8.22
CA THR A 68 -16.60 -7.48 7.28
C THR A 68 -17.43 -6.38 6.64
N CYS A 69 -17.49 -6.37 5.32
CA CYS A 69 -18.26 -5.36 4.59
C CYS A 69 -19.72 -5.38 5.01
N SER A 70 -20.47 -4.38 4.56
CA SER A 70 -21.89 -4.28 4.90
C SER A 70 -22.76 -4.47 3.66
N VAL A 71 -22.12 -4.83 2.55
CA VAL A 71 -22.82 -5.03 1.29
C VAL A 71 -22.54 -6.42 0.72
N CYS A 72 -21.26 -6.76 0.65
CA CYS A 72 -20.84 -8.07 0.13
C CYS A 72 -20.25 -8.93 1.23
N GLN A 73 -20.08 -8.34 2.42
CA GLN A 73 -19.52 -9.07 3.55
C GLN A 73 -18.09 -9.49 3.27
N GLU A 74 -17.35 -8.64 2.55
CA GLU A 74 -15.96 -8.93 2.22
C GLU A 74 -15.12 -9.09 3.49
N THR A 75 -13.82 -9.33 3.30
CA THR A 75 -12.91 -9.50 4.42
C THR A 75 -11.73 -8.55 4.33
N PHE A 76 -11.50 -7.79 5.39
CA PHE A 76 -10.40 -6.83 5.43
C PHE A 76 -9.55 -7.02 6.68
N ARG A 77 -8.31 -6.57 6.61
CA ARG A 77 -7.39 -6.68 7.75
C ARG A 77 -7.42 -5.43 8.61
N ARG A 78 -7.69 -4.28 7.98
CA ARG A 78 -7.76 -3.02 8.70
C ARG A 78 -9.08 -2.30 8.41
N ARG A 79 -9.41 -1.31 9.24
CA ARG A 79 -10.64 -0.56 9.08
C ARG A 79 -10.59 0.29 7.81
N MET A 80 -9.57 1.14 7.72
CA MET A 80 -9.42 2.01 6.56
C MET A 80 -9.65 1.25 5.27
N GLU A 81 -9.00 0.10 5.13
CA GLU A 81 -9.13 -0.73 3.94
C GLU A 81 -10.60 -0.84 3.54
N LEU A 82 -11.46 -1.19 4.49
CA LEU A 82 -12.88 -1.34 4.23
C LEU A 82 -13.48 -0.04 3.71
N ARG A 83 -13.00 1.08 4.26
CA ARG A 83 -13.49 2.39 3.84
C ARG A 83 -13.17 2.66 2.36
N LEU A 84 -11.98 2.24 1.94
CA LEU A 84 -11.54 2.44 0.56
C LEU A 84 -12.24 1.45 -0.37
N HIS A 85 -12.87 0.43 0.22
CA HIS A 85 -13.58 -0.58 -0.54
C HIS A 85 -15.05 -0.21 -0.71
N MET A 86 -15.65 0.30 0.36
CA MET A 86 -17.06 0.70 0.33
C MET A 86 -17.34 1.62 -0.84
N VAL A 87 -16.34 2.44 -1.20
CA VAL A 87 -16.48 3.37 -2.31
C VAL A 87 -17.01 2.67 -3.56
N SER A 88 -16.62 1.41 -3.72
CA SER A 88 -17.05 0.62 -4.88
C SER A 88 -18.56 0.38 -4.84
N HIS A 89 -19.11 0.32 -3.64
CA HIS A 89 -20.55 0.10 -3.47
C HIS A 89 -21.31 1.41 -3.63
N THR A 90 -20.93 2.42 -2.85
CA THR A 90 -21.59 3.72 -2.91
C THR A 90 -21.32 4.42 -4.24
N GLY A 91 -20.06 4.44 -4.65
CA GLY A 91 -19.68 5.08 -5.90
C GLY A 91 -18.29 5.68 -5.85
N GLU A 92 -18.04 6.48 -4.82
CA GLU A 92 -16.74 7.13 -4.67
C GLU A 92 -16.64 7.85 -3.32
N MET A 93 -15.44 8.32 -3.00
CA MET A 93 -15.22 9.02 -1.74
C MET A 93 -15.71 10.45 -1.82
N PRO A 94 -16.22 10.98 -0.69
CA PRO A 94 -16.73 12.34 -0.61
C PRO A 94 -15.63 13.39 -0.72
N TYR A 95 -14.48 13.10 -0.12
CA TYR A 95 -13.35 14.01 -0.15
C TYR A 95 -12.25 13.49 -1.08
N LYS A 96 -11.44 14.41 -1.59
CA LYS A 96 -10.36 14.05 -2.50
C LYS A 96 -9.26 15.11 -2.49
N CYS A 97 -8.02 14.69 -2.69
CA CYS A 97 -6.89 15.61 -2.69
C CYS A 97 -6.76 16.29 -4.06
N SER A 98 -5.70 17.08 -4.22
CA SER A 98 -5.46 17.79 -5.47
C SER A 98 -4.09 17.45 -6.03
N SER A 99 -3.07 17.51 -5.16
CA SER A 99 -1.70 17.22 -5.57
C SER A 99 -1.55 15.75 -5.94
N CYS A 100 -2.02 14.87 -5.06
CA CYS A 100 -1.93 13.43 -5.30
C CYS A 100 -3.26 12.89 -5.83
N SER A 101 -4.34 13.60 -5.52
CA SER A 101 -5.67 13.18 -5.96
C SER A 101 -6.18 12.00 -5.14
N GLN A 102 -5.74 11.93 -3.88
CA GLN A 102 -6.14 10.85 -2.99
C GLN A 102 -7.64 10.91 -2.70
N GLN A 103 -8.10 10.04 -1.81
CA GLN A 103 -9.51 9.99 -1.44
C GLN A 103 -9.68 9.76 0.04
N PHE A 104 -10.75 10.28 0.61
CA PHE A 104 -11.03 10.14 2.03
C PHE A 104 -12.54 10.12 2.30
N MET A 105 -12.91 9.60 3.47
CA MET A 105 -14.32 9.53 3.84
C MET A 105 -14.72 10.72 4.70
N GLN A 106 -13.75 11.26 5.43
CA GLN A 106 -14.01 12.41 6.30
C GLN A 106 -13.20 13.63 5.84
N LYS A 107 -13.64 14.81 6.26
CA LYS A 107 -12.96 16.05 5.89
C LYS A 107 -11.63 16.17 6.62
N LYS A 108 -11.68 16.17 7.94
CA LYS A 108 -10.47 16.28 8.76
C LYS A 108 -9.41 15.27 8.29
N ASP A 109 -9.87 14.10 7.87
CA ASP A 109 -8.96 13.06 7.40
C ASP A 109 -8.10 13.57 6.24
N LEU A 110 -8.71 14.37 5.37
CA LEU A 110 -8.00 14.92 4.22
C LEU A 110 -7.10 16.09 4.63
N GLN A 111 -7.69 17.05 5.34
CA GLN A 111 -6.95 18.21 5.80
C GLN A 111 -5.62 17.80 6.44
N SER A 112 -5.69 16.85 7.36
CA SER A 112 -4.51 16.37 8.05
C SER A 112 -3.54 15.70 7.07
N HIS A 113 -4.08 14.93 6.14
CA HIS A 113 -3.28 14.25 5.14
C HIS A 113 -2.46 15.24 4.32
N MET A 114 -3.09 16.37 3.99
CA MET A 114 -2.42 17.40 3.21
C MET A 114 -1.44 18.20 4.07
N ILE A 115 -1.77 18.32 5.35
CA ILE A 115 -0.91 19.06 6.28
C ILE A 115 0.30 18.23 6.69
N LYS A 116 0.14 16.91 6.67
CA LYS A 116 1.23 16.00 7.04
C LYS A 116 2.10 15.68 5.82
N LEU A 117 1.47 15.14 4.78
CA LEU A 117 2.20 14.79 3.56
C LEU A 117 2.50 16.03 2.73
N HIS A 118 1.46 16.80 2.40
CA HIS A 118 1.62 18.01 1.61
C HIS A 118 1.87 19.22 2.52
N SER A 119 2.58 18.98 3.63
CA SER A 119 2.88 20.05 4.58
C SER A 119 3.24 21.34 3.85
N GLY A 120 4.29 21.28 3.03
CA GLY A 120 4.71 22.46 2.30
C GLY A 120 4.85 22.19 0.81
N PRO A 121 5.19 23.23 0.04
CA PRO A 121 5.35 23.13 -1.40
C PRO A 121 6.58 22.32 -1.79
N SER A 122 6.47 21.57 -2.89
CA SER A 122 7.57 20.74 -3.36
C SER A 122 7.52 20.58 -4.88
N SER A 123 8.58 21.02 -5.55
CA SER A 123 8.65 20.92 -7.01
C SER A 123 9.45 19.71 -7.44
N GLY A 124 9.23 18.58 -6.75
CA GLY A 124 9.94 17.36 -7.07
C GLY A 124 11.39 17.63 -7.46
ZN ZN B . 7.06 -7.82 -9.05
ZN ZN C . 11.02 -9.92 8.09
ZN ZN D . -18.25 -4.78 -0.20
ZN ZN E . -2.59 14.38 -1.08
N GLY A 1 -19.29 -7.28 -11.68
CA GLY A 1 -19.03 -5.85 -11.52
C GLY A 1 -17.91 -5.36 -12.41
N SER A 2 -17.73 -4.05 -12.46
CA SER A 2 -16.69 -3.45 -13.28
C SER A 2 -16.17 -2.16 -12.66
N SER A 3 -15.17 -1.55 -13.30
CA SER A 3 -14.58 -0.31 -12.80
C SER A 3 -13.77 0.37 -13.89
N GLY A 4 -13.93 1.69 -14.01
CA GLY A 4 -13.19 2.45 -15.01
C GLY A 4 -11.70 2.34 -14.83
N SER A 5 -10.96 3.24 -15.48
CA SER A 5 -9.51 3.24 -15.39
C SER A 5 -9.05 3.52 -13.96
N SER A 6 -8.96 2.47 -13.15
CA SER A 6 -8.54 2.62 -11.77
C SER A 6 -7.58 1.50 -11.37
N GLY A 7 -6.93 1.65 -10.22
CA GLY A 7 -5.99 0.65 -9.76
C GLY A 7 -5.20 1.11 -8.55
N VAL A 8 -4.17 0.35 -8.19
CA VAL A 8 -3.33 0.69 -7.05
C VAL A 8 -2.36 1.81 -7.39
N GLU A 9 -1.51 2.16 -6.42
CA GLU A 9 -0.53 3.21 -6.63
C GLU A 9 0.78 2.89 -5.91
N CYS A 10 1.90 3.08 -6.62
CA CYS A 10 3.21 2.80 -6.05
C CYS A 10 3.70 3.98 -5.22
N PRO A 11 3.84 3.76 -3.90
CA PRO A 11 4.30 4.79 -2.97
C PRO A 11 5.78 5.13 -3.16
N THR A 12 6.38 4.54 -4.19
CA THR A 12 7.78 4.78 -4.49
C THR A 12 7.94 5.80 -5.61
N CYS A 13 7.27 5.56 -6.73
CA CYS A 13 7.34 6.45 -7.87
C CYS A 13 5.94 6.92 -8.28
N HIS A 14 4.97 6.70 -7.39
CA HIS A 14 3.60 7.11 -7.65
C HIS A 14 3.07 6.47 -8.94
N LYS A 15 3.67 5.35 -9.32
CA LYS A 15 3.26 4.65 -10.53
C LYS A 15 2.13 3.66 -10.24
N LYS A 16 0.96 3.94 -10.80
CA LYS A 16 -0.20 3.07 -10.60
C LYS A 16 -0.17 1.88 -11.56
N PHE A 17 -0.95 0.85 -11.25
CA PHE A 17 -1.01 -0.34 -12.08
C PHE A 17 -2.43 -0.90 -12.12
N LEU A 18 -2.62 -1.94 -12.93
CA LEU A 18 -3.93 -2.58 -13.05
C LEU A 18 -4.29 -3.35 -11.78
N SER A 19 -3.43 -4.28 -11.40
CA SER A 19 -3.65 -5.09 -10.21
C SER A 19 -2.42 -5.09 -9.31
N LYS A 20 -2.61 -5.50 -8.05
CA LYS A 20 -1.51 -5.55 -7.10
C LYS A 20 -0.39 -6.45 -7.60
N TYR A 21 -0.76 -7.48 -8.36
CA TYR A 21 0.20 -8.42 -8.89
C TYR A 21 1.33 -7.69 -9.63
N TYR A 22 0.96 -6.64 -10.36
CA TYR A 22 1.93 -5.85 -11.11
C TYR A 22 2.69 -4.89 -10.20
N LEU A 23 2.02 -4.45 -9.13
CA LEU A 23 2.62 -3.53 -8.17
C LEU A 23 3.71 -4.23 -7.36
N LYS A 24 3.39 -5.41 -6.84
CA LYS A 24 4.33 -6.17 -6.03
C LYS A 24 5.56 -6.55 -6.85
N VAL A 25 5.35 -6.89 -8.12
CA VAL A 25 6.44 -7.27 -9.01
C VAL A 25 7.25 -6.05 -9.43
N HIS A 26 6.55 -4.95 -9.71
CA HIS A 26 7.20 -3.72 -10.12
C HIS A 26 8.02 -3.12 -8.97
N ASN A 27 7.44 -3.15 -7.77
CA ASN A 27 8.11 -2.61 -6.60
C ASN A 27 9.47 -3.26 -6.39
N ARG A 28 9.51 -4.59 -6.49
CA ARG A 28 10.75 -5.33 -6.33
C ARG A 28 11.91 -4.62 -7.01
N LYS A 29 11.67 -4.14 -8.23
CA LYS A 29 12.70 -3.45 -8.99
C LYS A 29 13.35 -2.36 -8.15
N HIS A 30 12.52 -1.52 -7.52
CA HIS A 30 13.03 -0.44 -6.67
C HIS A 30 14.13 -0.95 -5.74
N THR A 31 13.79 -1.93 -4.92
CA THR A 31 14.75 -2.51 -3.97
C THR A 31 15.60 -3.58 -4.64
N GLY A 32 16.72 -3.91 -4.02
CA GLY A 32 17.61 -4.93 -4.56
C GLY A 32 16.93 -6.27 -4.69
N GLU A 33 17.71 -7.29 -5.04
CA GLU A 33 17.18 -8.63 -5.20
C GLU A 33 16.98 -9.31 -3.85
N LYS A 34 16.22 -10.40 -3.84
CA LYS A 34 15.96 -11.14 -2.62
C LYS A 34 16.15 -12.64 -2.83
N PRO A 35 17.35 -13.13 -2.53
CA PRO A 35 17.69 -14.55 -2.68
C PRO A 35 16.97 -15.43 -1.66
N PHE A 36 16.99 -15.01 -0.41
CA PHE A 36 16.34 -15.76 0.66
C PHE A 36 15.28 -14.90 1.36
N GLU A 37 14.45 -15.55 2.17
CA GLU A 37 13.40 -14.86 2.90
C GLU A 37 12.83 -15.73 4.01
N CYS A 38 12.35 -15.10 5.07
CA CYS A 38 11.77 -15.81 6.20
C CYS A 38 10.45 -16.47 5.82
N PRO A 39 10.44 -17.81 5.80
CA PRO A 39 9.24 -18.59 5.46
C PRO A 39 8.16 -18.49 6.52
N LYS A 40 8.43 -17.71 7.56
CA LYS A 40 7.48 -17.54 8.65
C LYS A 40 6.74 -16.20 8.51
N CYS A 41 7.50 -15.15 8.24
CA CYS A 41 6.92 -13.81 8.08
C CYS A 41 7.06 -13.32 6.65
N GLY A 42 8.21 -13.61 6.04
CA GLY A 42 8.44 -13.20 4.67
C GLY A 42 9.38 -12.01 4.57
N LYS A 43 10.41 -12.01 5.43
CA LYS A 43 11.39 -10.92 5.44
C LYS A 43 12.64 -11.32 4.67
N CYS A 44 12.74 -10.84 3.43
CA CYS A 44 13.90 -11.14 2.59
C CYS A 44 15.20 -10.99 3.37
N TYR A 45 16.28 -11.48 2.80
CA TYR A 45 17.59 -11.41 3.45
C TYR A 45 18.69 -11.95 2.53
N PHE A 46 19.54 -11.05 2.07
CA PHE A 46 20.65 -11.43 1.18
C PHE A 46 21.59 -12.40 1.87
N ARG A 47 21.87 -12.14 3.15
CA ARG A 47 22.77 -13.00 3.92
C ARG A 47 22.01 -14.16 4.54
N LYS A 48 22.31 -15.36 4.08
CA LYS A 48 21.65 -16.57 4.57
C LYS A 48 21.68 -16.61 6.10
N GLU A 49 22.87 -16.53 6.66
CA GLU A 49 23.04 -16.55 8.11
C GLU A 49 22.07 -15.58 8.79
N ASN A 50 22.14 -14.32 8.41
CA ASN A 50 21.27 -13.30 8.97
C ASN A 50 19.82 -13.77 9.01
N LEU A 51 19.35 -14.31 7.88
CA LEU A 51 17.98 -14.81 7.79
C LEU A 51 17.71 -15.84 8.87
N LEU A 52 18.55 -16.86 8.95
CA LEU A 52 18.41 -17.91 9.95
C LEU A 52 18.33 -17.33 11.35
N GLU A 53 19.18 -16.34 11.62
CA GLU A 53 19.20 -15.70 12.93
C GLU A 53 17.87 -15.03 13.24
N HIS A 54 17.52 -14.02 12.44
CA HIS A 54 16.27 -13.29 12.62
C HIS A 54 15.16 -14.23 13.09
N GLU A 55 15.05 -15.39 12.44
CA GLU A 55 14.04 -16.37 12.78
C GLU A 55 14.04 -16.66 14.28
N ALA A 56 15.24 -16.84 14.84
CA ALA A 56 15.38 -17.12 16.26
C ALA A 56 15.37 -15.83 17.07
N ARG A 57 16.18 -14.87 16.65
CA ARG A 57 16.27 -13.59 17.34
C ARG A 57 14.89 -12.96 17.50
N ASN A 58 14.27 -12.62 16.37
CA ASN A 58 12.95 -12.01 16.37
C ASN A 58 12.30 -12.10 14.99
N CYS A 59 11.06 -12.54 14.96
CA CYS A 59 10.32 -12.68 13.70
C CYS A 59 9.18 -11.67 13.63
N MET A 60 9.40 -10.60 12.86
CA MET A 60 8.39 -9.56 12.71
C MET A 60 6.99 -10.16 12.74
N ASN A 61 6.05 -9.42 13.33
CA ASN A 61 4.67 -9.88 13.43
C ASN A 61 3.72 -8.91 12.71
N ARG A 62 3.56 -9.11 11.41
CA ARG A 62 2.70 -8.25 10.61
C ARG A 62 1.42 -9.00 10.22
N SER A 63 0.61 -8.37 9.38
CA SER A 63 -0.65 -8.96 8.92
C SER A 63 -1.59 -9.20 10.09
N GLU A 64 -1.75 -8.18 10.93
CA GLU A 64 -2.62 -8.27 12.10
C GLU A 64 -4.06 -8.53 11.67
N GLN A 65 -4.97 -8.55 12.65
CA GLN A 65 -6.37 -8.79 12.37
C GLN A 65 -6.78 -8.17 11.04
N VAL A 66 -7.12 -9.02 10.07
CA VAL A 66 -7.53 -8.57 8.75
C VAL A 66 -8.98 -8.13 8.75
N PHE A 67 -9.37 -7.37 7.72
CA PHE A 67 -10.74 -6.89 7.61
C PHE A 67 -11.47 -7.61 6.47
N THR A 68 -12.79 -7.42 6.42
CA THR A 68 -13.61 -8.05 5.40
C THR A 68 -14.56 -7.05 4.76
N CYS A 69 -14.50 -6.94 3.43
CA CYS A 69 -15.35 -6.02 2.70
C CYS A 69 -16.82 -6.28 3.00
N SER A 70 -17.68 -5.37 2.56
CA SER A 70 -19.12 -5.51 2.78
C SER A 70 -19.85 -5.74 1.46
N VAL A 71 -19.09 -5.90 0.38
CA VAL A 71 -19.66 -6.13 -0.94
C VAL A 71 -19.13 -7.43 -1.54
N CYS A 72 -17.82 -7.59 -1.53
CA CYS A 72 -17.19 -8.78 -2.07
C CYS A 72 -16.55 -9.62 -0.97
N GLN A 73 -16.56 -9.08 0.25
CA GLN A 73 -15.98 -9.78 1.40
C GLN A 73 -14.48 -9.99 1.21
N GLU A 74 -13.83 -9.01 0.59
CA GLU A 74 -12.39 -9.08 0.36
C GLU A 74 -11.63 -9.21 1.68
N THR A 75 -10.30 -9.25 1.58
CA THR A 75 -9.46 -9.37 2.75
C THR A 75 -8.40 -8.26 2.80
N PHE A 76 -8.33 -7.57 3.92
CA PHE A 76 -7.37 -6.48 4.09
C PHE A 76 -6.61 -6.63 5.40
N ARG A 77 -5.44 -6.01 5.47
CA ARG A 77 -4.60 -6.07 6.66
C ARG A 77 -4.92 -4.92 7.62
N ARG A 78 -5.29 -3.78 7.04
CA ARG A 78 -5.62 -2.60 7.84
C ARG A 78 -6.99 -2.05 7.45
N ARG A 79 -7.58 -1.26 8.34
CA ARG A 79 -8.88 -0.67 8.09
C ARG A 79 -8.84 0.27 6.88
N MET A 80 -8.02 1.31 6.97
CA MET A 80 -7.90 2.26 5.87
C MET A 80 -7.92 1.56 4.52
N GLU A 81 -7.10 0.52 4.38
CA GLU A 81 -7.03 -0.23 3.13
C GLU A 81 -8.42 -0.52 2.59
N LEU A 82 -9.29 -1.04 3.46
CA LEU A 82 -10.66 -1.35 3.07
C LEU A 82 -11.36 -0.13 2.47
N ARG A 83 -11.16 1.02 3.11
CA ARG A 83 -11.77 2.26 2.64
C ARG A 83 -11.34 2.58 1.21
N LEU A 84 -10.04 2.56 0.97
CA LEU A 84 -9.50 2.85 -0.36
C LEU A 84 -10.01 1.84 -1.38
N HIS A 85 -10.49 0.69 -0.89
CA HIS A 85 -11.01 -0.35 -1.76
C HIS A 85 -12.51 -0.15 -2.01
N MET A 86 -13.24 0.20 -0.95
CA MET A 86 -14.67 0.42 -1.05
C MET A 86 -14.99 1.37 -2.20
N VAL A 87 -14.10 2.33 -2.43
CA VAL A 87 -14.30 3.31 -3.51
C VAL A 87 -14.65 2.62 -4.82
N SER A 88 -14.11 1.43 -5.02
CA SER A 88 -14.37 0.67 -6.24
C SER A 88 -15.82 0.23 -6.31
N HIS A 89 -16.44 0.04 -5.15
CA HIS A 89 -17.83 -0.38 -5.08
C HIS A 89 -18.76 0.82 -5.20
N THR A 90 -18.55 1.82 -4.34
CA THR A 90 -19.37 3.02 -4.34
C THR A 90 -19.15 3.83 -5.61
N GLY A 91 -17.88 3.92 -6.04
CA GLY A 91 -17.56 4.67 -7.23
C GLY A 91 -16.28 5.47 -7.09
N GLU A 92 -16.30 6.45 -6.19
CA GLU A 92 -15.13 7.30 -5.96
C GLU A 92 -15.17 7.92 -4.57
N MET A 93 -14.03 8.41 -4.12
CA MET A 93 -13.94 9.03 -2.80
C MET A 93 -14.65 10.39 -2.78
N PRO A 94 -15.14 10.78 -1.60
CA PRO A 94 -15.84 12.05 -1.42
C PRO A 94 -14.91 13.25 -1.54
N TYR A 95 -13.71 13.12 -0.99
CA TYR A 95 -12.73 14.19 -1.03
C TYR A 95 -11.58 13.85 -1.96
N LYS A 96 -10.97 14.87 -2.57
CA LYS A 96 -9.86 14.67 -3.48
C LYS A 96 -8.95 15.90 -3.51
N CYS A 97 -7.65 15.66 -3.72
CA CYS A 97 -6.69 16.76 -3.77
C CYS A 97 -6.70 17.43 -5.14
N SER A 98 -5.83 18.41 -5.32
CA SER A 98 -5.74 19.14 -6.59
C SER A 98 -4.36 18.96 -7.21
N SER A 99 -3.32 19.14 -6.40
CA SER A 99 -1.95 19.00 -6.88
C SER A 99 -1.64 17.55 -7.25
N CYS A 100 -1.87 16.65 -6.29
CA CYS A 100 -1.62 15.23 -6.51
C CYS A 100 -2.88 14.51 -6.97
N SER A 101 -4.03 15.11 -6.69
CA SER A 101 -5.31 14.52 -7.07
C SER A 101 -5.60 13.28 -6.24
N GLN A 102 -5.05 13.23 -5.03
CA GLN A 102 -5.26 12.10 -4.15
C GLN A 102 -6.73 11.95 -3.78
N GLN A 103 -7.03 10.99 -2.90
CA GLN A 103 -8.40 10.75 -2.46
C GLN A 103 -8.46 10.52 -0.95
N PHE A 104 -9.59 10.86 -0.35
CA PHE A 104 -9.79 10.70 1.08
C PHE A 104 -11.25 10.42 1.41
N MET A 105 -11.49 9.85 2.59
CA MET A 105 -12.84 9.54 3.03
C MET A 105 -13.39 10.64 3.93
N GLN A 106 -12.50 11.35 4.61
CA GLN A 106 -12.89 12.43 5.51
C GLN A 106 -12.23 13.74 5.10
N LYS A 107 -12.91 14.85 5.41
CA LYS A 107 -12.40 16.17 5.08
C LYS A 107 -11.10 16.45 5.83
N LYS A 108 -11.12 16.22 7.14
CA LYS A 108 -9.95 16.45 7.98
C LYS A 108 -8.75 15.64 7.48
N ASP A 109 -9.04 14.52 6.83
CA ASP A 109 -7.99 13.65 6.30
C ASP A 109 -7.27 14.32 5.13
N LEU A 110 -8.01 15.12 4.37
CA LEU A 110 -7.44 15.82 3.22
C LEU A 110 -6.69 17.07 3.66
N GLN A 111 -7.32 17.87 4.50
CA GLN A 111 -6.71 19.10 5.00
C GLN A 111 -5.33 18.83 5.56
N SER A 112 -5.25 17.85 6.48
CA SER A 112 -3.99 17.49 7.11
C SER A 112 -2.99 16.99 6.06
N HIS A 113 -3.48 16.28 5.07
CA HIS A 113 -2.64 15.75 4.01
C HIS A 113 -1.98 16.87 3.22
N MET A 114 -2.75 17.93 2.97
CA MET A 114 -2.25 19.07 2.21
C MET A 114 -1.33 19.93 3.08
N ILE A 115 -1.55 19.89 4.39
CA ILE A 115 -0.74 20.66 5.33
C ILE A 115 0.58 19.96 5.61
N LYS A 116 0.59 18.64 5.49
CA LYS A 116 1.79 17.85 5.74
C LYS A 116 2.60 17.68 4.46
N LEU A 117 1.98 17.08 3.45
CA LEU A 117 2.64 16.86 2.17
C LEU A 117 2.77 18.17 1.39
N HIS A 118 1.65 18.86 1.23
CA HIS A 118 1.65 20.13 0.50
C HIS A 118 1.79 21.31 1.46
N SER A 119 2.62 21.13 2.48
CA SER A 119 2.84 22.17 3.48
C SER A 119 3.30 23.47 2.82
N GLY A 120 4.32 23.37 1.97
CA GLY A 120 4.84 24.53 1.29
C GLY A 120 5.78 25.35 2.15
N PRO A 121 6.47 26.31 1.53
CA PRO A 121 7.44 27.17 2.23
C PRO A 121 6.74 28.14 3.18
N SER A 122 7.46 28.55 4.22
CA SER A 122 6.92 29.48 5.22
C SER A 122 7.45 30.89 4.98
N SER A 123 6.56 31.81 4.65
CA SER A 123 6.93 33.20 4.40
C SER A 123 5.82 34.15 4.83
N GLY A 124 6.13 35.00 5.80
CA GLY A 124 5.15 35.96 6.29
C GLY A 124 3.94 35.28 6.91
ZN ZN B . 7.48 2.32 -8.35
ZN ZN C . 10.61 -13.92 10.31
ZN ZN D . -15.08 -5.16 -2.03
ZN ZN E . -2.23 16.19 -2.29
N GLY A 1 0.43 15.17 -33.93
CA GLY A 1 -0.77 14.36 -34.13
C GLY A 1 -1.25 13.71 -32.84
N SER A 2 -1.41 12.40 -32.87
CA SER A 2 -1.88 11.65 -31.71
C SER A 2 -0.80 10.70 -31.20
N SER A 3 -0.33 10.94 -29.98
CA SER A 3 0.70 10.11 -29.37
C SER A 3 0.18 9.44 -28.10
N GLY A 4 1.00 8.55 -27.53
CA GLY A 4 0.61 7.86 -26.32
C GLY A 4 1.72 6.97 -25.78
N SER A 5 2.41 7.45 -24.77
CA SER A 5 3.51 6.69 -24.16
C SER A 5 3.01 5.88 -22.97
N SER A 6 1.86 5.25 -23.14
CA SER A 6 1.27 4.44 -22.07
C SER A 6 2.08 3.16 -21.85
N GLY A 7 1.72 2.41 -20.82
CA GLY A 7 2.42 1.18 -20.52
C GLY A 7 2.15 0.68 -19.11
N VAL A 8 2.57 -0.55 -18.83
CA VAL A 8 2.37 -1.14 -17.51
C VAL A 8 3.19 -0.41 -16.45
N GLU A 9 2.89 -0.69 -15.18
CA GLU A 9 3.60 -0.06 -14.08
C GLU A 9 3.96 -1.08 -13.01
N CYS A 10 5.18 -0.99 -12.49
CA CYS A 10 5.66 -1.91 -11.47
C CYS A 10 5.26 -1.42 -10.08
N PRO A 11 4.40 -2.20 -9.40
CA PRO A 11 3.92 -1.87 -8.05
C PRO A 11 5.01 -2.00 -7.00
N THR A 12 6.23 -2.26 -7.45
CA THR A 12 7.37 -2.41 -6.56
C THR A 12 8.21 -1.13 -6.53
N CYS A 13 8.65 -0.69 -7.70
CA CYS A 13 9.46 0.51 -7.81
C CYS A 13 8.76 1.55 -8.68
N HIS A 14 7.48 1.34 -8.95
CA HIS A 14 6.69 2.26 -9.77
C HIS A 14 7.37 2.50 -11.11
N LYS A 15 8.12 1.50 -11.58
CA LYS A 15 8.82 1.60 -12.85
C LYS A 15 7.94 1.08 -13.99
N LYS A 16 7.50 1.99 -14.85
CA LYS A 16 6.65 1.62 -15.99
C LYS A 16 7.51 1.19 -17.17
N PHE A 17 6.89 0.44 -18.09
CA PHE A 17 7.60 -0.04 -19.27
C PHE A 17 6.71 0.08 -20.51
N LEU A 18 7.24 -0.35 -21.66
CA LEU A 18 6.50 -0.28 -22.92
C LEU A 18 5.42 -1.36 -22.96
N SER A 19 5.81 -2.60 -22.70
CA SER A 19 4.88 -3.72 -22.71
C SER A 19 5.10 -4.62 -21.51
N LYS A 20 4.22 -5.61 -21.35
CA LYS A 20 4.32 -6.55 -20.24
C LYS A 20 5.66 -7.30 -20.27
N TYR A 21 6.01 -7.80 -21.44
CA TYR A 21 7.26 -8.54 -21.62
C TYR A 21 8.38 -7.90 -20.79
N TYR A 22 8.59 -6.61 -20.99
CA TYR A 22 9.62 -5.89 -20.26
C TYR A 22 9.40 -5.96 -18.75
N LEU A 23 8.18 -5.63 -18.34
CA LEU A 23 7.83 -5.66 -16.93
C LEU A 23 8.15 -7.03 -16.31
N LYS A 24 7.86 -8.08 -17.05
CA LYS A 24 8.12 -9.44 -16.58
C LYS A 24 9.61 -9.66 -16.37
N VAL A 25 10.40 -9.33 -17.39
CA VAL A 25 11.85 -9.50 -17.31
C VAL A 25 12.44 -8.64 -16.20
N HIS A 26 11.85 -7.45 -16.01
CA HIS A 26 12.33 -6.54 -14.98
C HIS A 26 11.94 -7.02 -13.58
N ASN A 27 10.64 -7.11 -13.33
CA ASN A 27 10.14 -7.57 -12.04
C ASN A 27 11.01 -8.70 -11.49
N ARG A 28 11.24 -9.71 -12.33
CA ARG A 28 12.04 -10.86 -11.93
C ARG A 28 13.21 -10.43 -11.05
N LYS A 29 13.85 -9.33 -11.43
CA LYS A 29 14.98 -8.81 -10.66
C LYS A 29 14.61 -8.62 -9.19
N HIS A 30 13.44 -8.02 -8.96
CA HIS A 30 12.97 -7.79 -7.60
C HIS A 30 13.02 -9.07 -6.77
N THR A 31 12.64 -10.18 -7.39
CA THR A 31 12.65 -11.47 -6.70
C THR A 31 14.04 -12.09 -6.70
N GLY A 32 14.39 -12.74 -5.60
CA GLY A 32 15.70 -13.37 -5.49
C GLY A 32 16.68 -12.52 -4.70
N GLU A 33 16.23 -11.98 -3.58
CA GLU A 33 17.07 -11.15 -2.73
C GLU A 33 17.00 -11.60 -1.28
N LYS A 34 16.27 -12.69 -1.04
CA LYS A 34 16.12 -13.22 0.31
C LYS A 34 16.60 -14.66 0.38
N PRO A 35 17.82 -14.86 0.89
CA PRO A 35 18.41 -16.20 1.01
C PRO A 35 17.72 -17.04 2.09
N PHE A 36 17.30 -16.38 3.16
CA PHE A 36 16.63 -17.06 4.27
C PHE A 36 15.42 -16.26 4.74
N GLU A 37 14.44 -16.97 5.30
CA GLU A 37 13.22 -16.34 5.79
C GLU A 37 12.53 -17.21 6.83
N CYS A 38 12.21 -16.62 7.97
CA CYS A 38 11.55 -17.35 9.05
C CYS A 38 10.35 -18.14 8.52
N PRO A 39 10.48 -19.48 8.52
CA PRO A 39 9.43 -20.37 8.05
C PRO A 39 8.21 -20.38 8.97
N LYS A 40 8.28 -19.60 10.03
CA LYS A 40 7.18 -19.51 10.99
C LYS A 40 6.31 -18.30 10.72
N CYS A 41 6.94 -17.18 10.41
CA CYS A 41 6.22 -15.94 10.12
C CYS A 41 6.48 -15.48 8.69
N GLY A 42 7.76 -15.47 8.31
CA GLY A 42 8.12 -15.05 6.96
C GLY A 42 9.03 -13.84 6.97
N LYS A 43 9.92 -13.78 7.94
CA LYS A 43 10.86 -12.66 8.06
C LYS A 43 12.18 -12.99 7.37
N CYS A 44 12.49 -12.25 6.31
CA CYS A 44 13.72 -12.47 5.56
C CYS A 44 14.94 -12.05 6.40
N TYR A 45 16.06 -12.72 6.17
CA TYR A 45 17.29 -12.44 6.90
C TYR A 45 18.51 -12.85 6.09
N PHE A 46 19.37 -11.88 5.79
CA PHE A 46 20.58 -12.14 5.01
C PHE A 46 21.37 -13.29 5.61
N ARG A 47 21.70 -13.17 6.89
CA ARG A 47 22.45 -14.21 7.59
C ARG A 47 21.52 -15.12 8.38
N LYS A 48 21.75 -16.43 8.27
CA LYS A 48 20.93 -17.40 8.97
C LYS A 48 21.00 -17.19 10.49
N GLU A 49 22.22 -16.99 11.00
CA GLU A 49 22.42 -16.78 12.41
C GLU A 49 21.33 -15.88 13.00
N ASN A 50 21.22 -14.67 12.48
CA ASN A 50 20.22 -13.72 12.94
C ASN A 50 18.83 -14.35 12.94
N LEU A 51 18.43 -14.87 11.79
CA LEU A 51 17.12 -15.51 11.64
C LEU A 51 16.87 -16.48 12.80
N LEU A 52 17.74 -17.47 12.94
CA LEU A 52 17.61 -18.46 14.01
C LEU A 52 17.38 -17.79 15.36
N GLU A 53 18.12 -16.71 15.60
CA GLU A 53 17.99 -15.97 16.86
C GLU A 53 16.58 -15.41 17.02
N HIS A 54 16.09 -14.77 15.96
CA HIS A 54 14.75 -14.19 15.98
C HIS A 54 13.71 -15.22 16.38
N GLU A 55 13.89 -16.45 15.89
CA GLU A 55 12.96 -17.53 16.20
C GLU A 55 12.81 -17.71 17.71
N ALA A 56 13.91 -18.08 18.36
CA ALA A 56 13.90 -18.29 19.81
C ALA A 56 13.62 -16.98 20.54
N ARG A 57 14.35 -15.93 20.18
CA ARG A 57 14.19 -14.63 20.81
C ARG A 57 12.73 -14.18 20.76
N ASN A 58 12.21 -13.99 19.55
CA ASN A 58 10.83 -13.56 19.38
C ASN A 58 10.41 -13.68 17.91
N CYS A 59 9.27 -14.32 17.68
CA CYS A 59 8.76 -14.50 16.32
C CYS A 59 7.51 -13.65 16.10
N MET A 60 7.35 -13.14 14.89
CA MET A 60 6.21 -12.31 14.54
C MET A 60 4.93 -12.87 15.14
N ASN A 61 4.14 -12.02 15.76
CA ASN A 61 2.87 -12.43 16.38
C ASN A 61 1.71 -12.26 15.42
N ARG A 62 1.05 -13.37 15.09
CA ARG A 62 -0.08 -13.34 14.18
C ARG A 62 -1.34 -12.88 14.89
N SER A 63 -1.21 -11.81 15.68
CA SER A 63 -2.34 -11.27 16.41
C SER A 63 -2.80 -9.94 15.83
N GLU A 64 -3.70 -10.01 14.86
CA GLU A 64 -4.22 -8.81 14.21
C GLU A 64 -5.51 -9.11 13.45
N GLN A 65 -6.38 -8.10 13.35
CA GLN A 65 -7.65 -8.27 12.66
C GLN A 65 -7.68 -7.42 11.39
N VAL A 66 -7.33 -8.03 10.26
CA VAL A 66 -7.32 -7.34 8.98
C VAL A 66 -8.74 -7.14 8.46
N PHE A 67 -8.87 -6.29 7.45
CA PHE A 67 -10.17 -6.01 6.86
C PHE A 67 -10.24 -6.54 5.43
N THR A 68 -11.45 -6.90 4.99
CA THR A 68 -11.66 -7.41 3.65
C THR A 68 -12.52 -6.47 2.81
N CYS A 69 -12.02 -6.12 1.63
CA CYS A 69 -12.74 -5.23 0.74
C CYS A 69 -14.13 -5.77 0.42
N SER A 70 -14.94 -4.96 -0.24
CA SER A 70 -16.30 -5.35 -0.60
C SER A 70 -16.44 -5.50 -2.11
N VAL A 71 -15.32 -5.37 -2.82
CA VAL A 71 -15.32 -5.49 -4.28
C VAL A 71 -14.31 -6.53 -4.74
N CYS A 72 -13.08 -6.42 -4.21
CA CYS A 72 -12.01 -7.34 -4.57
C CYS A 72 -11.60 -8.20 -3.38
N GLN A 73 -12.22 -7.93 -2.23
CA GLN A 73 -11.93 -8.67 -1.02
C GLN A 73 -10.46 -8.51 -0.63
N GLU A 74 -9.91 -7.34 -0.88
CA GLU A 74 -8.52 -7.06 -0.56
C GLU A 74 -8.25 -7.24 0.93
N THR A 75 -7.03 -6.93 1.35
CA THR A 75 -6.65 -7.07 2.76
C THR A 75 -6.06 -5.76 3.30
N PHE A 76 -6.60 -5.29 4.40
CA PHE A 76 -6.12 -4.05 5.02
C PHE A 76 -5.93 -4.24 6.53
N ARG A 77 -4.70 -4.06 6.99
CA ARG A 77 -4.39 -4.21 8.40
C ARG A 77 -5.32 -3.35 9.26
N ARG A 78 -5.71 -2.20 8.72
CA ARG A 78 -6.61 -1.30 9.43
C ARG A 78 -7.85 -0.99 8.60
N ARG A 79 -8.83 -0.36 9.23
CA ARG A 79 -10.08 0.00 8.54
C ARG A 79 -9.86 1.19 7.61
N MET A 80 -9.45 2.32 8.20
CA MET A 80 -9.20 3.53 7.42
C MET A 80 -8.60 3.20 6.06
N GLU A 81 -7.55 2.37 6.07
CA GLU A 81 -6.88 1.98 4.84
C GLU A 81 -7.89 1.53 3.79
N LEU A 82 -8.81 0.65 4.19
CA LEU A 82 -9.83 0.15 3.29
C LEU A 82 -10.64 1.29 2.68
N ARG A 83 -10.90 2.32 3.47
CA ARG A 83 -11.67 3.47 3.01
C ARG A 83 -10.91 4.19 1.89
N LEU A 84 -9.62 4.38 2.08
CA LEU A 84 -8.79 5.05 1.08
C LEU A 84 -8.59 4.19 -0.15
N HIS A 85 -8.93 2.91 -0.02
CA HIS A 85 -8.79 1.96 -1.12
C HIS A 85 -10.07 1.90 -1.95
N MET A 86 -11.22 1.89 -1.26
CA MET A 86 -12.50 1.83 -1.93
C MET A 86 -12.59 2.89 -3.02
N VAL A 87 -11.93 4.02 -2.81
CA VAL A 87 -11.93 5.11 -3.77
C VAL A 87 -11.64 4.60 -5.17
N SER A 88 -10.77 3.60 -5.26
CA SER A 88 -10.39 3.03 -6.55
C SER A 88 -11.59 2.33 -7.20
N HIS A 89 -12.49 1.83 -6.38
CA HIS A 89 -13.68 1.14 -6.87
C HIS A 89 -14.78 2.14 -7.22
N THR A 90 -15.15 2.96 -6.25
CA THR A 90 -16.19 3.97 -6.45
C THR A 90 -15.76 5.01 -7.47
N GLY A 91 -14.51 5.47 -7.35
CA GLY A 91 -14.00 6.46 -8.27
C GLY A 91 -13.19 7.53 -7.58
N GLU A 92 -13.71 8.06 -6.48
CA GLU A 92 -13.02 9.09 -5.72
C GLU A 92 -13.79 9.43 -4.44
N MET A 93 -13.07 9.91 -3.44
CA MET A 93 -13.68 10.28 -2.17
C MET A 93 -14.86 11.22 -2.37
N PRO A 94 -15.82 11.19 -1.44
CA PRO A 94 -17.01 12.04 -1.51
C PRO A 94 -16.69 13.51 -1.28
N TYR A 95 -15.72 13.77 -0.40
CA TYR A 95 -15.32 15.14 -0.09
C TYR A 95 -14.02 15.50 -0.80
N LYS A 96 -13.91 16.75 -1.23
CA LYS A 96 -12.72 17.23 -1.92
C LYS A 96 -12.49 18.71 -1.66
N CYS A 97 -11.23 19.13 -1.65
CA CYS A 97 -10.88 20.52 -1.42
C CYS A 97 -11.03 21.35 -2.70
N SER A 98 -10.63 22.61 -2.64
CA SER A 98 -10.72 23.49 -3.79
C SER A 98 -9.35 24.08 -4.13
N SER A 99 -8.63 24.54 -3.11
CA SER A 99 -7.31 25.12 -3.31
C SER A 99 -6.29 24.04 -3.68
N CYS A 100 -6.29 22.95 -2.93
CA CYS A 100 -5.38 21.85 -3.19
C CYS A 100 -6.08 20.70 -3.89
N SER A 101 -7.41 20.71 -3.83
CA SER A 101 -8.21 19.66 -4.46
C SER A 101 -7.99 18.31 -3.78
N GLN A 102 -7.79 18.36 -2.46
CA GLN A 102 -7.57 17.15 -1.68
C GLN A 102 -8.80 16.24 -1.70
N GLN A 103 -8.74 15.16 -0.94
CA GLN A 103 -9.85 14.21 -0.87
C GLN A 103 -10.05 13.71 0.55
N PHE A 104 -11.31 13.57 0.96
CA PHE A 104 -11.64 13.09 2.30
C PHE A 104 -12.90 12.24 2.28
N MET A 105 -13.03 11.38 3.28
CA MET A 105 -14.20 10.50 3.39
C MET A 105 -15.28 11.13 4.26
N GLN A 106 -14.87 11.99 5.18
CA GLN A 106 -15.80 12.66 6.07
C GLN A 106 -15.78 14.17 5.86
N LYS A 107 -16.90 14.83 6.19
CA LYS A 107 -17.01 16.27 6.02
C LYS A 107 -16.08 17.00 6.98
N LYS A 108 -16.15 16.64 8.26
CA LYS A 108 -15.31 17.26 9.27
C LYS A 108 -13.83 17.14 8.91
N ASP A 109 -13.45 15.98 8.37
CA ASP A 109 -12.06 15.75 7.97
C ASP A 109 -11.59 16.82 7.00
N LEU A 110 -12.48 17.27 6.13
CA LEU A 110 -12.16 18.29 5.14
C LEU A 110 -12.21 19.68 5.76
N GLN A 111 -13.30 19.97 6.46
CA GLN A 111 -13.48 21.26 7.11
C GLN A 111 -12.25 21.62 7.93
N SER A 112 -11.84 20.72 8.80
CA SER A 112 -10.68 20.95 9.65
C SER A 112 -9.41 21.11 8.82
N HIS A 113 -9.27 20.29 7.79
CA HIS A 113 -8.11 20.35 6.91
C HIS A 113 -7.97 21.73 6.28
N MET A 114 -9.11 22.33 5.94
CA MET A 114 -9.11 23.67 5.34
C MET A 114 -8.95 24.75 6.40
N ILE A 115 -9.36 24.43 7.62
CA ILE A 115 -9.26 25.38 8.73
C ILE A 115 -7.85 25.41 9.30
N LYS A 116 -7.15 24.28 9.20
CA LYS A 116 -5.78 24.18 9.71
C LYS A 116 -4.78 24.62 8.64
N LEU A 117 -4.79 23.95 7.50
CA LEU A 117 -3.89 24.27 6.41
C LEU A 117 -4.34 25.52 5.67
N HIS A 118 -5.60 25.50 5.21
CA HIS A 118 -6.16 26.63 4.48
C HIS A 118 -6.80 27.63 5.44
N SER A 119 -6.21 27.74 6.64
CA SER A 119 -6.72 28.67 7.64
C SER A 119 -7.27 29.94 7.00
N GLY A 120 -6.47 30.52 6.11
CA GLY A 120 -6.89 31.74 5.43
C GLY A 120 -5.82 32.82 5.48
N PRO A 121 -5.69 33.57 4.38
CA PRO A 121 -4.71 34.66 4.26
C PRO A 121 -5.05 35.84 5.16
N SER A 122 -4.24 36.89 5.07
CA SER A 122 -4.45 38.09 5.88
C SER A 122 -4.85 39.27 5.01
N SER A 123 -4.02 39.56 4.01
CA SER A 123 -4.29 40.67 3.10
C SER A 123 -5.41 40.32 2.12
N GLY A 124 -5.29 39.17 1.48
CA GLY A 124 -6.29 38.74 0.52
C GLY A 124 -7.23 37.69 1.11
ZN ZN B . 10.21 -2.77 -10.25
ZN ZN C . 9.55 -15.57 12.93
ZN ZN D . -11.04 -3.43 -3.43
ZN ZN E . -6.95 21.64 0.86
N GLY A 1 -1.78 12.95 -38.73
CA GLY A 1 -1.63 13.23 -37.31
C GLY A 1 -2.17 12.09 -36.44
N SER A 2 -1.51 11.87 -35.31
CA SER A 2 -1.91 10.82 -34.39
C SER A 2 -1.84 11.30 -32.95
N SER A 3 -3.01 11.44 -32.32
CA SER A 3 -3.09 11.90 -30.94
C SER A 3 -3.50 10.76 -30.02
N GLY A 4 -3.07 10.85 -28.76
CA GLY A 4 -3.39 9.81 -27.79
C GLY A 4 -2.92 8.44 -28.22
N SER A 5 -3.58 7.40 -27.72
CA SER A 5 -3.23 6.03 -28.06
C SER A 5 -1.74 5.78 -27.78
N SER A 6 -1.26 6.29 -26.66
CA SER A 6 0.14 6.13 -26.28
C SER A 6 0.27 5.87 -24.79
N GLY A 7 1.45 5.43 -24.37
CA GLY A 7 1.68 5.15 -22.96
C GLY A 7 3.16 5.02 -22.64
N VAL A 8 3.45 4.62 -21.41
CA VAL A 8 4.84 4.45 -20.96
C VAL A 8 5.31 3.02 -21.16
N GLU A 9 6.62 2.81 -21.01
CA GLU A 9 7.20 1.49 -21.17
C GLU A 9 8.27 1.24 -20.12
N CYS A 10 8.20 0.07 -19.47
CA CYS A 10 9.16 -0.30 -18.45
C CYS A 10 10.47 -0.78 -19.07
N PRO A 11 11.55 -0.02 -18.83
CA PRO A 11 12.88 -0.35 -19.36
C PRO A 11 13.48 -1.58 -18.69
N THR A 12 12.70 -2.22 -17.83
CA THR A 12 13.15 -3.40 -17.12
C THR A 12 12.61 -4.67 -17.77
N CYS A 13 11.30 -4.74 -17.93
CA CYS A 13 10.65 -5.90 -18.54
C CYS A 13 9.84 -5.49 -19.77
N HIS A 14 10.12 -4.30 -20.28
CA HIS A 14 9.43 -3.79 -21.45
C HIS A 14 7.91 -3.85 -21.26
N LYS A 15 7.49 -3.80 -20.00
CA LYS A 15 6.06 -3.85 -19.67
C LYS A 15 5.45 -2.46 -19.73
N LYS A 16 4.65 -2.21 -20.77
CA LYS A 16 4.00 -0.92 -20.94
C LYS A 16 2.76 -0.81 -20.05
N PHE A 17 2.32 0.41 -19.81
CA PHE A 17 1.14 0.65 -18.98
C PHE A 17 0.27 1.77 -19.57
N LEU A 18 -0.81 2.09 -18.87
CA LEU A 18 -1.72 3.14 -19.32
C LEU A 18 -1.24 4.51 -18.85
N SER A 19 -0.73 4.57 -17.63
CA SER A 19 -0.24 5.83 -17.07
C SER A 19 1.09 5.62 -16.36
N LYS A 20 1.68 6.71 -15.91
CA LYS A 20 2.97 6.66 -15.21
C LYS A 20 2.78 6.08 -13.80
N TYR A 21 1.81 6.61 -13.07
CA TYR A 21 1.54 6.15 -11.72
C TYR A 21 1.69 4.64 -11.62
N TYR A 22 1.15 3.92 -12.61
CA TYR A 22 1.22 2.47 -12.63
C TYR A 22 2.64 1.99 -12.87
N LEU A 23 3.36 2.69 -13.75
CA LEU A 23 4.74 2.33 -14.07
C LEU A 23 5.62 2.47 -12.84
N LYS A 24 5.59 3.64 -12.22
CA LYS A 24 6.40 3.89 -11.02
C LYS A 24 6.10 2.87 -9.93
N VAL A 25 4.81 2.58 -9.74
CA VAL A 25 4.39 1.62 -8.73
C VAL A 25 4.85 0.21 -9.10
N HIS A 26 4.76 -0.13 -10.38
CA HIS A 26 5.17 -1.45 -10.85
C HIS A 26 6.68 -1.63 -10.71
N ASN A 27 7.44 -0.66 -11.20
CA ASN A 27 8.90 -0.71 -11.12
C ASN A 27 9.35 -1.22 -9.75
N ARG A 28 8.71 -0.72 -8.70
CA ARG A 28 9.05 -1.12 -7.34
C ARG A 28 9.24 -2.64 -7.25
N LYS A 29 8.31 -3.38 -7.84
CA LYS A 29 8.37 -4.84 -7.82
C LYS A 29 9.76 -5.32 -8.16
N HIS A 30 10.35 -4.74 -9.21
CA HIS A 30 11.70 -5.12 -9.63
C HIS A 30 12.71 -4.95 -8.49
N THR A 31 12.86 -3.71 -8.03
CA THR A 31 13.79 -3.41 -6.95
C THR A 31 13.07 -3.40 -5.59
N GLY A 32 13.43 -4.35 -4.74
CA GLY A 32 12.81 -4.43 -3.42
C GLY A 32 12.58 -5.87 -2.98
N GLU A 33 11.77 -6.59 -3.75
CA GLU A 33 11.46 -7.98 -3.43
C GLU A 33 12.74 -8.77 -3.14
N LYS A 34 12.59 -9.92 -2.49
CA LYS A 34 13.72 -10.77 -2.15
C LYS A 34 13.34 -12.24 -2.21
N PRO A 35 14.28 -13.08 -2.68
CA PRO A 35 14.07 -14.52 -2.81
C PRO A 35 13.98 -15.21 -1.45
N PHE A 36 14.02 -14.42 -0.38
CA PHE A 36 13.95 -14.95 0.97
C PHE A 36 13.11 -14.05 1.88
N GLU A 37 12.20 -14.65 2.63
CA GLU A 37 11.33 -13.90 3.54
C GLU A 37 10.73 -14.81 4.60
N CYS A 38 10.76 -14.36 5.85
CA CYS A 38 10.22 -15.13 6.96
C CYS A 38 8.78 -15.55 6.68
N PRO A 39 8.56 -16.87 6.52
CA PRO A 39 7.24 -17.43 6.25
C PRO A 39 6.32 -17.32 7.45
N LYS A 40 6.85 -16.82 8.56
CA LYS A 40 6.06 -16.66 9.78
C LYS A 40 5.43 -15.27 9.87
N CYS A 41 6.20 -14.26 9.48
CA CYS A 41 5.72 -12.89 9.51
C CYS A 41 5.76 -12.28 8.10
N GLY A 42 6.88 -12.45 7.42
CA GLY A 42 7.02 -11.91 6.08
C GLY A 42 8.18 -10.93 5.96
N LYS A 43 9.18 -11.10 6.82
CA LYS A 43 10.34 -10.23 6.82
C LYS A 43 11.36 -10.69 5.77
N CYS A 44 11.44 -9.94 4.68
CA CYS A 44 12.36 -10.27 3.60
C CYS A 44 13.81 -10.05 4.04
N TYR A 45 14.72 -10.81 3.44
CA TYR A 45 16.14 -10.70 3.78
C TYR A 45 17.02 -11.15 2.61
N PHE A 46 17.98 -10.32 2.24
CA PHE A 46 18.89 -10.64 1.14
C PHE A 46 19.53 -12.00 1.34
N ARG A 47 20.16 -12.19 2.50
CA ARG A 47 20.82 -13.45 2.81
C ARG A 47 19.94 -14.32 3.72
N LYS A 48 20.01 -15.63 3.53
CA LYS A 48 19.23 -16.55 4.34
C LYS A 48 19.69 -16.55 5.80
N GLU A 49 21.00 -16.53 5.99
CA GLU A 49 21.57 -16.51 7.34
C GLU A 49 20.81 -15.55 8.24
N ASN A 50 20.88 -14.27 7.93
CA ASN A 50 20.20 -13.24 8.72
C ASN A 50 18.76 -13.65 8.99
N LEU A 51 18.06 -14.06 7.95
CA LEU A 51 16.66 -14.48 8.07
C LEU A 51 16.52 -15.59 9.11
N LEU A 52 17.35 -16.62 8.99
CA LEU A 52 17.31 -17.74 9.92
C LEU A 52 17.37 -17.25 11.36
N GLU A 53 18.29 -16.33 11.63
CA GLU A 53 18.45 -15.78 12.97
C GLU A 53 17.16 -15.15 13.46
N HIS A 54 16.74 -14.07 12.80
CA HIS A 54 15.51 -13.37 13.15
C HIS A 54 14.46 -14.36 13.65
N GLU A 55 14.11 -15.32 12.79
CA GLU A 55 13.11 -16.32 13.14
C GLU A 55 13.17 -16.66 14.62
N ALA A 56 14.37 -16.84 15.14
CA ALA A 56 14.57 -17.16 16.55
C ALA A 56 14.72 -15.90 17.38
N ARG A 57 15.46 -14.94 16.87
CA ARG A 57 15.68 -13.68 17.57
C ARG A 57 14.35 -13.03 17.96
N ASN A 58 13.54 -12.71 16.96
CA ASN A 58 12.25 -12.09 17.20
C ASN A 58 11.32 -12.28 16.00
N CYS A 59 10.01 -12.29 16.26
CA CYS A 59 9.03 -12.48 15.22
C CYS A 59 7.62 -12.14 15.72
N MET A 60 6.98 -11.18 15.07
CA MET A 60 5.64 -10.76 15.47
C MET A 60 4.79 -11.98 15.85
N ASN A 61 3.72 -11.73 16.60
CA ASN A 61 2.83 -12.79 17.04
C ASN A 61 1.52 -12.77 16.24
N ARG A 62 1.17 -13.91 15.67
CA ARG A 62 -0.06 -14.02 14.88
C ARG A 62 -1.29 -13.94 15.78
N SER A 63 -2.47 -13.86 15.16
CA SER A 63 -3.71 -13.77 15.90
C SER A 63 -3.64 -12.68 16.96
N GLU A 64 -3.04 -11.55 16.60
CA GLU A 64 -2.90 -10.43 17.52
C GLU A 64 -4.13 -9.53 17.48
N GLN A 65 -4.06 -8.40 18.16
CA GLN A 65 -5.17 -7.45 18.20
C GLN A 65 -5.74 -7.22 16.81
N VAL A 66 -6.99 -7.59 16.61
CA VAL A 66 -7.65 -7.43 15.32
C VAL A 66 -8.84 -6.50 15.43
N PHE A 67 -9.32 -6.01 14.29
CA PHE A 67 -10.46 -5.10 14.26
C PHE A 67 -11.68 -5.78 13.64
N THR A 68 -12.87 -5.29 14.00
CA THR A 68 -14.11 -5.86 13.49
C THR A 68 -14.93 -4.81 12.76
N CYS A 69 -15.32 -5.12 11.52
CA CYS A 69 -16.11 -4.20 10.72
C CYS A 69 -17.42 -3.85 11.41
N SER A 70 -18.14 -2.87 10.86
CA SER A 70 -19.41 -2.43 11.43
C SER A 70 -20.56 -2.78 10.51
N VAL A 71 -20.25 -3.46 9.40
CA VAL A 71 -21.26 -3.85 8.43
C VAL A 71 -21.29 -5.36 8.24
N CYS A 72 -20.11 -5.94 8.02
CA CYS A 72 -19.98 -7.37 7.83
C CYS A 72 -19.24 -8.02 8.99
N GLN A 73 -18.76 -7.20 9.91
CA GLN A 73 -18.03 -7.69 11.07
C GLN A 73 -16.77 -8.45 10.64
N GLU A 74 -16.13 -7.96 9.58
CA GLU A 74 -14.91 -8.58 9.07
C GLU A 74 -13.82 -8.61 10.14
N THR A 75 -12.66 -9.14 9.78
CA THR A 75 -11.53 -9.24 10.71
C THR A 75 -10.27 -8.63 10.10
N PHE A 76 -9.69 -7.66 10.80
CA PHE A 76 -8.48 -7.00 10.33
C PHE A 76 -7.39 -7.04 11.40
N ARG A 77 -6.15 -6.83 10.97
CA ARG A 77 -5.02 -6.85 11.90
C ARG A 77 -4.67 -5.44 12.36
N ARG A 78 -4.88 -4.47 11.48
CA ARG A 78 -4.59 -3.08 11.79
C ARG A 78 -5.84 -2.20 11.62
N ARG A 79 -5.83 -1.04 12.28
CA ARG A 79 -6.95 -0.12 12.20
C ARG A 79 -7.11 0.43 10.79
N MET A 80 -6.09 1.15 10.32
CA MET A 80 -6.12 1.73 8.98
C MET A 80 -6.77 0.77 7.98
N GLU A 81 -6.35 -0.48 8.02
CA GLU A 81 -6.89 -1.50 7.12
C GLU A 81 -8.41 -1.43 7.08
N LEU A 82 -9.03 -1.42 8.25
CA LEU A 82 -10.49 -1.36 8.34
C LEU A 82 -11.03 -0.14 7.60
N ARG A 83 -10.30 0.97 7.69
CA ARG A 83 -10.71 2.20 7.03
C ARG A 83 -10.75 2.02 5.51
N LEU A 84 -9.73 1.36 4.97
CA LEU A 84 -9.66 1.11 3.54
C LEU A 84 -10.69 0.07 3.10
N HIS A 85 -11.26 -0.63 4.08
CA HIS A 85 -12.27 -1.66 3.80
C HIS A 85 -13.67 -1.06 3.81
N MET A 86 -13.94 -0.20 4.80
CA MET A 86 -15.25 0.43 4.92
C MET A 86 -15.64 1.13 3.62
N VAL A 87 -14.64 1.68 2.93
CA VAL A 87 -14.88 2.37 1.67
C VAL A 87 -15.72 1.51 0.72
N SER A 88 -15.54 0.20 0.81
CA SER A 88 -16.28 -0.73 -0.05
C SER A 88 -17.75 -0.77 0.35
N HIS A 89 -18.03 -0.51 1.62
CA HIS A 89 -19.39 -0.51 2.13
C HIS A 89 -20.11 0.79 1.77
N THR A 90 -19.45 1.91 2.00
CA THR A 90 -20.03 3.21 1.70
C THR A 90 -19.99 3.51 0.21
N GLY A 91 -18.91 3.06 -0.44
CA GLY A 91 -18.77 3.28 -1.87
C GLY A 91 -17.41 3.84 -2.23
N GLU A 92 -17.06 4.98 -1.64
CA GLU A 92 -15.77 5.62 -1.91
C GLU A 92 -15.37 6.54 -0.76
N MET A 93 -14.07 6.60 -0.48
CA MET A 93 -13.57 7.45 0.59
C MET A 93 -14.26 8.81 0.60
N PRO A 94 -14.28 9.46 1.76
CA PRO A 94 -14.91 10.76 1.93
C PRO A 94 -14.14 11.87 1.21
N TYR A 95 -12.83 11.72 1.14
CA TYR A 95 -11.98 12.71 0.48
C TYR A 95 -11.26 12.10 -0.72
N LYS A 96 -11.00 12.93 -1.73
CA LYS A 96 -10.32 12.48 -2.92
C LYS A 96 -9.58 13.63 -3.61
N CYS A 97 -8.47 13.32 -4.26
CA CYS A 97 -7.69 14.33 -4.95
C CYS A 97 -8.25 14.61 -6.34
N SER A 98 -7.56 15.45 -7.10
CA SER A 98 -8.00 15.81 -8.45
C SER A 98 -6.96 15.42 -9.49
N SER A 99 -5.70 15.78 -9.21
CA SER A 99 -4.61 15.48 -10.13
C SER A 99 -4.35 13.98 -10.19
N CYS A 100 -4.17 13.37 -9.02
CA CYS A 100 -3.92 11.93 -8.94
C CYS A 100 -5.22 11.17 -8.70
N SER A 101 -6.19 11.83 -8.09
CA SER A 101 -7.48 11.20 -7.80
C SER A 101 -7.37 10.24 -6.62
N GLN A 102 -6.40 10.50 -5.76
CA GLN A 102 -6.18 9.66 -4.58
C GLN A 102 -7.40 9.67 -3.67
N GLN A 103 -7.28 9.01 -2.51
CA GLN A 103 -8.36 8.95 -1.55
C GLN A 103 -7.84 9.15 -0.14
N PHE A 104 -8.70 9.67 0.73
CA PHE A 104 -8.32 9.91 2.12
C PHE A 104 -9.55 9.83 3.04
N MET A 105 -9.31 9.54 4.31
CA MET A 105 -10.39 9.43 5.29
C MET A 105 -10.61 10.75 6.00
N GLN A 106 -9.55 11.58 6.07
CA GLN A 106 -9.64 12.87 6.72
C GLN A 106 -9.45 14.00 5.72
N LYS A 107 -9.79 15.21 6.13
CA LYS A 107 -9.66 16.38 5.27
C LYS A 107 -8.23 16.91 5.29
N LYS A 108 -7.66 17.06 6.48
CA LYS A 108 -6.31 17.55 6.65
C LYS A 108 -5.31 16.62 5.94
N ASP A 109 -5.62 15.33 5.91
CA ASP A 109 -4.76 14.36 5.26
C ASP A 109 -4.63 14.65 3.77
N LEU A 110 -5.71 15.09 3.16
CA LEU A 110 -5.72 15.41 1.73
C LEU A 110 -5.02 16.75 1.47
N GLN A 111 -5.44 17.77 2.19
CA GLN A 111 -4.85 19.11 2.03
C GLN A 111 -3.33 19.03 2.08
N SER A 112 -2.80 18.36 3.10
CA SER A 112 -1.36 18.23 3.26
C SER A 112 -0.76 17.40 2.12
N HIS A 113 -1.51 16.40 1.67
CA HIS A 113 -1.06 15.54 0.59
C HIS A 113 -0.87 16.34 -0.70
N MET A 114 -1.77 17.28 -0.95
CA MET A 114 -1.70 18.11 -2.15
C MET A 114 -0.63 19.20 -1.99
N ILE A 115 -0.40 19.61 -0.75
CA ILE A 115 0.60 20.64 -0.46
C ILE A 115 2.01 20.06 -0.48
N LYS A 116 2.11 18.76 -0.26
CA LYS A 116 3.40 18.08 -0.25
C LYS A 116 3.70 17.45 -1.62
N LEU A 117 2.79 16.59 -2.07
CA LEU A 117 2.95 15.93 -3.35
C LEU A 117 2.64 16.87 -4.51
N HIS A 118 1.55 17.62 -4.38
CA HIS A 118 1.14 18.57 -5.41
C HIS A 118 1.50 20.00 -4.99
N SER A 119 2.71 20.18 -4.49
CA SER A 119 3.18 21.49 -4.06
C SER A 119 3.52 22.37 -5.26
N GLY A 120 2.62 22.42 -6.23
CA GLY A 120 2.84 23.22 -7.42
C GLY A 120 2.73 24.71 -7.13
N PRO A 121 2.92 25.53 -8.18
CA PRO A 121 2.85 26.99 -8.06
C PRO A 121 1.43 27.49 -7.81
N SER A 122 1.30 28.37 -6.82
CA SER A 122 0.00 28.93 -6.46
C SER A 122 0.11 30.40 -6.09
N SER A 123 -0.81 31.21 -6.59
CA SER A 123 -0.82 32.64 -6.32
C SER A 123 -2.14 33.08 -5.71
N GLY A 124 -2.10 33.46 -4.43
CA GLY A 124 -3.30 33.89 -3.75
C GLY A 124 -4.04 34.98 -4.51
ZN ZN B . 9.03 -4.00 -15.23
ZN ZN C . 9.49 -13.58 11.34
ZN ZN D . -17.14 -4.85 6.07
ZN ZN E . -3.01 14.01 -5.19
N GLY A 1 -1.83 16.94 -5.59
CA GLY A 1 -1.94 15.86 -6.57
C GLY A 1 -2.48 16.33 -7.90
N SER A 2 -2.13 15.60 -8.96
CA SER A 2 -2.57 15.96 -10.30
C SER A 2 -2.14 14.90 -11.31
N SER A 3 -3.08 14.45 -12.14
CA SER A 3 -2.79 13.43 -13.15
C SER A 3 -1.74 13.93 -14.13
N GLY A 4 -0.64 13.19 -14.22
CA GLY A 4 0.43 13.58 -15.13
C GLY A 4 1.25 12.38 -15.59
N SER A 5 2.55 12.61 -15.77
CA SER A 5 3.45 11.55 -16.21
C SER A 5 4.15 10.90 -15.02
N SER A 6 3.46 9.98 -14.36
CA SER A 6 4.00 9.28 -13.20
C SER A 6 3.81 7.78 -13.32
N GLY A 7 4.39 7.04 -12.39
CA GLY A 7 4.27 5.59 -12.41
C GLY A 7 4.45 4.98 -11.04
N VAL A 8 4.66 3.66 -11.00
CA VAL A 8 4.86 2.95 -9.75
C VAL A 8 6.34 2.70 -9.48
N GLU A 9 6.65 2.27 -8.26
CA GLU A 9 8.04 2.01 -7.88
C GLU A 9 8.14 0.71 -7.08
N CYS A 10 9.24 -0.01 -7.26
CA CYS A 10 9.45 -1.26 -6.55
C CYS A 10 10.27 -1.04 -5.28
N PRO A 11 9.65 -1.32 -4.13
CA PRO A 11 10.29 -1.15 -2.82
C PRO A 11 11.40 -2.18 -2.58
N THR A 12 11.74 -2.93 -3.63
CA THR A 12 12.78 -3.94 -3.54
C THR A 12 14.06 -3.48 -4.22
N CYS A 13 13.96 -3.10 -5.49
CA CYS A 13 15.11 -2.63 -6.24
C CYS A 13 14.90 -1.20 -6.71
N HIS A 14 13.92 -0.52 -6.12
CA HIS A 14 13.62 0.87 -6.47
C HIS A 14 13.48 1.02 -7.98
N LYS A 15 12.95 -0.01 -8.64
CA LYS A 15 12.76 0.01 -10.08
C LYS A 15 11.34 0.45 -10.44
N LYS A 16 11.23 1.63 -11.05
CA LYS A 16 9.93 2.17 -11.44
C LYS A 16 9.49 1.59 -12.78
N PHE A 17 8.18 1.58 -13.02
CA PHE A 17 7.63 1.06 -14.26
C PHE A 17 6.60 2.02 -14.84
N LEU A 18 6.13 1.72 -16.06
CA LEU A 18 5.14 2.55 -16.71
C LEU A 18 3.73 2.23 -16.21
N SER A 19 3.46 0.95 -15.99
CA SER A 19 2.16 0.51 -15.50
C SER A 19 2.32 -0.51 -14.38
N LYS A 20 1.26 -0.68 -13.59
CA LYS A 20 1.28 -1.64 -12.49
C LYS A 20 1.58 -3.05 -12.99
N TYR A 21 0.77 -3.53 -13.92
CA TYR A 21 0.95 -4.85 -14.48
C TYR A 21 2.43 -5.23 -14.53
N TYR A 22 3.19 -4.46 -15.31
CA TYR A 22 4.62 -4.71 -15.46
C TYR A 22 5.28 -4.91 -14.09
N LEU A 23 5.06 -3.97 -13.19
CA LEU A 23 5.62 -4.04 -11.85
C LEU A 23 5.39 -5.42 -11.23
N LYS A 24 4.13 -5.86 -11.26
CA LYS A 24 3.76 -7.16 -10.71
C LYS A 24 4.62 -8.27 -11.31
N VAL A 25 4.45 -8.49 -12.61
CA VAL A 25 5.21 -9.53 -13.31
C VAL A 25 6.70 -9.47 -12.92
N HIS A 26 7.16 -8.28 -12.60
CA HIS A 26 8.56 -8.09 -12.21
C HIS A 26 8.80 -8.57 -10.78
N ASN A 27 8.02 -8.02 -9.85
CA ASN A 27 8.15 -8.38 -8.44
C ASN A 27 8.27 -9.89 -8.28
N ARG A 28 7.33 -10.62 -8.86
CA ARG A 28 7.33 -12.08 -8.78
C ARG A 28 8.76 -12.63 -8.83
N LYS A 29 9.58 -12.04 -9.70
CA LYS A 29 10.97 -12.47 -9.84
C LYS A 29 11.70 -12.41 -8.51
N HIS A 30 11.52 -11.30 -7.79
CA HIS A 30 12.17 -11.11 -6.50
C HIS A 30 11.89 -12.31 -5.58
N THR A 31 10.62 -12.51 -5.24
CA THR A 31 10.23 -13.61 -4.37
C THR A 31 10.88 -14.92 -4.82
N GLY A 32 10.85 -15.17 -6.12
CA GLY A 32 11.43 -16.38 -6.66
C GLY A 32 10.92 -17.62 -5.95
N GLU A 33 11.85 -18.49 -5.54
CA GLU A 33 11.48 -19.73 -4.86
C GLU A 33 11.88 -19.66 -3.39
N LYS A 34 11.08 -20.30 -2.53
CA LYS A 34 11.34 -20.32 -1.11
C LYS A 34 11.38 -21.75 -0.58
N PRO A 35 12.54 -22.41 -0.76
CA PRO A 35 12.74 -23.80 -0.30
C PRO A 35 12.79 -23.90 1.21
N PHE A 36 12.56 -22.79 1.89
CA PHE A 36 12.59 -22.76 3.35
C PHE A 36 11.52 -21.81 3.90
N GLU A 37 11.03 -22.11 5.09
CA GLU A 37 10.00 -21.29 5.72
C GLU A 37 10.04 -21.44 7.24
N CYS A 38 10.12 -20.30 7.93
CA CYS A 38 10.16 -20.30 9.39
C CYS A 38 9.17 -21.32 9.97
N PRO A 39 9.71 -22.39 10.56
CA PRO A 39 8.90 -23.46 11.15
C PRO A 39 8.19 -22.99 12.43
N LYS A 40 8.41 -21.74 12.79
CA LYS A 40 7.79 -21.17 13.99
C LYS A 40 6.54 -20.37 13.63
N CYS A 41 6.66 -19.54 12.61
CA CYS A 41 5.53 -18.71 12.17
C CYS A 41 5.05 -19.15 10.79
N GLY A 42 5.99 -19.39 9.88
CA GLY A 42 5.64 -19.81 8.54
C GLY A 42 5.93 -18.74 7.50
N LYS A 43 7.08 -18.10 7.62
CA LYS A 43 7.48 -17.06 6.69
C LYS A 43 8.47 -17.59 5.66
N CYS A 44 8.02 -17.72 4.42
CA CYS A 44 8.88 -18.21 3.34
C CYS A 44 10.09 -17.30 3.14
N TYR A 45 11.17 -17.87 2.62
CA TYR A 45 12.40 -17.11 2.38
C TYR A 45 13.20 -17.73 1.24
N PHE A 46 13.77 -16.87 0.40
CA PHE A 46 14.58 -17.33 -0.73
C PHE A 46 15.63 -18.34 -0.28
N ARG A 47 16.49 -17.93 0.65
CA ARG A 47 17.53 -18.79 1.17
C ARG A 47 17.33 -19.06 2.66
N LYS A 48 18.03 -20.07 3.17
CA LYS A 48 17.92 -20.44 4.58
C LYS A 48 18.60 -19.39 5.45
N GLU A 49 19.86 -19.08 5.14
CA GLU A 49 20.61 -18.10 5.90
C GLU A 49 19.73 -16.93 6.32
N ASN A 50 19.08 -16.32 5.34
CA ASN A 50 18.20 -15.18 5.59
C ASN A 50 17.15 -15.53 6.64
N LEU A 51 16.46 -16.65 6.42
CA LEU A 51 15.42 -17.11 7.34
C LEU A 51 15.92 -17.09 8.78
N LEU A 52 17.08 -17.70 9.00
CA LEU A 52 17.68 -17.74 10.33
C LEU A 52 17.73 -16.36 10.96
N GLU A 53 18.15 -15.37 10.17
CA GLU A 53 18.25 -14.00 10.65
C GLU A 53 16.92 -13.53 11.21
N HIS A 54 15.83 -13.92 10.56
CA HIS A 54 14.49 -13.54 10.99
C HIS A 54 14.13 -14.22 12.31
N GLU A 55 14.28 -15.53 12.36
CA GLU A 55 13.98 -16.30 13.56
C GLU A 55 14.51 -15.59 14.80
N ALA A 56 15.72 -15.07 14.71
CA ALA A 56 16.35 -14.37 15.82
C ALA A 56 15.93 -12.91 15.86
N ARG A 57 16.01 -12.25 14.70
CA ARG A 57 15.63 -10.85 14.60
C ARG A 57 14.20 -10.63 15.07
N ASN A 58 13.25 -11.23 14.36
CA ASN A 58 11.85 -11.09 14.72
C ASN A 58 11.02 -12.23 14.10
N CYS A 59 10.09 -12.75 14.88
CA CYS A 59 9.24 -13.84 14.42
C CYS A 59 7.76 -13.51 14.63
N MET A 60 7.38 -13.31 15.89
CA MET A 60 6.00 -12.98 16.22
C MET A 60 5.93 -11.73 17.10
N ASN A 61 6.75 -10.73 16.77
CA ASN A 61 6.78 -9.49 17.53
C ASN A 61 6.18 -8.35 16.72
N ARG A 62 4.88 -8.13 16.87
CA ARG A 62 4.19 -7.07 16.15
C ARG A 62 2.75 -6.92 16.65
N SER A 63 2.36 -5.70 16.96
CA SER A 63 1.01 -5.42 17.44
C SER A 63 0.33 -4.35 16.60
N GLU A 64 0.47 -4.48 15.28
CA GLU A 64 -0.13 -3.51 14.36
C GLU A 64 -1.21 -4.17 13.52
N GLN A 65 -2.44 -4.16 14.04
CA GLN A 65 -3.57 -4.76 13.33
C GLN A 65 -3.63 -4.27 11.88
N VAL A 66 -3.25 -5.14 10.95
CA VAL A 66 -3.26 -4.79 9.54
C VAL A 66 -4.67 -4.86 8.97
N PHE A 67 -4.90 -4.17 7.86
CA PHE A 67 -6.21 -4.16 7.21
C PHE A 67 -6.16 -4.90 5.88
N THR A 68 -7.33 -5.30 5.38
CA THR A 68 -7.42 -6.01 4.11
C THR A 68 -8.40 -5.31 3.17
N CYS A 69 -7.95 -5.07 1.94
CA CYS A 69 -8.79 -4.42 0.94
C CYS A 69 -10.03 -5.25 0.63
N SER A 70 -10.96 -4.66 -0.10
CA SER A 70 -12.20 -5.36 -0.46
C SER A 70 -12.24 -5.65 -1.96
N VAL A 71 -11.20 -5.22 -2.66
CA VAL A 71 -11.13 -5.43 -4.10
C VAL A 71 -9.95 -6.35 -4.46
N CYS A 72 -8.77 -6.03 -3.93
CA CYS A 72 -7.58 -6.82 -4.20
C CYS A 72 -7.12 -7.54 -2.93
N GLN A 73 -7.77 -7.23 -1.81
CA GLN A 73 -7.42 -7.85 -0.53
C GLN A 73 -6.01 -7.48 -0.11
N GLU A 74 -5.59 -6.26 -0.47
CA GLU A 74 -4.26 -5.79 -0.13
C GLU A 74 -4.02 -5.85 1.38
N THR A 75 -2.85 -5.42 1.81
CA THR A 75 -2.49 -5.42 3.22
C THR A 75 -2.03 -4.04 3.68
N PHE A 76 -2.65 -3.54 4.74
CA PHE A 76 -2.30 -2.23 5.28
C PHE A 76 -2.03 -2.31 6.78
N ARG A 77 -1.68 -1.17 7.37
CA ARG A 77 -1.39 -1.11 8.80
C ARG A 77 -2.37 -0.18 9.52
N ARG A 78 -2.81 0.84 8.81
CA ARG A 78 -3.75 1.81 9.37
C ARG A 78 -5.02 1.89 8.54
N ARG A 79 -6.13 2.23 9.19
CA ARG A 79 -7.42 2.33 8.50
C ARG A 79 -7.35 3.36 7.37
N MET A 80 -6.97 4.58 7.73
CA MET A 80 -6.85 5.66 6.74
C MET A 80 -6.12 5.18 5.49
N GLU A 81 -4.94 4.62 5.68
CA GLU A 81 -4.14 4.11 4.57
C GLU A 81 -5.02 3.41 3.55
N LEU A 82 -5.80 2.44 4.02
CA LEU A 82 -6.68 1.68 3.14
C LEU A 82 -7.62 2.61 2.37
N ARG A 83 -8.11 3.65 3.05
CA ARG A 83 -9.01 4.61 2.44
C ARG A 83 -8.32 5.32 1.28
N LEU A 84 -7.05 5.66 1.47
CA LEU A 84 -6.28 6.36 0.44
C LEU A 84 -5.93 5.41 -0.70
N HIS A 85 -6.08 4.11 -0.46
CA HIS A 85 -5.78 3.11 -1.47
C HIS A 85 -7.01 2.77 -2.29
N MET A 86 -8.16 2.63 -1.61
CA MET A 86 -9.40 2.31 -2.28
C MET A 86 -9.65 3.24 -3.45
N VAL A 87 -9.27 4.51 -3.28
CA VAL A 87 -9.45 5.51 -4.34
C VAL A 87 -8.93 5.00 -5.67
N SER A 88 -7.85 4.22 -5.63
CA SER A 88 -7.25 3.68 -6.85
C SER A 88 -8.23 2.75 -7.56
N HIS A 89 -9.09 2.09 -6.78
CA HIS A 89 -10.07 1.17 -7.34
C HIS A 89 -11.24 1.94 -7.94
N THR A 90 -11.57 3.09 -7.35
CA THR A 90 -12.68 3.91 -7.83
C THR A 90 -12.16 5.17 -8.53
N GLY A 91 -10.93 5.10 -9.02
CA GLY A 91 -10.34 6.23 -9.71
C GLY A 91 -9.79 7.27 -8.74
N GLU A 92 -10.67 7.84 -7.93
CA GLU A 92 -10.27 8.84 -6.96
C GLU A 92 -11.35 9.05 -5.90
N MET A 93 -11.04 9.84 -4.89
CA MET A 93 -11.98 10.12 -3.80
C MET A 93 -13.25 10.79 -4.34
N PRO A 94 -14.36 10.60 -3.63
CA PRO A 94 -15.66 11.17 -4.01
C PRO A 94 -15.69 12.68 -3.85
N TYR A 95 -15.00 13.18 -2.83
CA TYR A 95 -14.96 14.62 -2.56
C TYR A 95 -13.55 15.16 -2.78
N LYS A 96 -13.48 16.42 -3.21
CA LYS A 96 -12.20 17.07 -3.46
C LYS A 96 -12.30 18.58 -3.27
N CYS A 97 -11.24 19.18 -2.78
CA CYS A 97 -11.20 20.63 -2.55
C CYS A 97 -10.96 21.38 -3.86
N SER A 98 -10.82 22.70 -3.75
CA SER A 98 -10.59 23.53 -4.93
C SER A 98 -9.31 24.35 -4.76
N SER A 99 -9.14 24.93 -3.58
CA SER A 99 -7.96 25.74 -3.29
C SER A 99 -6.72 24.87 -3.19
N CYS A 100 -6.82 23.79 -2.44
CA CYS A 100 -5.70 22.87 -2.25
C CYS A 100 -5.89 21.61 -3.09
N SER A 101 -7.12 21.36 -3.54
CA SER A 101 -7.43 20.20 -4.35
C SER A 101 -7.26 18.92 -3.54
N GLN A 102 -7.61 18.97 -2.26
CA GLN A 102 -7.51 17.82 -1.38
C GLN A 102 -8.49 16.73 -1.77
N GLN A 103 -8.56 15.68 -0.97
CA GLN A 103 -9.47 14.57 -1.24
C GLN A 103 -10.08 14.03 0.06
N PHE A 104 -11.35 13.68 0.01
CA PHE A 104 -12.05 13.16 1.18
C PHE A 104 -13.04 12.07 0.78
N MET A 105 -13.44 11.25 1.75
CA MET A 105 -14.38 10.18 1.50
C MET A 105 -15.81 10.60 1.83
N GLN A 106 -15.94 11.55 2.76
CA GLN A 106 -17.25 12.06 3.15
C GLN A 106 -17.39 13.54 2.83
N LYS A 107 -18.62 13.98 2.65
CA LYS A 107 -18.90 15.38 2.33
C LYS A 107 -18.57 16.28 3.51
N LYS A 108 -19.09 15.94 4.68
CA LYS A 108 -18.84 16.72 5.89
C LYS A 108 -17.35 16.87 6.14
N ASP A 109 -16.59 15.81 5.87
CA ASP A 109 -15.14 15.83 6.07
C ASP A 109 -14.51 16.98 5.29
N LEU A 110 -15.02 17.22 4.08
CA LEU A 110 -14.50 18.29 3.23
C LEU A 110 -14.97 19.65 3.73
N GLN A 111 -16.28 19.80 3.92
CA GLN A 111 -16.85 21.05 4.39
C GLN A 111 -16.09 21.57 5.61
N SER A 112 -15.89 20.71 6.59
CA SER A 112 -15.17 21.09 7.81
C SER A 112 -13.73 21.47 7.50
N HIS A 113 -13.11 20.71 6.60
CA HIS A 113 -11.73 20.96 6.21
C HIS A 113 -11.57 22.36 5.62
N MET A 114 -12.55 22.77 4.81
CA MET A 114 -12.53 24.08 4.19
C MET A 114 -12.93 25.16 5.18
N ILE A 115 -13.76 24.79 6.15
CA ILE A 115 -14.22 25.74 7.17
C ILE A 115 -13.14 25.98 8.22
N LYS A 116 -12.29 24.97 8.43
CA LYS A 116 -11.22 25.07 9.41
C LYS A 116 -9.97 25.68 8.79
N LEU A 117 -9.46 25.03 7.74
CA LEU A 117 -8.27 25.51 7.04
C LEU A 117 -8.61 26.68 6.13
N HIS A 118 -9.57 26.48 5.24
CA HIS A 118 -9.99 27.52 4.30
C HIS A 118 -11.07 28.40 4.92
N SER A 119 -10.96 28.64 6.22
CA SER A 119 -11.93 29.46 6.94
C SER A 119 -11.97 30.87 6.35
N GLY A 120 -10.80 31.45 6.14
CA GLY A 120 -10.73 32.79 5.59
C GLY A 120 -11.66 32.98 4.41
N PRO A 121 -11.90 34.25 4.04
CA PRO A 121 -12.79 34.59 2.92
C PRO A 121 -12.17 34.23 1.58
N SER A 122 -11.26 33.25 1.58
CA SER A 122 -10.60 32.82 0.37
C SER A 122 -11.48 33.08 -0.86
N SER A 123 -11.13 34.12 -1.61
CA SER A 123 -11.88 34.48 -2.80
C SER A 123 -12.15 33.25 -3.67
N GLY A 124 -13.41 33.10 -4.10
CA GLY A 124 -13.77 31.98 -4.93
C GLY A 124 -13.75 32.31 -6.41
ZN ZN B . 12.20 -5.03 -7.91
ZN ZN C . 9.37 -16.65 12.26
ZN ZN D . -7.23 -2.75 -3.30
ZN ZN E . -8.65 22.49 0.92
#